data_2KGT
#
_entry.id   2KGT
#
_entity_poly.entity_id   1
_entity_poly.type   'polypeptide(L)'
_entity_poly.pdbx_seq_one_letter_code
;MVSRDQAHLGPKYVGLWDFKSRTDEELSFRAGDVFHVARKEEQWWWATLLDEAGGAVAQGYVPHNYLAERET
;
_entity_poly.pdbx_strand_id   A
#
# COMPACT_ATOMS: atom_id res chain seq x y z
N MET A 1 -5.98 -14.05 -3.75
CA MET A 1 -5.02 -15.14 -3.82
C MET A 1 -4.76 -15.74 -2.43
N VAL A 2 -5.29 -16.92 -2.20
CA VAL A 2 -5.13 -17.59 -0.91
C VAL A 2 -3.70 -18.12 -0.74
N SER A 3 -3.16 -17.99 0.47
CA SER A 3 -1.80 -18.44 0.76
C SER A 3 -1.82 -19.61 1.73
N ARG A 4 -1.39 -20.78 1.25
CA ARG A 4 -1.36 -21.98 2.08
C ARG A 4 -0.28 -21.87 3.15
N ASP A 5 0.89 -21.37 2.76
CA ASP A 5 2.00 -21.22 3.69
C ASP A 5 2.03 -19.80 4.27
N GLN A 6 2.17 -19.71 5.58
CA GLN A 6 2.21 -18.42 6.26
C GLN A 6 3.53 -18.24 7.01
N ALA A 7 4.63 -18.36 6.28
CA ALA A 7 5.95 -18.21 6.89
C ALA A 7 6.34 -16.74 7.00
N HIS A 8 5.76 -15.91 6.15
CA HIS A 8 6.04 -14.48 6.16
C HIS A 8 4.75 -13.66 6.23
N LEU A 9 4.62 -12.88 7.30
CA LEU A 9 3.43 -12.05 7.50
C LEU A 9 3.53 -10.76 6.71
N GLY A 10 2.39 -10.16 6.42
CA GLY A 10 2.36 -8.91 5.67
C GLY A 10 1.32 -8.93 4.56
N PRO A 11 0.04 -8.78 4.95
CA PRO A 11 -1.07 -8.77 4.00
C PRO A 11 -1.09 -7.51 3.14
N LYS A 12 -2.02 -7.46 2.19
CA LYS A 12 -2.15 -6.31 1.31
C LYS A 12 -2.89 -5.17 2.00
N TYR A 13 -2.66 -3.94 1.53
CA TYR A 13 -3.31 -2.78 2.10
C TYR A 13 -4.11 -2.03 1.04
N VAL A 14 -5.27 -1.51 1.44
CA VAL A 14 -6.12 -0.76 0.52
C VAL A 14 -6.78 0.42 1.21
N GLY A 15 -6.86 1.55 0.51
CA GLY A 15 -7.46 2.74 1.08
C GLY A 15 -6.76 4.01 0.66
N LEU A 16 -7.16 4.55 -0.49
CA LEU A 16 -6.57 5.77 -1.02
C LEU A 16 -7.62 6.86 -1.19
N TRP A 17 -8.89 6.50 -1.00
CA TRP A 17 -9.98 7.45 -1.13
C TRP A 17 -10.00 8.06 -2.52
N ASP A 18 -9.59 7.28 -3.52
CA ASP A 18 -9.57 7.74 -4.90
C ASP A 18 -8.81 9.07 -5.01
N PHE A 19 -7.68 9.15 -4.31
CA PHE A 19 -6.87 10.36 -4.33
C PHE A 19 -5.65 10.17 -5.25
N LYS A 20 -5.53 11.05 -6.23
CA LYS A 20 -4.41 11.00 -7.17
C LYS A 20 -3.52 12.23 -7.04
N SER A 21 -2.32 12.03 -6.52
CA SER A 21 -1.37 13.12 -6.34
C SER A 21 -0.24 13.03 -7.36
N ARG A 22 0.61 14.05 -7.37
CA ARG A 22 1.74 14.09 -8.30
C ARG A 22 3.07 14.08 -7.54
N THR A 23 3.01 14.42 -6.26
CA THR A 23 4.20 14.46 -5.43
C THR A 23 4.49 13.08 -4.83
N ASP A 24 5.73 12.89 -4.37
CA ASP A 24 6.14 11.62 -3.77
C ASP A 24 5.47 11.43 -2.42
N GLU A 25 5.33 12.53 -1.68
CA GLU A 25 4.71 12.47 -0.35
C GLU A 25 3.37 11.75 -0.41
N GLU A 26 2.69 11.85 -1.55
CA GLU A 26 1.40 11.21 -1.74
C GLU A 26 1.45 10.16 -2.84
N LEU A 27 0.55 9.19 -2.78
CA LEU A 27 0.49 8.14 -3.79
C LEU A 27 -0.45 8.50 -4.93
N SER A 28 -0.01 8.26 -6.16
CA SER A 28 -0.81 8.57 -7.33
C SER A 28 -1.63 7.36 -7.77
N PHE A 29 -2.64 7.03 -6.98
CA PHE A 29 -3.50 5.89 -7.29
C PHE A 29 -4.84 6.00 -6.56
N ARG A 30 -5.85 5.32 -7.09
CA ARG A 30 -7.19 5.34 -6.49
C ARG A 30 -7.40 4.14 -5.58
N ALA A 31 -8.47 4.17 -4.80
CA ALA A 31 -8.79 3.08 -3.89
C ALA A 31 -9.06 1.79 -4.66
N GLY A 32 -9.12 0.68 -3.93
CA GLY A 32 -9.36 -0.61 -4.56
C GLY A 32 -8.09 -1.34 -4.91
N ASP A 33 -7.01 -0.58 -5.09
CA ASP A 33 -5.72 -1.16 -5.43
C ASP A 33 -4.99 -1.66 -4.19
N VAL A 34 -4.35 -2.82 -4.29
CA VAL A 34 -3.62 -3.40 -3.17
C VAL A 34 -2.16 -2.97 -3.18
N PHE A 35 -1.59 -2.79 -2.00
CA PHE A 35 -0.19 -2.38 -1.88
C PHE A 35 0.43 -2.92 -0.60
N HIS A 36 1.75 -2.89 -0.52
CA HIS A 36 2.46 -3.38 0.65
C HIS A 36 3.37 -2.30 1.23
N VAL A 37 3.64 -2.40 2.53
CA VAL A 37 4.49 -1.43 3.20
C VAL A 37 5.96 -1.78 3.05
N ALA A 38 6.77 -0.79 2.71
CA ALA A 38 8.20 -0.98 2.54
C ALA A 38 8.98 -0.61 3.80
N ARG A 39 8.45 0.37 4.53
CA ARG A 39 9.09 0.83 5.76
C ARG A 39 8.06 1.26 6.78
N LYS A 40 8.25 0.85 8.04
CA LYS A 40 7.33 1.20 9.11
C LYS A 40 7.96 2.21 10.07
N GLU A 41 7.48 3.44 10.02
CA GLU A 41 8.00 4.50 10.88
C GLU A 41 6.97 4.89 11.94
N GLU A 42 7.45 5.49 13.02
CA GLU A 42 6.58 5.91 14.11
C GLU A 42 5.74 7.11 13.69
N GLN A 43 6.25 7.89 12.74
CA GLN A 43 5.55 9.07 12.25
C GLN A 43 4.63 8.71 11.09
N TRP A 44 5.22 8.43 9.94
CA TRP A 44 4.45 8.08 8.75
C TRP A 44 4.80 6.67 8.28
N TRP A 45 3.88 6.06 7.53
CA TRP A 45 4.10 4.71 7.01
C TRP A 45 4.42 4.74 5.52
N TRP A 46 5.38 3.93 5.12
CA TRP A 46 5.79 3.85 3.71
C TRP A 46 4.98 2.81 2.96
N ALA A 47 4.47 3.19 1.80
CA ALA A 47 3.68 2.27 0.97
C ALA A 47 4.15 2.29 -0.48
N THR A 48 3.98 1.16 -1.16
CA THR A 48 4.39 1.04 -2.55
C THR A 48 3.28 0.47 -3.41
N LEU A 49 2.80 1.26 -4.37
CA LEU A 49 1.73 0.82 -5.26
C LEU A 49 2.27 -0.07 -6.36
N LEU A 50 1.84 -1.32 -6.37
CA LEU A 50 2.27 -2.29 -7.37
C LEU A 50 1.16 -2.57 -8.38
N ASP A 51 1.55 -2.98 -9.58
CA ASP A 51 0.58 -3.28 -10.63
C ASP A 51 -0.17 -4.57 -10.33
N GLU A 52 -1.10 -4.93 -11.21
CA GLU A 52 -1.88 -6.14 -11.03
C GLU A 52 -0.98 -7.37 -10.97
N ALA A 53 0.17 -7.28 -11.61
CA ALA A 53 1.13 -8.39 -11.62
C ALA A 53 1.92 -8.44 -10.32
N GLY A 54 1.92 -7.34 -9.58
CA GLY A 54 2.64 -7.29 -8.32
C GLY A 54 3.89 -6.44 -8.41
N GLY A 55 4.30 -6.10 -9.62
CA GLY A 55 5.48 -5.29 -9.82
C GLY A 55 5.30 -3.86 -9.33
N ALA A 56 6.24 -3.37 -8.55
CA ALA A 56 6.18 -2.02 -8.01
C ALA A 56 5.91 -1.01 -9.12
N VAL A 57 5.26 0.09 -8.76
CA VAL A 57 4.93 1.15 -9.72
C VAL A 57 5.00 2.52 -9.08
N ALA A 58 4.07 2.78 -8.16
CA ALA A 58 4.01 4.06 -7.46
C ALA A 58 4.70 3.97 -6.10
N GLN A 59 5.26 5.09 -5.64
CA GLN A 59 5.94 5.13 -4.36
C GLN A 59 5.51 6.35 -3.56
N GLY A 60 5.45 6.20 -2.24
CA GLY A 60 5.05 7.30 -1.38
C GLY A 60 4.87 6.87 0.07
N TYR A 61 4.39 7.79 0.90
CA TYR A 61 4.18 7.51 2.31
C TYR A 61 2.96 8.26 2.84
N VAL A 62 2.14 7.58 3.62
CA VAL A 62 0.95 8.19 4.20
C VAL A 62 0.56 7.50 5.50
N PRO A 63 -0.18 8.23 6.36
CA PRO A 63 -0.63 7.71 7.65
C PRO A 63 -1.70 6.62 7.50
N HIS A 64 -1.76 5.73 8.48
CA HIS A 64 -2.74 4.63 8.45
C HIS A 64 -4.16 5.19 8.38
N ASN A 65 -4.32 6.43 8.82
CA ASN A 65 -5.64 7.07 8.81
C ASN A 65 -6.19 7.15 7.39
N TYR A 66 -5.30 7.04 6.40
CA TYR A 66 -5.71 7.10 5.00
C TYR A 66 -6.00 5.71 4.46
N LEU A 67 -5.00 4.84 4.47
CA LEU A 67 -5.15 3.48 3.99
C LEU A 67 -5.31 2.50 5.15
N ALA A 68 -6.19 1.52 4.96
CA ALA A 68 -6.43 0.52 5.99
C ALA A 68 -5.94 -0.86 5.55
N GLU A 69 -5.45 -1.64 6.50
CA GLU A 69 -4.93 -2.98 6.23
C GLU A 69 -6.07 -3.92 5.84
N ARG A 70 -5.76 -4.87 4.97
CA ARG A 70 -6.75 -5.84 4.52
C ARG A 70 -6.32 -7.26 4.85
N GLU A 71 -6.56 -7.68 6.09
CA GLU A 71 -6.18 -9.02 6.53
C GLU A 71 -6.86 -10.08 5.68
N THR A 72 -6.12 -11.16 5.40
CA THR A 72 -6.65 -12.25 4.58
C THR A 72 -7.92 -12.83 5.19
N MET A 1 8.22 -26.23 -8.82
CA MET A 1 7.21 -25.50 -9.58
C MET A 1 7.04 -24.08 -9.05
N VAL A 2 6.63 -23.97 -7.79
CA VAL A 2 6.43 -22.66 -7.17
C VAL A 2 7.60 -22.32 -6.25
N SER A 3 7.95 -21.04 -6.20
CA SER A 3 9.05 -20.58 -5.36
C SER A 3 8.83 -20.98 -3.91
N ARG A 4 9.91 -20.99 -3.13
CA ARG A 4 9.85 -21.37 -1.73
C ARG A 4 9.32 -20.22 -0.88
N ASP A 5 9.92 -19.04 -1.05
CA ASP A 5 9.51 -17.86 -0.30
C ASP A 5 8.75 -16.89 -1.19
N GLN A 6 8.17 -15.86 -0.59
CA GLN A 6 7.40 -14.87 -1.32
C GLN A 6 7.68 -13.46 -0.79
N ALA A 7 7.18 -12.46 -1.51
CA ALA A 7 7.37 -11.06 -1.11
C ALA A 7 6.34 -10.65 -0.07
N HIS A 8 5.11 -11.11 -0.24
CA HIS A 8 4.02 -10.78 0.69
C HIS A 8 3.67 -11.99 1.54
N LEU A 9 4.42 -12.20 2.61
CA LEU A 9 4.18 -13.32 3.52
C LEU A 9 2.75 -13.30 4.06
N GLY A 10 2.31 -12.11 4.46
CA GLY A 10 0.97 -11.96 4.99
C GLY A 10 -0.01 -11.43 3.97
N PRO A 11 -1.18 -10.98 4.43
CA PRO A 11 -2.23 -10.43 3.55
C PRO A 11 -1.84 -9.08 2.97
N LYS A 12 -2.70 -8.57 2.09
CA LYS A 12 -2.45 -7.27 1.45
C LYS A 12 -3.23 -6.16 2.15
N TYR A 13 -2.82 -4.92 1.91
CA TYR A 13 -3.48 -3.78 2.51
C TYR A 13 -4.13 -2.89 1.45
N VAL A 14 -5.31 -2.36 1.76
CA VAL A 14 -6.03 -1.50 0.84
C VAL A 14 -6.66 -0.33 1.56
N GLY A 15 -6.74 0.81 0.87
CA GLY A 15 -7.32 2.01 1.47
C GLY A 15 -6.76 3.28 0.89
N LEU A 16 -6.92 3.46 -0.42
CA LEU A 16 -6.42 4.64 -1.09
C LEU A 16 -7.48 5.25 -2.00
N TRP A 17 -8.46 5.90 -1.39
CA TRP A 17 -9.55 6.53 -2.15
C TRP A 17 -9.00 7.32 -3.33
N ASP A 18 -9.87 7.63 -4.28
CA ASP A 18 -9.47 8.40 -5.46
C ASP A 18 -8.68 9.64 -5.07
N PHE A 19 -7.36 9.56 -5.22
CA PHE A 19 -6.49 10.68 -4.88
C PHE A 19 -5.26 10.71 -5.78
N LYS A 20 -5.09 11.80 -6.51
CA LYS A 20 -3.96 11.95 -7.42
C LYS A 20 -3.13 13.17 -7.05
N SER A 21 -2.01 12.94 -6.35
CA SER A 21 -1.13 14.03 -5.93
C SER A 21 -0.12 14.36 -7.03
N ARG A 22 0.80 15.26 -6.73
CA ARG A 22 1.82 15.67 -7.68
C ARG A 22 3.22 15.53 -7.08
N THR A 23 3.33 14.72 -6.04
CA THR A 23 4.61 14.49 -5.37
C THR A 23 4.71 13.06 -4.85
N ASP A 24 5.91 12.67 -4.45
CA ASP A 24 6.14 11.32 -3.94
C ASP A 24 5.51 11.16 -2.56
N GLU A 25 5.41 12.26 -1.82
CA GLU A 25 4.83 12.24 -0.48
C GLU A 25 3.45 11.57 -0.51
N GLU A 26 2.77 11.68 -1.64
CA GLU A 26 1.44 11.09 -1.79
C GLU A 26 1.39 10.16 -3.00
N LEU A 27 0.44 9.24 -2.98
CA LEU A 27 0.28 8.28 -4.07
C LEU A 27 -0.74 8.79 -5.09
N SER A 28 -0.62 8.30 -6.33
CA SER A 28 -1.54 8.70 -7.40
C SER A 28 -2.29 7.49 -7.94
N PHE A 29 -3.33 7.07 -7.23
CA PHE A 29 -4.12 5.93 -7.64
C PHE A 29 -5.49 5.94 -6.96
N ARG A 30 -6.42 5.15 -7.49
CA ARG A 30 -7.77 5.09 -6.94
C ARG A 30 -7.88 3.94 -5.93
N ALA A 31 -8.97 3.95 -5.15
CA ALA A 31 -9.19 2.92 -4.15
C ALA A 31 -9.34 1.55 -4.79
N GLY A 32 -9.30 0.51 -3.97
CA GLY A 32 -9.43 -0.85 -4.48
C GLY A 32 -8.09 -1.49 -4.77
N ASP A 33 -7.08 -0.67 -5.01
CA ASP A 33 -5.74 -1.15 -5.31
C ASP A 33 -5.05 -1.63 -4.03
N VAL A 34 -4.27 -2.69 -4.15
CA VAL A 34 -3.54 -3.25 -3.00
C VAL A 34 -2.15 -2.64 -2.88
N PHE A 35 -1.70 -2.45 -1.64
CA PHE A 35 -0.38 -1.87 -1.40
C PHE A 35 0.36 -2.67 -0.32
N HIS A 36 1.68 -2.51 -0.29
CA HIS A 36 2.51 -3.22 0.68
C HIS A 36 3.47 -2.26 1.36
N VAL A 37 3.56 -2.35 2.69
CA VAL A 37 4.44 -1.49 3.45
C VAL A 37 5.88 -2.01 3.44
N ALA A 38 6.81 -1.15 3.05
CA ALA A 38 8.22 -1.53 2.99
C ALA A 38 8.95 -1.11 4.25
N ARG A 39 8.46 -0.06 4.89
CA ARG A 39 9.07 0.45 6.12
C ARG A 39 8.03 1.10 7.02
N LYS A 40 8.19 0.92 8.32
CA LYS A 40 7.27 1.48 9.30
C LYS A 40 7.98 2.45 10.23
N GLU A 41 7.66 3.74 10.10
CA GLU A 41 8.27 4.77 10.93
C GLU A 41 7.33 5.18 12.06
N GLU A 42 7.85 5.97 12.99
CA GLU A 42 7.07 6.44 14.13
C GLU A 42 6.06 7.50 13.69
N GLN A 43 6.39 8.22 12.62
CA GLN A 43 5.51 9.26 12.10
C GLN A 43 4.63 8.73 10.97
N TRP A 44 5.24 8.51 9.81
CA TRP A 44 4.52 8.00 8.65
C TRP A 44 5.05 6.63 8.24
N TRP A 45 4.22 5.87 7.53
CA TRP A 45 4.61 4.55 7.07
C TRP A 45 4.91 4.56 5.57
N TRP A 46 5.97 3.85 5.18
CA TRP A 46 6.37 3.78 3.78
C TRP A 46 5.53 2.75 3.03
N ALA A 47 4.98 3.15 1.89
CA ALA A 47 4.16 2.27 1.08
C ALA A 47 4.55 2.35 -0.39
N THR A 48 4.30 1.27 -1.13
CA THR A 48 4.62 1.22 -2.55
C THR A 48 3.44 0.71 -3.37
N LEU A 49 3.17 1.38 -4.49
CA LEU A 49 2.07 1.00 -5.36
C LEU A 49 2.56 0.10 -6.49
N LEU A 50 2.00 -1.11 -6.54
CA LEU A 50 2.39 -2.08 -7.57
C LEU A 50 1.22 -2.33 -8.53
N ASP A 51 1.53 -2.89 -9.69
CA ASP A 51 0.52 -3.19 -10.69
C ASP A 51 -0.25 -4.46 -10.32
N GLU A 52 -1.20 -4.83 -11.17
CA GLU A 52 -2.01 -6.03 -10.93
C GLU A 52 -1.13 -7.26 -10.86
N ALA A 53 0.00 -7.23 -11.58
CA ALA A 53 0.93 -8.34 -11.60
C ALA A 53 1.80 -8.35 -10.34
N GLY A 54 1.87 -7.21 -9.66
CA GLY A 54 2.68 -7.10 -8.46
C GLY A 54 3.91 -6.26 -8.66
N GLY A 55 4.23 -5.95 -9.92
CA GLY A 55 5.40 -5.14 -10.22
C GLY A 55 5.24 -3.71 -9.73
N ALA A 56 6.22 -3.26 -8.96
CA ALA A 56 6.20 -1.89 -8.43
C ALA A 56 5.95 -0.87 -9.54
N VAL A 57 5.41 0.28 -9.16
CA VAL A 57 5.13 1.34 -10.11
C VAL A 57 5.43 2.71 -9.53
N ALA A 58 4.67 3.10 -8.50
CA ALA A 58 4.87 4.39 -7.85
C ALA A 58 5.35 4.21 -6.42
N GLN A 59 5.88 5.28 -5.84
CA GLN A 59 6.38 5.24 -4.48
C GLN A 59 5.88 6.43 -3.67
N GLY A 60 5.32 6.16 -2.50
CA GLY A 60 4.80 7.22 -1.65
C GLY A 60 4.28 6.70 -0.32
N TYR A 61 4.33 7.54 0.70
CA TYR A 61 3.86 7.16 2.03
C TYR A 61 2.55 7.86 2.37
N VAL A 62 1.82 7.31 3.33
CA VAL A 62 0.55 7.88 3.75
C VAL A 62 0.25 7.54 5.21
N PRO A 63 -0.58 8.38 5.85
CA PRO A 63 -0.97 8.19 7.25
C PRO A 63 -1.87 6.97 7.45
N HIS A 64 -1.76 6.34 8.61
CA HIS A 64 -2.56 5.17 8.92
C HIS A 64 -4.06 5.49 8.82
N ASN A 65 -4.39 6.77 8.96
CA ASN A 65 -5.77 7.21 8.89
C ASN A 65 -6.30 7.12 7.46
N TYR A 66 -5.38 7.07 6.50
CA TYR A 66 -5.74 6.98 5.09
C TYR A 66 -6.10 5.55 4.70
N LEU A 67 -5.10 4.68 4.73
CA LEU A 67 -5.31 3.27 4.39
C LEU A 67 -5.59 2.44 5.63
N ALA A 68 -6.17 1.25 5.42
CA ALA A 68 -6.48 0.37 6.53
C ALA A 68 -6.23 -1.09 6.14
N GLU A 69 -5.82 -1.90 7.11
CA GLU A 69 -5.55 -3.31 6.88
C GLU A 69 -6.84 -4.06 6.54
N ARG A 70 -6.69 -5.21 5.88
CA ARG A 70 -7.84 -6.01 5.50
C ARG A 70 -7.62 -7.48 5.88
N GLU A 71 -6.78 -7.71 6.89
CA GLU A 71 -6.49 -9.06 7.34
C GLU A 71 -7.73 -9.73 7.91
N THR A 72 -7.62 -11.01 8.23
CA THR A 72 -8.74 -11.77 8.79
C THR A 72 -8.67 -11.82 10.30
N MET A 1 0.87 -17.97 8.07
CA MET A 1 0.95 -17.40 6.73
C MET A 1 1.69 -18.34 5.79
N VAL A 2 1.68 -18.01 4.50
CA VAL A 2 2.35 -18.83 3.50
C VAL A 2 3.64 -18.16 3.01
N SER A 3 4.45 -18.92 2.28
CA SER A 3 5.72 -18.41 1.76
C SER A 3 5.75 -18.50 0.25
N ARG A 4 4.59 -18.41 -0.39
CA ARG A 4 4.48 -18.47 -1.84
C ARG A 4 5.26 -17.33 -2.49
N ASP A 5 5.12 -16.13 -1.93
CA ASP A 5 5.81 -14.96 -2.46
C ASP A 5 6.52 -14.21 -1.35
N GLN A 6 7.82 -14.00 -1.52
CA GLN A 6 8.63 -13.29 -0.54
C GLN A 6 8.21 -11.83 -0.44
N ALA A 7 7.79 -11.27 -1.57
CA ALA A 7 7.37 -9.87 -1.61
C ALA A 7 5.99 -9.70 -0.97
N HIS A 8 5.06 -10.57 -1.32
CA HIS A 8 3.71 -10.51 -0.77
C HIS A 8 3.57 -11.46 0.42
N LEU A 9 4.60 -11.49 1.26
CA LEU A 9 4.59 -12.35 2.44
C LEU A 9 3.34 -12.11 3.29
N GLY A 10 2.91 -10.84 3.34
CA GLY A 10 1.73 -10.50 4.12
C GLY A 10 0.58 -10.04 3.25
N PRO A 11 -0.51 -9.59 3.88
CA PRO A 11 -1.70 -9.10 3.18
C PRO A 11 -1.46 -7.80 2.45
N LYS A 12 -2.53 -7.20 1.95
CA LYS A 12 -2.44 -5.93 1.23
C LYS A 12 -3.18 -4.82 1.97
N TYR A 13 -2.93 -3.58 1.57
CA TYR A 13 -3.57 -2.43 2.20
C TYR A 13 -4.47 -1.71 1.21
N VAL A 14 -5.68 -1.37 1.67
CA VAL A 14 -6.64 -0.66 0.83
C VAL A 14 -7.42 0.37 1.63
N GLY A 15 -7.65 1.53 1.03
CA GLY A 15 -8.39 2.59 1.70
C GLY A 15 -7.82 3.96 1.41
N LEU A 16 -7.75 4.31 0.13
CA LEU A 16 -7.23 5.61 -0.28
C LEU A 16 -8.35 6.62 -0.49
N TRP A 17 -9.55 6.11 -0.76
CA TRP A 17 -10.71 6.96 -0.97
C TRP A 17 -10.53 7.83 -2.22
N ASP A 18 -9.73 7.33 -3.16
CA ASP A 18 -9.47 8.07 -4.39
C ASP A 18 -8.78 9.40 -4.11
N PHE A 19 -7.45 9.39 -4.17
CA PHE A 19 -6.67 10.60 -3.91
C PHE A 19 -5.39 10.60 -4.74
N LYS A 20 -5.12 11.72 -5.40
CA LYS A 20 -3.93 11.86 -6.23
C LYS A 20 -3.22 13.18 -5.95
N SER A 21 -1.94 13.09 -5.59
CA SER A 21 -1.15 14.28 -5.29
C SER A 21 -0.07 14.49 -6.35
N ARG A 22 0.25 13.43 -7.09
CA ARG A 22 1.26 13.50 -8.13
C ARG A 22 2.62 13.88 -7.55
N THR A 23 2.79 13.60 -6.25
CA THR A 23 4.05 13.92 -5.57
C THR A 23 4.67 12.66 -4.98
N ASP A 24 5.97 12.73 -4.69
CA ASP A 24 6.68 11.61 -4.11
C ASP A 24 6.26 11.37 -2.67
N GLU A 25 5.68 12.39 -2.05
CA GLU A 25 5.22 12.30 -0.67
C GLU A 25 3.78 11.81 -0.60
N GLU A 26 3.27 11.33 -1.73
CA GLU A 26 1.90 10.83 -1.80
C GLU A 26 1.76 9.79 -2.90
N LEU A 27 0.74 8.94 -2.78
CA LEU A 27 0.49 7.89 -3.76
C LEU A 27 -0.49 8.38 -4.83
N SER A 28 -0.07 8.28 -6.10
CA SER A 28 -0.91 8.70 -7.20
C SER A 28 -1.71 7.53 -7.76
N PHE A 29 -2.81 7.19 -7.10
CA PHE A 29 -3.66 6.09 -7.52
C PHE A 29 -5.06 6.22 -6.93
N ARG A 30 -6.00 5.49 -7.49
CA ARG A 30 -7.39 5.52 -7.02
C ARG A 30 -7.68 4.33 -6.12
N ALA A 31 -8.60 4.50 -5.18
CA ALA A 31 -8.97 3.45 -4.25
C ALA A 31 -9.30 2.16 -5.00
N GLY A 32 -9.20 1.03 -4.29
CA GLY A 32 -9.48 -0.26 -4.90
C GLY A 32 -8.23 -1.04 -5.22
N ASP A 33 -7.10 -0.34 -5.33
CA ASP A 33 -5.82 -0.96 -5.63
C ASP A 33 -5.19 -1.54 -4.38
N VAL A 34 -4.36 -2.56 -4.55
CA VAL A 34 -3.68 -3.20 -3.42
C VAL A 34 -2.22 -2.79 -3.36
N PHE A 35 -1.73 -2.55 -2.14
CA PHE A 35 -0.34 -2.15 -1.94
C PHE A 35 0.20 -2.70 -0.63
N HIS A 36 1.53 -2.68 -0.47
CA HIS A 36 2.17 -3.17 0.73
C HIS A 36 3.06 -2.10 1.35
N VAL A 37 3.38 -2.29 2.63
CA VAL A 37 4.23 -1.33 3.35
C VAL A 37 5.70 -1.73 3.25
N ALA A 38 6.54 -0.77 2.86
CA ALA A 38 7.98 -1.02 2.73
C ALA A 38 8.71 -0.69 4.03
N ARG A 39 8.45 0.50 4.57
CA ARG A 39 9.09 0.93 5.80
C ARG A 39 8.05 1.45 6.80
N LYS A 40 8.21 1.06 8.06
CA LYS A 40 7.29 1.48 9.11
C LYS A 40 7.96 2.47 10.05
N GLU A 41 7.54 3.73 9.97
CA GLU A 41 8.09 4.78 10.82
C GLU A 41 7.06 5.25 11.85
N GLU A 42 7.54 5.90 12.90
CA GLU A 42 6.68 6.40 13.95
C GLU A 42 5.89 7.61 13.48
N GLN A 43 6.42 8.30 12.48
CA GLN A 43 5.76 9.48 11.93
C GLN A 43 4.94 9.13 10.70
N TRP A 44 5.62 8.89 9.58
CA TRP A 44 4.94 8.55 8.34
C TRP A 44 5.17 7.07 7.99
N TRP A 45 4.27 6.52 7.19
CA TRP A 45 4.36 5.12 6.78
C TRP A 45 4.69 5.00 5.31
N TRP A 46 5.72 4.22 4.99
CA TRP A 46 6.13 4.02 3.60
C TRP A 46 5.27 2.97 2.92
N ALA A 47 4.63 3.37 1.82
CA ALA A 47 3.77 2.45 1.07
C ALA A 47 4.16 2.42 -0.40
N THR A 48 3.98 1.25 -1.01
CA THR A 48 4.32 1.07 -2.42
C THR A 48 3.19 0.40 -3.18
N LEU A 49 2.78 1.02 -4.29
CA LEU A 49 1.70 0.47 -5.11
C LEU A 49 2.25 -0.36 -6.26
N LEU A 50 1.93 -1.65 -6.27
CA LEU A 50 2.39 -2.55 -7.32
C LEU A 50 1.24 -2.98 -8.21
N ASP A 51 1.57 -3.45 -9.41
CA ASP A 51 0.55 -3.91 -10.36
C ASP A 51 0.10 -5.33 -10.03
N GLU A 52 -0.82 -5.84 -10.83
CA GLU A 52 -1.35 -7.19 -10.62
C GLU A 52 -0.22 -8.22 -10.65
N ALA A 53 0.86 -7.88 -11.34
CA ALA A 53 2.02 -8.77 -11.43
C ALA A 53 2.89 -8.70 -10.18
N GLY A 54 2.71 -7.62 -9.41
CA GLY A 54 3.49 -7.44 -8.20
C GLY A 54 4.61 -6.44 -8.37
N GLY A 55 4.94 -6.13 -9.63
CA GLY A 55 6.00 -5.18 -9.90
C GLY A 55 5.63 -3.77 -9.50
N ALA A 56 6.42 -3.18 -8.60
CA ALA A 56 6.16 -1.82 -8.13
C ALA A 56 6.12 -0.85 -9.30
N VAL A 57 5.20 0.11 -9.23
CA VAL A 57 5.05 1.11 -10.28
C VAL A 57 5.23 2.52 -9.73
N ALA A 58 4.60 2.78 -8.59
CA ALA A 58 4.70 4.09 -7.95
C ALA A 58 5.15 3.98 -6.50
N GLN A 59 5.69 5.06 -5.96
CA GLN A 59 6.16 5.07 -4.58
C GLN A 59 5.67 6.31 -3.84
N GLY A 60 5.67 6.24 -2.52
CA GLY A 60 5.22 7.37 -1.72
C GLY A 60 4.79 6.95 -0.33
N TYR A 61 4.96 7.84 0.64
CA TYR A 61 4.59 7.56 2.01
C TYR A 61 3.22 8.15 2.34
N VAL A 62 2.45 7.44 3.16
CA VAL A 62 1.12 7.89 3.55
C VAL A 62 0.74 7.35 4.93
N PRO A 63 -0.20 8.05 5.59
CA PRO A 63 -0.67 7.65 6.93
C PRO A 63 -1.51 6.38 6.89
N HIS A 64 -1.49 5.64 7.99
CA HIS A 64 -2.24 4.39 8.09
C HIS A 64 -3.67 4.66 8.56
N ASN A 65 -3.92 5.88 9.02
CA ASN A 65 -5.24 6.26 9.51
C ASN A 65 -6.17 6.57 8.34
N TYR A 66 -5.63 6.52 7.13
CA TYR A 66 -6.42 6.79 5.93
C TYR A 66 -6.85 5.50 5.25
N LEU A 67 -5.94 4.53 5.21
CA LEU A 67 -6.22 3.24 4.60
C LEU A 67 -6.23 2.13 5.64
N ALA A 68 -6.85 1.00 5.28
CA ALA A 68 -6.92 -0.14 6.18
C ALA A 68 -6.46 -1.42 5.50
N GLU A 69 -5.84 -2.31 6.26
CA GLU A 69 -5.35 -3.57 5.73
C GLU A 69 -6.50 -4.50 5.36
N ARG A 70 -6.49 -5.00 4.13
CA ARG A 70 -7.54 -5.89 3.66
C ARG A 70 -7.03 -7.32 3.58
N GLU A 71 -6.77 -7.92 4.74
CA GLU A 71 -6.28 -9.29 4.80
C GLU A 71 -7.17 -10.22 3.99
N THR A 72 -6.54 -11.12 3.23
CA THR A 72 -7.28 -12.07 2.40
C THR A 72 -7.79 -13.24 3.24
N MET A 1 -18.22 -9.91 -11.35
CA MET A 1 -17.87 -10.96 -10.41
C MET A 1 -16.81 -11.88 -11.00
N VAL A 2 -15.70 -12.05 -10.28
CA VAL A 2 -14.61 -12.90 -10.74
C VAL A 2 -13.54 -13.04 -9.67
N SER A 3 -13.16 -14.28 -9.38
CA SER A 3 -12.14 -14.55 -8.36
C SER A 3 -10.75 -14.19 -8.88
N ARG A 4 -9.99 -13.47 -8.06
CA ARG A 4 -8.64 -13.06 -8.44
C ARG A 4 -7.74 -14.28 -8.64
N ASP A 5 -7.67 -15.13 -7.63
CA ASP A 5 -6.84 -16.33 -7.69
C ASP A 5 -5.40 -15.98 -8.05
N GLN A 6 -4.86 -14.97 -7.37
CA GLN A 6 -3.49 -14.54 -7.61
C GLN A 6 -2.49 -15.61 -7.20
N ALA A 7 -1.28 -15.54 -7.74
CA ALA A 7 -0.23 -16.50 -7.43
C ALA A 7 0.09 -16.49 -5.93
N HIS A 8 -0.06 -15.32 -5.31
CA HIS A 8 0.21 -15.18 -3.89
C HIS A 8 -0.73 -14.15 -3.26
N LEU A 9 -1.21 -14.46 -2.07
CA LEU A 9 -2.12 -13.55 -1.35
C LEU A 9 -1.61 -13.29 0.07
N GLY A 10 -2.01 -12.16 0.63
CA GLY A 10 -1.59 -11.81 1.98
C GLY A 10 -2.27 -10.55 2.48
N PRO A 11 -1.80 -10.05 3.65
CA PRO A 11 -2.35 -8.85 4.26
C PRO A 11 -2.00 -7.59 3.48
N LYS A 12 -2.67 -7.38 2.35
CA LYS A 12 -2.43 -6.22 1.51
C LYS A 12 -3.11 -4.98 2.09
N TYR A 13 -2.74 -3.82 1.57
CA TYR A 13 -3.31 -2.56 2.04
C TYR A 13 -4.13 -1.89 0.93
N VAL A 14 -5.31 -1.40 1.29
CA VAL A 14 -6.18 -0.73 0.34
C VAL A 14 -6.90 0.44 0.98
N GLY A 15 -7.13 1.49 0.20
CA GLY A 15 -7.80 2.67 0.70
C GLY A 15 -7.75 3.83 -0.26
N LEU A 16 -7.84 5.05 0.27
CA LEU A 16 -7.79 6.25 -0.54
C LEU A 16 -8.94 6.28 -1.54
N TRP A 17 -10.10 6.75 -1.09
CA TRP A 17 -11.28 6.83 -1.93
C TRP A 17 -11.06 7.81 -3.09
N ASP A 18 -10.75 7.28 -4.26
CA ASP A 18 -10.52 8.11 -5.44
C ASP A 18 -9.72 9.36 -5.07
N PHE A 19 -8.42 9.19 -4.84
CA PHE A 19 -7.55 10.30 -4.49
C PHE A 19 -6.21 10.18 -5.19
N LYS A 20 -5.86 11.21 -5.95
CA LYS A 20 -4.59 11.23 -6.68
C LYS A 20 -3.79 12.48 -6.35
N SER A 21 -2.61 12.30 -5.76
CA SER A 21 -1.76 13.43 -5.40
C SER A 21 -0.85 13.81 -6.56
N ARG A 22 -0.01 14.81 -6.33
CA ARG A 22 0.92 15.28 -7.36
C ARG A 22 2.31 15.50 -6.78
N THR A 23 2.64 14.73 -5.74
CA THR A 23 3.94 14.83 -5.09
C THR A 23 4.41 13.47 -4.57
N ASP A 24 5.69 13.36 -4.30
CA ASP A 24 6.27 12.12 -3.80
C ASP A 24 5.82 11.85 -2.36
N GLU A 25 5.36 12.91 -1.68
CA GLU A 25 4.91 12.79 -0.31
C GLU A 25 3.57 12.05 -0.23
N GLU A 26 2.97 11.82 -1.40
CA GLU A 26 1.69 11.12 -1.47
C GLU A 26 1.63 10.22 -2.70
N LEU A 27 0.76 9.22 -2.65
CA LEU A 27 0.59 8.30 -3.75
C LEU A 27 -0.62 8.66 -4.60
N SER A 28 -0.56 8.32 -5.89
CA SER A 28 -1.66 8.62 -6.81
C SER A 28 -2.33 7.34 -7.28
N PHE A 29 -3.43 6.99 -6.62
CA PHE A 29 -4.18 5.78 -6.97
C PHE A 29 -5.63 5.87 -6.49
N ARG A 30 -6.48 5.01 -7.04
CA ARG A 30 -7.90 5.00 -6.67
C ARG A 30 -8.18 3.90 -5.65
N ALA A 31 -9.32 4.01 -4.97
CA ALA A 31 -9.71 3.03 -3.98
C ALA A 31 -9.87 1.65 -4.59
N GLY A 32 -9.49 0.61 -3.83
CA GLY A 32 -9.60 -0.74 -4.33
C GLY A 32 -8.25 -1.32 -4.73
N ASP A 33 -7.31 -0.44 -5.07
CA ASP A 33 -5.97 -0.87 -5.47
C ASP A 33 -5.25 -1.56 -4.31
N VAL A 34 -4.41 -2.53 -4.63
CA VAL A 34 -3.66 -3.27 -3.62
C VAL A 34 -2.31 -2.61 -3.36
N PHE A 35 -1.88 -2.64 -2.10
CA PHE A 35 -0.60 -2.05 -1.73
C PHE A 35 0.13 -2.94 -0.72
N HIS A 36 1.43 -2.72 -0.59
CA HIS A 36 2.25 -3.50 0.33
C HIS A 36 3.24 -2.60 1.07
N VAL A 37 3.30 -2.78 2.40
CA VAL A 37 4.22 -1.99 3.23
C VAL A 37 5.63 -2.54 3.16
N ALA A 38 6.60 -1.64 2.97
CA ALA A 38 8.00 -2.03 2.89
C ALA A 38 8.78 -1.51 4.09
N ARG A 39 8.28 -0.45 4.71
CA ARG A 39 8.93 0.15 5.87
C ARG A 39 7.91 0.80 6.79
N LYS A 40 7.90 0.36 8.05
CA LYS A 40 6.98 0.90 9.04
C LYS A 40 7.69 1.82 10.02
N GLU A 41 7.29 3.09 10.03
CA GLU A 41 7.90 4.07 10.92
C GLU A 41 6.92 4.49 12.01
N GLU A 42 7.45 5.16 13.05
CA GLU A 42 6.62 5.61 14.16
C GLU A 42 5.73 6.78 13.74
N GLN A 43 6.18 7.51 12.72
CA GLN A 43 5.43 8.67 12.23
C GLN A 43 4.51 8.26 11.08
N TRP A 44 5.10 8.03 9.91
CA TRP A 44 4.35 7.63 8.73
C TRP A 44 4.87 6.32 8.16
N TRP A 45 4.01 5.61 7.42
CA TRP A 45 4.39 4.34 6.82
C TRP A 45 4.61 4.49 5.32
N TRP A 46 5.66 3.83 4.81
CA TRP A 46 5.98 3.90 3.39
C TRP A 46 5.16 2.87 2.60
N ALA A 47 4.40 3.36 1.62
CA ALA A 47 3.58 2.49 0.80
C ALA A 47 4.05 2.51 -0.65
N THR A 48 3.94 1.36 -1.31
CA THR A 48 4.36 1.25 -2.71
C THR A 48 3.25 0.63 -3.56
N LEU A 49 3.05 1.20 -4.75
CA LEU A 49 2.02 0.71 -5.66
C LEU A 49 2.61 -0.28 -6.66
N LEU A 50 2.17 -1.53 -6.58
CA LEU A 50 2.64 -2.58 -7.48
C LEU A 50 1.54 -3.03 -8.43
N ASP A 51 1.94 -3.58 -9.57
CA ASP A 51 0.99 -4.05 -10.56
C ASP A 51 0.37 -5.38 -10.14
N GLU A 52 -0.52 -5.91 -10.96
CA GLU A 52 -1.18 -7.17 -10.67
C GLU A 52 -0.15 -8.30 -10.51
N ALA A 53 0.99 -8.15 -11.18
CA ALA A 53 2.05 -9.15 -11.10
C ALA A 53 2.88 -8.97 -9.84
N GLY A 54 2.78 -7.80 -9.23
CA GLY A 54 3.53 -7.53 -8.02
C GLY A 54 4.68 -6.58 -8.25
N GLY A 55 5.01 -6.34 -9.52
CA GLY A 55 6.10 -5.45 -9.84
C GLY A 55 5.84 -4.03 -9.41
N ALA A 56 6.71 -3.50 -8.55
CA ALA A 56 6.57 -2.14 -8.06
C ALA A 56 6.41 -1.15 -9.21
N VAL A 57 5.78 -0.01 -8.93
CA VAL A 57 5.57 1.02 -9.94
C VAL A 57 5.74 2.41 -9.35
N ALA A 58 4.81 2.82 -8.49
CA ALA A 58 4.86 4.12 -7.86
C ALA A 58 5.34 4.01 -6.42
N GLN A 59 5.87 5.11 -5.88
CA GLN A 59 6.36 5.14 -4.51
C GLN A 59 5.87 6.38 -3.78
N GLY A 60 5.46 6.21 -2.53
CA GLY A 60 4.97 7.32 -1.74
C GLY A 60 4.68 6.95 -0.30
N TYR A 61 5.00 7.85 0.62
CA TYR A 61 4.77 7.59 2.04
C TYR A 61 3.53 8.33 2.53
N VAL A 62 2.76 7.68 3.40
CA VAL A 62 1.56 8.27 3.95
C VAL A 62 1.23 7.69 5.32
N PRO A 63 0.47 8.45 6.12
CA PRO A 63 0.08 8.04 7.48
C PRO A 63 -0.92 6.89 7.46
N HIS A 64 -0.90 6.09 8.52
CA HIS A 64 -1.81 4.94 8.62
C HIS A 64 -3.26 5.41 8.52
N ASN A 65 -3.51 6.66 8.85
CA ASN A 65 -4.85 7.22 8.79
C ASN A 65 -5.29 7.44 7.35
N TYR A 66 -4.32 7.51 6.45
CA TYR A 66 -4.60 7.73 5.04
C TYR A 66 -5.15 6.45 4.39
N LEU A 67 -4.32 5.42 4.35
CA LEU A 67 -4.72 4.14 3.76
C LEU A 67 -5.28 3.20 4.83
N ALA A 68 -6.02 2.19 4.39
CA ALA A 68 -6.61 1.22 5.31
C ALA A 68 -5.94 -0.14 5.16
N GLU A 69 -5.86 -0.87 6.27
CA GLU A 69 -5.24 -2.19 6.27
C GLU A 69 -6.28 -3.28 5.96
N ARG A 70 -5.83 -4.36 5.35
CA ARG A 70 -6.71 -5.46 4.99
C ARG A 70 -6.05 -6.81 5.30
N GLU A 71 -5.67 -7.00 6.57
CA GLU A 71 -5.03 -8.24 6.98
C GLU A 71 -5.85 -9.46 6.56
N THR A 72 -5.27 -10.65 6.70
CA THR A 72 -5.95 -11.88 6.34
C THR A 72 -6.67 -12.48 7.53
N MET A 1 -14.46 -21.53 9.88
CA MET A 1 -14.58 -20.53 10.92
C MET A 1 -13.63 -20.83 12.08
N VAL A 2 -12.42 -21.26 11.75
CA VAL A 2 -11.42 -21.58 12.77
C VAL A 2 -10.13 -20.82 12.52
N SER A 3 -9.95 -19.72 13.22
CA SER A 3 -8.76 -18.90 13.08
C SER A 3 -7.96 -18.86 14.38
N ARG A 4 -7.82 -20.03 15.01
CA ARG A 4 -7.08 -20.13 16.26
C ARG A 4 -5.59 -19.97 16.03
N ASP A 5 -5.07 -20.67 15.02
CA ASP A 5 -3.66 -20.60 14.69
C ASP A 5 -3.43 -19.78 13.43
N GLN A 6 -2.17 -19.48 13.13
CA GLN A 6 -1.82 -18.71 11.96
C GLN A 6 -2.61 -17.41 11.90
N ALA A 7 -2.86 -16.82 13.06
CA ALA A 7 -3.62 -15.57 13.14
C ALA A 7 -2.73 -14.37 12.81
N HIS A 8 -1.43 -14.52 13.02
CA HIS A 8 -0.48 -13.45 12.73
C HIS A 8 -0.07 -13.47 11.26
N LEU A 9 -1.05 -13.36 10.38
CA LEU A 9 -0.78 -13.36 8.94
C LEU A 9 -0.42 -11.96 8.46
N GLY A 10 -0.11 -11.85 7.17
CA GLY A 10 0.25 -10.57 6.60
C GLY A 10 -0.30 -10.38 5.20
N PRO A 11 -1.63 -10.22 5.10
CA PRO A 11 -2.31 -10.03 3.83
C PRO A 11 -2.01 -8.67 3.20
N LYS A 12 -2.72 -8.35 2.13
CA LYS A 12 -2.53 -7.07 1.45
C LYS A 12 -3.24 -5.95 2.19
N TYR A 13 -2.82 -4.71 1.93
CA TYR A 13 -3.42 -3.54 2.58
C TYR A 13 -4.08 -2.64 1.55
N VAL A 14 -5.21 -2.07 1.92
CA VAL A 14 -5.95 -1.17 1.03
C VAL A 14 -6.55 0.00 1.81
N GLY A 15 -6.81 1.10 1.11
CA GLY A 15 -7.39 2.27 1.74
C GLY A 15 -6.86 3.56 1.16
N LEU A 16 -6.96 3.69 -0.16
CA LEU A 16 -6.49 4.89 -0.85
C LEU A 16 -7.57 5.43 -1.78
N TRP A 17 -8.57 6.08 -1.21
CA TRP A 17 -9.66 6.65 -2.00
C TRP A 17 -9.12 7.41 -3.20
N ASP A 18 -9.98 7.63 -4.19
CA ASP A 18 -9.59 8.34 -5.39
C ASP A 18 -8.86 9.65 -5.05
N PHE A 19 -7.54 9.62 -5.16
CA PHE A 19 -6.74 10.80 -4.86
C PHE A 19 -5.47 10.83 -5.72
N LYS A 20 -5.34 11.88 -6.51
CA LYS A 20 -4.19 12.04 -7.39
C LYS A 20 -3.36 13.26 -7.00
N SER A 21 -2.26 13.02 -6.28
CA SER A 21 -1.38 14.11 -5.84
C SER A 21 -0.36 14.45 -6.92
N ARG A 22 0.61 15.28 -6.56
CA ARG A 22 1.66 15.69 -7.49
C ARG A 22 3.02 15.66 -6.82
N THR A 23 3.15 14.84 -5.78
CA THR A 23 4.41 14.72 -5.06
C THR A 23 4.62 13.30 -4.54
N ASP A 24 5.87 12.93 -4.35
CA ASP A 24 6.21 11.59 -3.86
C ASP A 24 5.59 11.35 -2.49
N GLU A 25 5.26 12.43 -1.79
CA GLU A 25 4.65 12.33 -0.47
C GLU A 25 3.30 11.64 -0.55
N GLU A 26 2.74 11.58 -1.75
CA GLU A 26 1.44 10.94 -1.95
C GLU A 26 1.45 10.09 -3.22
N LEU A 27 0.53 9.13 -3.28
CA LEU A 27 0.43 8.24 -4.43
C LEU A 27 -0.67 8.70 -5.38
N SER A 28 -0.56 8.32 -6.65
CA SER A 28 -1.55 8.68 -7.65
C SER A 28 -2.32 7.45 -8.13
N PHE A 29 -3.32 7.06 -7.37
CA PHE A 29 -4.14 5.90 -7.70
C PHE A 29 -5.48 5.94 -6.97
N ARG A 30 -6.43 5.14 -7.45
CA ARG A 30 -7.75 5.09 -6.84
C ARG A 30 -7.83 3.96 -5.82
N ALA A 31 -8.90 3.97 -5.02
CA ALA A 31 -9.10 2.93 -4.01
C ALA A 31 -9.40 1.59 -4.64
N GLY A 32 -9.37 0.53 -3.82
CA GLY A 32 -9.65 -0.80 -4.32
C GLY A 32 -8.38 -1.54 -4.73
N ASP A 33 -7.34 -0.78 -5.07
CA ASP A 33 -6.07 -1.37 -5.48
C ASP A 33 -5.30 -1.89 -4.28
N VAL A 34 -4.43 -2.88 -4.52
CA VAL A 34 -3.63 -3.47 -3.45
C VAL A 34 -2.30 -2.73 -3.29
N PHE A 35 -1.86 -2.57 -2.05
CA PHE A 35 -0.60 -1.90 -1.76
C PHE A 35 0.23 -2.68 -0.76
N HIS A 36 1.51 -2.34 -0.66
CA HIS A 36 2.40 -3.02 0.28
C HIS A 36 3.34 -2.01 0.97
N VAL A 37 3.65 -2.28 2.23
CA VAL A 37 4.53 -1.40 2.99
C VAL A 37 5.98 -1.78 2.80
N ALA A 38 6.80 -0.79 2.43
CA ALA A 38 8.22 -1.02 2.21
C ALA A 38 9.05 -0.55 3.40
N ARG A 39 8.53 0.44 4.12
CA ARG A 39 9.21 0.98 5.29
C ARG A 39 8.22 1.31 6.40
N LYS A 40 8.51 0.84 7.61
CA LYS A 40 7.64 1.09 8.76
C LYS A 40 8.26 2.13 9.69
N GLU A 41 7.61 3.29 9.78
CA GLU A 41 8.10 4.37 10.64
C GLU A 41 7.17 4.56 11.84
N GLU A 42 7.70 5.20 12.88
CA GLU A 42 6.93 5.45 14.09
C GLU A 42 5.88 6.55 13.85
N GLN A 43 6.06 7.29 12.76
CA GLN A 43 5.15 8.37 12.42
C GLN A 43 4.22 7.97 11.29
N TRP A 44 4.76 7.94 10.07
CA TRP A 44 3.99 7.57 8.89
C TRP A 44 4.49 6.26 8.30
N TRP A 45 3.63 5.60 7.54
CA TRP A 45 3.99 4.32 6.92
C TRP A 45 4.24 4.51 5.43
N TRP A 46 5.37 3.98 4.96
CA TRP A 46 5.73 4.08 3.54
C TRP A 46 5.03 3.00 2.72
N ALA A 47 4.30 3.43 1.70
CA ALA A 47 3.58 2.51 0.83
C ALA A 47 4.19 2.48 -0.56
N THR A 48 4.03 1.35 -1.26
CA THR A 48 4.56 1.19 -2.60
C THR A 48 3.49 0.73 -3.57
N LEU A 49 3.27 1.48 -4.63
CA LEU A 49 2.27 1.15 -5.63
C LEU A 49 2.81 0.09 -6.60
N LEU A 50 2.20 -1.09 -6.57
CA LEU A 50 2.61 -2.18 -7.44
C LEU A 50 1.52 -2.51 -8.47
N ASP A 51 1.93 -3.06 -9.60
CA ASP A 51 0.99 -3.42 -10.65
C ASP A 51 0.15 -4.63 -10.24
N GLU A 52 -0.78 -5.01 -11.11
CA GLU A 52 -1.66 -6.15 -10.84
C GLU A 52 -0.84 -7.41 -10.59
N ALA A 53 0.31 -7.50 -11.24
CA ALA A 53 1.20 -8.65 -11.09
C ALA A 53 1.99 -8.59 -9.79
N GLY A 54 2.05 -7.39 -9.20
CA GLY A 54 2.78 -7.22 -7.97
C GLY A 54 4.06 -6.44 -8.15
N GLY A 55 4.45 -6.23 -9.40
CA GLY A 55 5.67 -5.49 -9.69
C GLY A 55 5.58 -4.04 -9.28
N ALA A 56 6.51 -3.60 -8.44
CA ALA A 56 6.54 -2.22 -7.97
C ALA A 56 6.46 -1.24 -9.14
N VAL A 57 5.95 -0.05 -8.87
CA VAL A 57 5.82 0.98 -9.91
C VAL A 57 6.04 2.37 -9.32
N ALA A 58 5.15 2.79 -8.44
CA ALA A 58 5.24 4.09 -7.81
C ALA A 58 5.56 3.97 -6.33
N GLN A 59 6.04 5.06 -5.74
CA GLN A 59 6.39 5.06 -4.32
C GLN A 59 5.80 6.29 -3.62
N GLY A 60 5.10 6.06 -2.51
CA GLY A 60 4.50 7.16 -1.77
C GLY A 60 4.04 6.74 -0.38
N TYR A 61 4.32 7.57 0.60
CA TYR A 61 3.93 7.28 1.98
C TYR A 61 2.62 7.98 2.33
N VAL A 62 1.93 7.45 3.34
CA VAL A 62 0.67 8.02 3.78
C VAL A 62 0.40 7.71 5.24
N PRO A 63 -0.42 8.55 5.90
CA PRO A 63 -0.76 8.39 7.31
C PRO A 63 -1.65 7.18 7.56
N HIS A 64 -1.56 6.62 8.76
CA HIS A 64 -2.36 5.45 9.12
C HIS A 64 -3.85 5.74 8.95
N ASN A 65 -4.21 7.02 9.01
CA ASN A 65 -5.60 7.42 8.87
C ASN A 65 -6.06 7.30 7.42
N TYR A 66 -5.09 7.26 6.50
CA TYR A 66 -5.40 7.14 5.08
C TYR A 66 -5.77 5.71 4.72
N LEU A 67 -4.81 4.81 4.84
CA LEU A 67 -5.03 3.40 4.54
C LEU A 67 -5.33 2.60 5.81
N ALA A 68 -5.92 1.43 5.63
CA ALA A 68 -6.25 0.56 6.75
C ALA A 68 -6.07 -0.90 6.40
N GLU A 69 -5.67 -1.70 7.38
CA GLU A 69 -5.45 -3.12 7.17
C GLU A 69 -6.76 -3.84 6.85
N ARG A 70 -6.70 -4.81 5.94
CA ARG A 70 -7.88 -5.56 5.55
C ARG A 70 -7.65 -7.06 5.73
N GLU A 71 -8.13 -7.58 6.86
CA GLU A 71 -7.99 -9.00 7.16
C GLU A 71 -9.34 -9.70 7.22
N THR A 72 -9.32 -11.02 7.18
CA THR A 72 -10.55 -11.81 7.22
C THR A 72 -11.35 -11.52 8.49
N MET A 1 -3.32 -31.67 3.44
CA MET A 1 -3.03 -31.67 4.87
C MET A 1 -1.68 -31.03 5.15
N VAL A 2 -1.43 -29.88 4.52
CA VAL A 2 -0.18 -29.16 4.70
C VAL A 2 -0.42 -27.69 5.01
N SER A 3 0.60 -27.03 5.54
CA SER A 3 0.49 -25.61 5.90
C SER A 3 1.37 -24.76 4.99
N ARG A 4 1.46 -25.16 3.72
CA ARG A 4 2.28 -24.44 2.75
C ARG A 4 1.77 -23.00 2.59
N ASP A 5 0.46 -22.82 2.70
CA ASP A 5 -0.15 -21.51 2.56
C ASP A 5 0.24 -20.60 3.72
N GLN A 6 1.03 -19.58 3.43
CA GLN A 6 1.49 -18.64 4.44
C GLN A 6 0.58 -17.41 4.50
N ALA A 7 -0.71 -17.65 4.72
CA ALA A 7 -1.68 -16.56 4.80
C ALA A 7 -1.64 -15.88 6.17
N HIS A 8 -1.17 -16.61 7.17
CA HIS A 8 -1.08 -16.08 8.52
C HIS A 8 0.02 -15.03 8.63
N LEU A 9 -0.27 -13.81 8.20
CA LEU A 9 0.70 -12.72 8.23
C LEU A 9 0.06 -11.41 7.79
N GLY A 10 0.81 -10.32 7.93
CA GLY A 10 0.30 -9.02 7.53
C GLY A 10 -0.24 -9.02 6.12
N PRO A 11 -1.58 -8.92 6.01
CA PRO A 11 -2.26 -8.91 4.70
C PRO A 11 -1.99 -7.62 3.92
N LYS A 12 -2.71 -7.45 2.82
CA LYS A 12 -2.56 -6.27 1.98
C LYS A 12 -3.29 -5.07 2.58
N TYR A 13 -2.98 -3.88 2.09
CA TYR A 13 -3.62 -2.67 2.58
C TYR A 13 -4.38 -1.96 1.46
N VAL A 14 -5.61 -1.52 1.78
CA VAL A 14 -6.44 -0.84 0.80
C VAL A 14 -7.14 0.37 1.43
N GLY A 15 -7.22 1.46 0.67
CA GLY A 15 -7.86 2.65 1.16
C GLY A 15 -7.19 3.92 0.66
N LEU A 16 -7.59 4.39 -0.52
CA LEU A 16 -7.01 5.59 -1.10
C LEU A 16 -8.06 6.69 -1.23
N TRP A 17 -9.33 6.30 -1.18
CA TRP A 17 -10.43 7.25 -1.29
C TRP A 17 -10.44 7.90 -2.67
N ASP A 18 -10.01 7.16 -3.68
CA ASP A 18 -9.97 7.67 -5.05
C ASP A 18 -9.22 9.00 -5.10
N PHE A 19 -8.26 9.17 -4.20
CA PHE A 19 -7.47 10.40 -4.14
C PHE A 19 -6.13 10.21 -4.85
N LYS A 20 -5.89 11.03 -5.88
CA LYS A 20 -4.65 10.95 -6.63
C LYS A 20 -3.93 12.30 -6.63
N SER A 21 -2.68 12.30 -6.17
CA SER A 21 -1.89 13.53 -6.12
C SER A 21 -0.84 13.54 -7.22
N ARG A 22 0.02 14.55 -7.18
CA ARG A 22 1.09 14.68 -8.17
C ARG A 22 2.46 14.78 -7.50
N THR A 23 2.58 14.18 -6.32
CA THR A 23 3.84 14.21 -5.57
C THR A 23 4.13 12.85 -4.95
N ASP A 24 5.41 12.56 -4.76
CA ASP A 24 5.84 11.30 -4.17
C ASP A 24 5.29 11.15 -2.75
N GLU A 25 5.01 12.28 -2.10
CA GLU A 25 4.48 12.28 -0.75
C GLU A 25 3.14 11.56 -0.70
N GLU A 26 2.49 11.44 -1.85
CA GLU A 26 1.19 10.78 -1.93
C GLU A 26 1.15 9.79 -3.09
N LEU A 27 0.25 8.82 -3.00
CA LEU A 27 0.11 7.82 -4.05
C LEU A 27 -0.90 8.26 -5.10
N SER A 28 -0.47 8.28 -6.36
CA SER A 28 -1.36 8.68 -7.45
C SER A 28 -2.17 7.50 -7.96
N PHE A 29 -3.15 7.08 -7.15
CA PHE A 29 -4.00 5.96 -7.51
C PHE A 29 -5.30 5.98 -6.70
N ARG A 30 -6.29 5.23 -7.16
CA ARG A 30 -7.58 5.17 -6.49
C ARG A 30 -7.67 3.93 -5.62
N ALA A 31 -8.70 3.87 -4.77
CA ALA A 31 -8.90 2.74 -3.88
C ALA A 31 -9.06 1.45 -4.67
N GLY A 32 -9.03 0.32 -3.97
CA GLY A 32 -9.17 -0.97 -4.62
C GLY A 32 -7.84 -1.56 -5.01
N ASP A 33 -6.81 -0.72 -5.10
CA ASP A 33 -5.47 -1.18 -5.46
C ASP A 33 -4.74 -1.74 -4.24
N VAL A 34 -3.79 -2.63 -4.49
CA VAL A 34 -3.01 -3.24 -3.41
C VAL A 34 -1.74 -2.44 -3.13
N PHE A 35 -1.43 -2.30 -1.84
CA PHE A 35 -0.24 -1.55 -1.43
C PHE A 35 0.43 -2.20 -0.22
N HIS A 36 1.76 -2.15 -0.17
CA HIS A 36 2.50 -2.73 0.92
C HIS A 36 3.55 -1.75 1.46
N VAL A 37 3.87 -1.87 2.74
CA VAL A 37 4.85 -1.00 3.37
C VAL A 37 6.23 -1.66 3.43
N ALA A 38 7.23 -0.99 2.88
CA ALA A 38 8.60 -1.51 2.88
C ALA A 38 9.31 -1.18 4.19
N ARG A 39 8.87 -0.12 4.85
CA ARG A 39 9.47 0.30 6.11
C ARG A 39 8.41 0.86 7.06
N LYS A 40 8.47 0.45 8.32
CA LYS A 40 7.53 0.91 9.33
C LYS A 40 8.20 1.87 10.32
N GLU A 41 7.84 3.13 10.23
CA GLU A 41 8.41 4.15 11.11
C GLU A 41 7.36 4.66 12.09
N GLU A 42 7.83 5.33 13.15
CA GLU A 42 6.93 5.86 14.16
C GLU A 42 6.18 7.09 13.63
N GLN A 43 6.79 7.79 12.69
CA GLN A 43 6.19 8.98 12.10
C GLN A 43 5.29 8.60 10.92
N TRP A 44 5.92 8.26 9.80
CA TRP A 44 5.19 7.89 8.60
C TRP A 44 5.64 6.52 8.09
N TRP A 45 4.75 5.85 7.35
CA TRP A 45 5.06 4.53 6.81
C TRP A 45 5.36 4.62 5.31
N TRP A 46 6.44 3.98 4.88
CA TRP A 46 6.83 3.98 3.48
C TRP A 46 6.04 2.94 2.70
N ALA A 47 5.10 3.41 1.89
CA ALA A 47 4.27 2.51 1.09
C ALA A 47 4.73 2.51 -0.37
N THR A 48 4.45 1.41 -1.07
CA THR A 48 4.84 1.28 -2.47
C THR A 48 3.67 0.79 -3.31
N LEU A 49 3.48 1.42 -4.48
CA LEU A 49 2.39 1.05 -5.38
C LEU A 49 2.89 0.09 -6.46
N LEU A 50 2.29 -1.09 -6.50
CA LEU A 50 2.67 -2.10 -7.48
C LEU A 50 1.57 -2.30 -8.53
N ASP A 51 1.92 -2.88 -9.66
CA ASP A 51 0.96 -3.13 -10.72
C ASP A 51 0.06 -4.32 -10.38
N GLU A 52 -0.86 -4.64 -11.29
CA GLU A 52 -1.78 -5.75 -11.07
C GLU A 52 -1.03 -7.06 -10.89
N ALA A 53 0.10 -7.19 -11.58
CA ALA A 53 0.92 -8.39 -11.49
C ALA A 53 1.76 -8.38 -10.22
N GLY A 54 1.93 -7.21 -9.64
CA GLY A 54 2.72 -7.09 -8.42
C GLY A 54 4.00 -6.31 -8.64
N GLY A 55 4.31 -6.02 -9.90
CA GLY A 55 5.52 -5.28 -10.21
C GLY A 55 5.48 -3.86 -9.69
N ALA A 56 6.41 -3.55 -8.78
CA ALA A 56 6.48 -2.21 -8.20
C ALA A 56 6.49 -1.14 -9.28
N VAL A 57 6.00 0.04 -8.94
CA VAL A 57 5.96 1.16 -9.88
C VAL A 57 6.53 2.43 -9.25
N ALA A 58 5.81 2.98 -8.28
CA ALA A 58 6.24 4.19 -7.59
C ALA A 58 6.31 3.98 -6.09
N GLN A 59 6.74 5.01 -5.37
CA GLN A 59 6.86 4.93 -3.91
C GLN A 59 6.24 6.16 -3.25
N GLY A 60 5.37 5.92 -2.27
CA GLY A 60 4.72 7.01 -1.57
C GLY A 60 4.36 6.66 -0.15
N TYR A 61 4.43 7.64 0.74
CA TYR A 61 4.12 7.42 2.15
C TYR A 61 2.79 8.06 2.52
N VAL A 62 2.06 7.43 3.42
CA VAL A 62 0.77 7.94 3.86
C VAL A 62 0.45 7.49 5.28
N PRO A 63 -0.41 8.26 5.97
CA PRO A 63 -0.82 7.95 7.35
C PRO A 63 -1.70 6.71 7.42
N HIS A 64 -1.65 6.04 8.57
CA HIS A 64 -2.46 4.82 8.77
C HIS A 64 -3.94 5.12 8.58
N ASN A 65 -4.31 6.38 8.76
CA ASN A 65 -5.71 6.80 8.60
C ASN A 65 -6.09 6.89 7.13
N TYR A 66 -5.08 7.00 6.27
CA TYR A 66 -5.31 7.09 4.83
C TYR A 66 -5.90 5.80 4.29
N LEU A 67 -5.25 4.69 4.59
CA LEU A 67 -5.72 3.38 4.14
C LEU A 67 -6.25 2.56 5.30
N ALA A 68 -7.04 1.54 4.98
CA ALA A 68 -7.62 0.67 6.00
C ALA A 68 -7.39 -0.80 5.65
N GLU A 69 -6.74 -1.52 6.56
CA GLU A 69 -6.47 -2.95 6.34
C GLU A 69 -7.74 -3.69 5.96
N ARG A 70 -7.66 -4.45 4.88
CA ARG A 70 -8.81 -5.22 4.40
C ARG A 70 -8.56 -6.72 4.55
N GLU A 71 -8.06 -7.12 5.71
CA GLU A 71 -7.77 -8.53 5.98
C GLU A 71 -8.98 -9.40 5.65
N THR A 72 -8.73 -10.68 5.40
CA THR A 72 -9.79 -11.62 5.06
C THR A 72 -10.01 -12.62 6.19
N MET A 1 -4.25 -27.13 -1.01
CA MET A 1 -3.73 -27.98 0.05
C MET A 1 -2.20 -28.05 -0.01
N VAL A 2 -1.58 -26.92 -0.34
CA VAL A 2 -0.13 -26.85 -0.44
C VAL A 2 0.44 -25.85 0.56
N SER A 3 1.65 -26.12 1.05
CA SER A 3 2.31 -25.25 2.01
C SER A 3 2.95 -24.06 1.32
N ARG A 4 2.15 -23.02 1.07
CA ARG A 4 2.65 -21.82 0.41
C ARG A 4 3.43 -20.95 1.38
N ASP A 5 3.11 -21.07 2.66
CA ASP A 5 3.79 -20.30 3.70
C ASP A 5 3.52 -18.80 3.52
N GLN A 6 2.26 -18.45 3.34
CA GLN A 6 1.88 -17.05 3.15
C GLN A 6 2.35 -16.20 4.31
N ALA A 7 2.54 -16.83 5.46
CA ALA A 7 2.99 -16.12 6.66
C ALA A 7 4.35 -15.46 6.42
N HIS A 8 5.12 -16.03 5.51
CA HIS A 8 6.44 -15.49 5.19
C HIS A 8 6.36 -13.99 4.87
N LEU A 9 5.28 -13.59 4.23
CA LEU A 9 5.07 -12.19 3.87
C LEU A 9 3.75 -11.67 4.43
N GLY A 10 3.75 -10.42 4.87
CA GLY A 10 2.55 -9.83 5.41
C GLY A 10 1.48 -9.60 4.36
N PRO A 11 0.24 -9.36 4.81
CA PRO A 11 -0.90 -9.13 3.92
C PRO A 11 -0.79 -7.80 3.18
N LYS A 12 -1.65 -7.62 2.18
CA LYS A 12 -1.66 -6.39 1.39
C LYS A 12 -2.54 -5.33 2.05
N TYR A 13 -2.40 -4.09 1.59
CA TYR A 13 -3.17 -2.99 2.14
C TYR A 13 -3.85 -2.19 1.02
N VAL A 14 -5.13 -1.87 1.23
CA VAL A 14 -5.89 -1.11 0.25
C VAL A 14 -6.45 0.18 0.85
N GLY A 15 -6.49 1.23 0.05
CA GLY A 15 -7.00 2.51 0.52
C GLY A 15 -7.04 3.56 -0.57
N LEU A 16 -6.60 4.77 -0.24
CA LEU A 16 -6.58 5.86 -1.20
C LEU A 16 -7.94 6.00 -1.89
N TRP A 17 -8.89 6.60 -1.19
CA TRP A 17 -10.23 6.80 -1.74
C TRP A 17 -10.20 7.79 -2.91
N ASP A 18 -9.95 7.27 -4.11
CA ASP A 18 -9.89 8.11 -5.30
C ASP A 18 -8.99 9.32 -5.08
N PHE A 19 -7.93 9.12 -4.30
CA PHE A 19 -6.99 10.20 -4.00
C PHE A 19 -5.86 10.22 -5.03
N LYS A 20 -5.73 11.35 -5.72
CA LYS A 20 -4.70 11.52 -6.74
C LYS A 20 -3.87 12.77 -6.47
N SER A 21 -2.66 12.58 -5.97
CA SER A 21 -1.76 13.70 -5.67
C SER A 21 -0.73 13.88 -6.78
N ARG A 22 0.18 14.83 -6.57
CA ARG A 22 1.22 15.10 -7.56
C ARG A 22 2.57 15.27 -6.87
N THR A 23 2.78 14.53 -5.78
CA THR A 23 4.03 14.60 -5.04
C THR A 23 4.41 13.23 -4.48
N ASP A 24 5.71 13.01 -4.30
CA ASP A 24 6.21 11.75 -3.78
C ASP A 24 5.63 11.47 -2.40
N GLU A 25 5.18 12.52 -1.72
CA GLU A 25 4.60 12.39 -0.39
C GLU A 25 3.27 11.66 -0.45
N GLU A 26 2.74 11.50 -1.66
CA GLU A 26 1.46 10.81 -1.85
C GLU A 26 1.50 9.92 -3.09
N LEU A 27 0.62 8.92 -3.12
CA LEU A 27 0.56 8.00 -4.24
C LEU A 27 -0.42 8.49 -5.30
N SER A 28 -0.07 8.30 -6.56
CA SER A 28 -0.92 8.73 -7.67
C SER A 28 -1.72 7.55 -8.23
N PHE A 29 -2.78 7.17 -7.51
CA PHE A 29 -3.63 6.06 -7.92
C PHE A 29 -4.99 6.13 -7.25
N ARG A 30 -5.95 5.39 -7.79
CA ARG A 30 -7.30 5.38 -7.23
C ARG A 30 -7.47 4.22 -6.25
N ALA A 31 -8.56 4.25 -5.50
CA ALA A 31 -8.85 3.21 -4.52
C ALA A 31 -9.00 1.85 -5.21
N GLY A 32 -9.00 0.78 -4.41
CA GLY A 32 -9.14 -0.56 -4.95
C GLY A 32 -7.80 -1.23 -5.21
N ASP A 33 -6.76 -0.41 -5.37
CA ASP A 33 -5.43 -0.95 -5.63
C ASP A 33 -4.77 -1.41 -4.33
N VAL A 34 -4.03 -2.51 -4.42
CA VAL A 34 -3.36 -3.07 -3.26
C VAL A 34 -1.91 -2.57 -3.16
N PHE A 35 -1.40 -2.49 -1.94
CA PHE A 35 -0.02 -2.02 -1.73
C PHE A 35 0.58 -2.69 -0.49
N HIS A 36 1.89 -2.59 -0.36
CA HIS A 36 2.60 -3.18 0.77
C HIS A 36 3.57 -2.18 1.39
N VAL A 37 3.65 -2.17 2.72
CA VAL A 37 4.53 -1.27 3.43
C VAL A 37 5.97 -1.80 3.44
N ALA A 38 6.90 -0.96 3.01
CA ALA A 38 8.31 -1.35 2.98
C ALA A 38 9.02 -0.95 4.27
N ARG A 39 8.53 0.12 4.90
CA ARG A 39 9.12 0.61 6.14
C ARG A 39 8.06 1.21 7.05
N LYS A 40 8.05 0.80 8.31
CA LYS A 40 7.08 1.30 9.28
C LYS A 40 7.75 2.22 10.29
N GLU A 41 7.43 3.50 10.23
CA GLU A 41 8.00 4.48 11.15
C GLU A 41 6.95 4.99 12.13
N GLU A 42 7.40 5.64 13.20
CA GLU A 42 6.50 6.18 14.21
C GLU A 42 5.76 7.40 13.68
N GLN A 43 6.38 8.08 12.72
CA GLN A 43 5.77 9.28 12.13
C GLN A 43 4.88 8.90 10.95
N TRP A 44 5.49 8.49 9.85
CA TRP A 44 4.75 8.11 8.66
C TRP A 44 5.13 6.70 8.20
N TRP A 45 4.24 6.07 7.45
CA TRP A 45 4.48 4.71 6.95
C TRP A 45 4.83 4.74 5.47
N TRP A 46 5.87 4.01 5.10
CA TRP A 46 6.31 3.94 3.71
C TRP A 46 5.56 2.84 2.96
N ALA A 47 4.79 3.23 1.96
CA ALA A 47 4.03 2.27 1.15
C ALA A 47 4.42 2.35 -0.31
N THR A 48 4.24 1.24 -1.03
CA THR A 48 4.57 1.18 -2.45
C THR A 48 3.40 0.66 -3.28
N LEU A 49 2.99 1.44 -4.26
CA LEU A 49 1.88 1.06 -5.13
C LEU A 49 2.33 0.07 -6.20
N LEU A 50 1.76 -1.13 -6.16
CA LEU A 50 2.10 -2.18 -7.13
C LEU A 50 0.92 -2.48 -8.04
N ASP A 51 1.21 -3.12 -9.17
CA ASP A 51 0.17 -3.47 -10.13
C ASP A 51 -0.59 -4.71 -9.68
N GLU A 52 -1.59 -5.12 -10.46
CA GLU A 52 -2.39 -6.28 -10.14
C GLU A 52 -1.51 -7.53 -10.01
N ALA A 53 -0.42 -7.56 -10.76
CA ALA A 53 0.51 -8.69 -10.72
C ALA A 53 1.41 -8.62 -9.49
N GLY A 54 1.50 -7.43 -8.90
CA GLY A 54 2.33 -7.25 -7.72
C GLY A 54 3.57 -6.42 -8.01
N GLY A 55 3.84 -6.20 -9.30
CA GLY A 55 5.01 -5.42 -9.68
C GLY A 55 4.91 -3.98 -9.26
N ALA A 56 5.91 -3.50 -8.54
CA ALA A 56 5.94 -2.12 -8.07
C ALA A 56 5.67 -1.15 -9.20
N VAL A 57 5.14 0.03 -8.86
CA VAL A 57 4.83 1.05 -9.86
C VAL A 57 5.07 2.45 -9.30
N ALA A 58 4.25 2.83 -8.32
CA ALA A 58 4.36 4.15 -7.70
C ALA A 58 4.90 4.04 -6.28
N GLN A 59 5.51 5.11 -5.80
CA GLN A 59 6.08 5.14 -4.46
C GLN A 59 5.60 6.37 -3.69
N GLY A 60 5.32 6.19 -2.40
CA GLY A 60 4.86 7.29 -1.58
C GLY A 60 4.55 6.86 -0.16
N TYR A 61 4.70 7.78 0.79
CA TYR A 61 4.44 7.49 2.19
C TYR A 61 3.16 8.17 2.65
N VAL A 62 2.38 7.45 3.46
CA VAL A 62 1.12 7.97 3.98
C VAL A 62 0.80 7.38 5.35
N PRO A 63 -0.02 8.10 6.13
CA PRO A 63 -0.43 7.66 7.46
C PRO A 63 -1.37 6.47 7.42
N HIS A 64 -1.34 5.66 8.48
CA HIS A 64 -2.20 4.48 8.56
C HIS A 64 -3.68 4.86 8.44
N ASN A 65 -3.98 6.12 8.74
CA ASN A 65 -5.35 6.61 8.67
C ASN A 65 -5.75 6.92 7.23
N TYR A 66 -4.79 6.76 6.32
CA TYR A 66 -5.04 7.02 4.90
C TYR A 66 -5.45 5.74 4.18
N LEU A 67 -4.86 4.62 4.59
CA LEU A 67 -5.16 3.33 3.98
C LEU A 67 -5.68 2.34 5.01
N ALA A 68 -6.33 1.29 4.55
CA ALA A 68 -6.87 0.27 5.44
C ALA A 68 -6.26 -1.10 5.14
N GLU A 69 -6.11 -1.90 6.18
CA GLU A 69 -5.54 -3.24 6.03
C GLU A 69 -6.62 -4.25 5.64
N ARG A 70 -6.23 -5.25 4.86
CA ARG A 70 -7.16 -6.29 4.42
C ARG A 70 -6.66 -7.67 4.81
N GLU A 71 -5.96 -7.74 5.92
CA GLU A 71 -5.42 -9.01 6.40
C GLU A 71 -6.54 -10.02 6.65
N THR A 72 -6.16 -11.25 6.98
CA THR A 72 -7.13 -12.31 7.24
C THR A 72 -7.17 -12.66 8.73
N MET A 1 5.50 -20.10 -12.86
CA MET A 1 6.40 -19.32 -12.02
C MET A 1 6.68 -20.06 -10.71
N VAL A 2 7.96 -20.20 -10.38
CA VAL A 2 8.37 -20.89 -9.16
C VAL A 2 7.97 -20.09 -7.92
N SER A 3 7.55 -20.79 -6.88
CA SER A 3 7.14 -20.13 -5.64
C SER A 3 8.27 -20.16 -4.61
N ARG A 4 9.50 -20.21 -5.10
CA ARG A 4 10.68 -20.25 -4.23
C ARG A 4 11.00 -18.85 -3.70
N ASP A 5 10.95 -17.86 -4.60
CA ASP A 5 11.24 -16.48 -4.21
C ASP A 5 10.35 -16.04 -3.06
N GLN A 6 9.11 -16.55 -3.04
CA GLN A 6 8.16 -16.20 -1.99
C GLN A 6 7.95 -17.38 -1.04
N ALA A 7 8.66 -17.38 0.08
CA ALA A 7 8.54 -18.45 1.06
C ALA A 7 7.26 -18.30 1.88
N HIS A 8 6.97 -17.07 2.28
CA HIS A 8 5.78 -16.78 3.08
C HIS A 8 5.49 -15.28 3.12
N LEU A 9 4.21 -14.93 3.21
CA LEU A 9 3.81 -13.53 3.27
C LEU A 9 2.46 -13.38 3.95
N GLY A 10 2.05 -12.14 4.17
CA GLY A 10 0.77 -11.88 4.82
C GLY A 10 -0.28 -11.38 3.84
N PRO A 11 -1.38 -10.83 4.39
CA PRO A 11 -2.48 -10.31 3.57
C PRO A 11 -2.09 -9.03 2.83
N LYS A 12 -3.08 -8.41 2.18
CA LYS A 12 -2.85 -7.19 1.44
C LYS A 12 -3.39 -5.97 2.20
N TYR A 13 -2.97 -4.78 1.77
CA TYR A 13 -3.42 -3.55 2.41
C TYR A 13 -4.16 -2.66 1.42
N VAL A 14 -5.27 -2.08 1.87
CA VAL A 14 -6.07 -1.21 1.02
C VAL A 14 -6.58 0.00 1.81
N GLY A 15 -6.74 1.13 1.12
CA GLY A 15 -7.21 2.33 1.77
C GLY A 15 -6.70 3.59 1.10
N LEU A 16 -6.63 3.58 -0.22
CA LEU A 16 -6.15 4.73 -0.99
C LEU A 16 -7.28 5.36 -1.79
N TRP A 17 -8.23 5.97 -1.09
CA TRP A 17 -9.36 6.61 -1.75
C TRP A 17 -8.90 7.44 -2.94
N ASP A 18 -9.83 7.72 -3.85
CA ASP A 18 -9.52 8.50 -5.04
C ASP A 18 -8.74 9.76 -4.68
N PHE A 19 -7.43 9.72 -4.89
CA PHE A 19 -6.57 10.86 -4.59
C PHE A 19 -5.38 10.91 -5.54
N LYS A 20 -5.27 12.01 -6.27
CA LYS A 20 -4.17 12.18 -7.22
C LYS A 20 -3.36 13.43 -6.89
N SER A 21 -2.17 13.22 -6.35
CA SER A 21 -1.29 14.34 -5.98
C SER A 21 -0.25 14.60 -7.07
N ARG A 22 0.71 15.45 -6.77
CA ARG A 22 1.76 15.78 -7.72
C ARG A 22 3.14 15.75 -7.05
N THR A 23 3.26 14.93 -6.01
CA THR A 23 4.52 14.80 -5.29
C THR A 23 4.70 13.38 -4.76
N ASP A 24 5.96 12.98 -4.58
CA ASP A 24 6.27 11.64 -4.08
C ASP A 24 5.65 11.43 -2.70
N GLU A 25 5.50 12.52 -1.95
CA GLU A 25 4.94 12.44 -0.61
C GLU A 25 3.54 11.82 -0.63
N GLU A 26 2.89 11.90 -1.80
CA GLU A 26 1.55 11.35 -1.95
C GLU A 26 1.49 10.42 -3.17
N LEU A 27 0.52 9.52 -3.17
CA LEU A 27 0.34 8.57 -4.27
C LEU A 27 -0.79 9.01 -5.18
N SER A 28 -0.68 8.66 -6.46
CA SER A 28 -1.70 9.02 -7.44
C SER A 28 -2.44 7.78 -7.94
N PHE A 29 -3.43 7.34 -7.17
CA PHE A 29 -4.21 6.17 -7.52
C PHE A 29 -5.55 6.16 -6.79
N ARG A 30 -6.48 5.34 -7.26
CA ARG A 30 -7.80 5.24 -6.66
C ARG A 30 -7.85 4.11 -5.64
N ALA A 31 -8.92 4.07 -4.85
CA ALA A 31 -9.09 3.04 -3.84
C ALA A 31 -9.32 1.67 -4.48
N GLY A 32 -9.28 0.63 -3.66
CA GLY A 32 -9.49 -0.72 -4.15
C GLY A 32 -8.19 -1.41 -4.51
N ASP A 33 -7.17 -0.62 -4.81
CA ASP A 33 -5.86 -1.17 -5.17
C ASP A 33 -5.14 -1.69 -3.94
N VAL A 34 -4.37 -2.77 -4.12
CA VAL A 34 -3.63 -3.37 -3.03
C VAL A 34 -2.22 -2.78 -2.93
N PHE A 35 -1.64 -2.85 -1.73
CA PHE A 35 -0.30 -2.32 -1.51
C PHE A 35 0.46 -3.17 -0.49
N HIS A 36 1.77 -2.99 -0.44
CA HIS A 36 2.61 -3.74 0.49
C HIS A 36 3.52 -2.81 1.28
N VAL A 37 3.57 -3.00 2.59
CA VAL A 37 4.42 -2.18 3.45
C VAL A 37 5.88 -2.57 3.34
N ALA A 38 6.75 -1.57 3.24
CA ALA A 38 8.19 -1.83 3.12
C ALA A 38 8.94 -1.27 4.33
N ARG A 39 8.35 -0.26 4.96
CA ARG A 39 8.97 0.36 6.13
C ARG A 39 7.92 1.05 7.00
N LYS A 40 7.88 0.69 8.28
CA LYS A 40 6.94 1.26 9.22
C LYS A 40 7.62 2.21 10.19
N GLU A 41 7.25 3.49 10.13
CA GLU A 41 7.84 4.49 11.00
C GLU A 41 6.84 4.95 12.06
N GLU A 42 7.34 5.67 13.05
CA GLU A 42 6.49 6.17 14.14
C GLU A 42 5.59 7.30 13.66
N GLN A 43 6.04 7.99 12.61
CA GLN A 43 5.28 9.10 12.06
C GLN A 43 4.41 8.64 10.89
N TRP A 44 5.05 8.40 9.75
CA TRP A 44 4.34 7.94 8.55
C TRP A 44 4.79 6.54 8.15
N TRP A 45 3.94 5.84 7.42
CA TRP A 45 4.26 4.50 6.96
C TRP A 45 4.56 4.49 5.46
N TRP A 46 5.49 3.63 5.05
CA TRP A 46 5.88 3.53 3.64
C TRP A 46 4.95 2.57 2.91
N ALA A 47 4.45 3.00 1.76
CA ALA A 47 3.56 2.18 0.95
C ALA A 47 3.91 2.26 -0.52
N THR A 48 4.09 1.10 -1.15
CA THR A 48 4.43 1.04 -2.56
C THR A 48 3.29 0.46 -3.39
N LEU A 49 3.03 1.07 -4.54
CA LEU A 49 1.97 0.61 -5.42
C LEU A 49 2.52 -0.26 -6.54
N LEU A 50 2.05 -1.50 -6.61
CA LEU A 50 2.51 -2.43 -7.64
C LEU A 50 1.39 -2.71 -8.66
N ASP A 51 1.77 -3.23 -9.82
CA ASP A 51 0.81 -3.55 -10.86
C ASP A 51 0.04 -4.83 -10.53
N GLU A 52 -0.87 -5.20 -11.42
CA GLU A 52 -1.67 -6.41 -11.22
C GLU A 52 -0.78 -7.65 -11.12
N ALA A 53 0.37 -7.59 -11.78
CA ALA A 53 1.31 -8.70 -11.77
C ALA A 53 2.17 -8.69 -10.50
N GLY A 54 2.21 -7.54 -9.84
CA GLY A 54 2.99 -7.41 -8.63
C GLY A 54 4.21 -6.51 -8.81
N GLY A 55 4.50 -6.18 -10.06
CA GLY A 55 5.64 -5.33 -10.34
C GLY A 55 5.46 -3.91 -9.84
N ALA A 56 6.37 -3.46 -8.99
CA ALA A 56 6.30 -2.11 -8.44
C ALA A 56 6.12 -1.07 -9.54
N VAL A 57 5.52 0.05 -9.19
CA VAL A 57 5.30 1.13 -10.14
C VAL A 57 5.70 2.48 -9.56
N ALA A 58 4.94 2.94 -8.58
CA ALA A 58 5.22 4.21 -7.94
C ALA A 58 5.47 4.04 -6.44
N GLN A 59 6.00 5.08 -5.81
CA GLN A 59 6.29 5.03 -4.37
C GLN A 59 5.79 6.30 -3.68
N GLY A 60 5.03 6.11 -2.60
CA GLY A 60 4.50 7.24 -1.86
C GLY A 60 4.20 6.89 -0.42
N TYR A 61 3.92 7.92 0.38
CA TYR A 61 3.62 7.72 1.80
C TYR A 61 2.27 8.35 2.16
N VAL A 62 1.61 7.77 3.16
CA VAL A 62 0.31 8.27 3.60
C VAL A 62 0.08 7.95 5.07
N PRO A 63 -0.78 8.75 5.72
CA PRO A 63 -1.12 8.57 7.14
C PRO A 63 -1.94 7.31 7.38
N HIS A 64 -1.80 6.74 8.58
CA HIS A 64 -2.54 5.53 8.94
C HIS A 64 -4.04 5.77 8.88
N ASN A 65 -4.43 7.04 8.95
CA ASN A 65 -5.84 7.41 8.90
C ASN A 65 -6.41 7.23 7.49
N TYR A 66 -5.52 7.20 6.51
CA TYR A 66 -5.93 7.05 5.11
C TYR A 66 -5.95 5.58 4.71
N LEU A 67 -4.81 4.91 4.89
CA LEU A 67 -4.69 3.50 4.55
C LEU A 67 -5.00 2.62 5.76
N ALA A 68 -5.42 1.38 5.49
CA ALA A 68 -5.74 0.45 6.56
C ALA A 68 -5.48 -0.99 6.13
N GLU A 69 -5.07 -1.83 7.08
CA GLU A 69 -4.78 -3.24 6.78
C GLU A 69 -6.06 -4.00 6.52
N ARG A 70 -5.94 -5.13 5.83
CA ARG A 70 -7.09 -5.97 5.51
C ARG A 70 -6.80 -7.44 5.79
N GLU A 71 -6.38 -7.72 7.02
CA GLU A 71 -6.07 -9.08 7.43
C GLU A 71 -7.34 -9.87 7.71
N THR A 72 -7.20 -11.19 7.82
CA THR A 72 -8.34 -12.06 8.08
C THR A 72 -8.07 -12.98 9.27
N MET A 1 -12.34 -17.88 -13.03
CA MET A 1 -13.64 -17.84 -12.38
C MET A 1 -13.50 -17.72 -10.87
N VAL A 2 -12.74 -18.64 -10.28
CA VAL A 2 -12.53 -18.63 -8.84
C VAL A 2 -11.97 -17.30 -8.37
N SER A 3 -11.27 -16.61 -9.26
CA SER A 3 -10.68 -15.31 -8.94
C SER A 3 -10.31 -14.55 -10.21
N ARG A 4 -10.90 -13.37 -10.38
CA ARG A 4 -10.64 -12.55 -11.55
C ARG A 4 -9.17 -12.13 -11.61
N ASP A 5 -8.57 -11.92 -10.44
CA ASP A 5 -7.17 -11.53 -10.36
C ASP A 5 -6.48 -12.22 -9.19
N GLN A 6 -5.16 -12.30 -9.26
CA GLN A 6 -4.37 -12.94 -8.22
C GLN A 6 -3.35 -11.97 -7.62
N ALA A 7 -3.78 -10.74 -7.39
CA ALA A 7 -2.91 -9.72 -6.83
C ALA A 7 -2.81 -9.86 -5.32
N HIS A 8 -3.82 -10.45 -4.71
CA HIS A 8 -3.85 -10.65 -3.27
C HIS A 8 -2.95 -11.82 -2.86
N LEU A 9 -1.85 -11.51 -2.19
CA LEU A 9 -0.91 -12.54 -1.76
C LEU A 9 -0.51 -12.32 -0.30
N GLY A 10 -1.43 -11.78 0.49
CA GLY A 10 -1.17 -11.54 1.90
C GLY A 10 -1.88 -10.31 2.42
N PRO A 11 -1.46 -9.83 3.60
CA PRO A 11 -2.06 -8.65 4.23
C PRO A 11 -1.73 -7.37 3.49
N LYS A 12 -2.39 -7.16 2.34
CA LYS A 12 -2.17 -5.97 1.53
C LYS A 12 -2.91 -4.78 2.12
N TYR A 13 -2.57 -3.59 1.64
CA TYR A 13 -3.19 -2.36 2.12
C TYR A 13 -3.97 -1.67 1.01
N VAL A 14 -5.18 -1.24 1.32
CA VAL A 14 -6.03 -0.56 0.35
C VAL A 14 -6.76 0.63 0.97
N GLY A 15 -6.93 1.69 0.19
CA GLY A 15 -7.61 2.87 0.68
C GLY A 15 -7.47 4.05 -0.26
N LEU A 16 -7.52 5.26 0.29
CA LEU A 16 -7.41 6.47 -0.52
C LEU A 16 -8.52 6.54 -1.55
N TRP A 17 -9.68 7.02 -1.14
CA TRP A 17 -10.83 7.15 -2.03
C TRP A 17 -10.53 8.11 -3.17
N ASP A 18 -10.32 7.56 -4.36
CA ASP A 18 -10.02 8.37 -5.53
C ASP A 18 -9.06 9.50 -5.18
N PHE A 19 -7.98 9.16 -4.50
CA PHE A 19 -6.98 10.15 -4.10
C PHE A 19 -5.75 10.06 -4.99
N LYS A 20 -5.44 11.17 -5.67
CA LYS A 20 -4.29 11.22 -6.56
C LYS A 20 -3.43 12.46 -6.26
N SER A 21 -2.22 12.23 -5.78
CA SER A 21 -1.32 13.32 -5.46
C SER A 21 -0.35 13.58 -6.61
N ARG A 22 0.58 14.51 -6.40
CA ARG A 22 1.57 14.85 -7.41
C ARG A 22 2.96 15.00 -6.81
N THR A 23 3.19 14.31 -5.70
CA THR A 23 4.47 14.37 -5.01
C THR A 23 4.89 12.99 -4.50
N ASP A 24 6.18 12.84 -4.23
CA ASP A 24 6.70 11.57 -3.72
C ASP A 24 6.26 11.33 -2.29
N GLU A 25 5.89 12.40 -1.60
CA GLU A 25 5.44 12.30 -0.21
C GLU A 25 4.03 11.74 -0.15
N GLU A 26 3.41 11.57 -1.30
CA GLU A 26 2.04 11.04 -1.37
C GLU A 26 1.90 10.06 -2.53
N LEU A 27 0.91 9.18 -2.43
CA LEU A 27 0.66 8.19 -3.46
C LEU A 27 -0.42 8.66 -4.43
N SER A 28 -0.39 8.12 -5.64
CA SER A 28 -1.38 8.50 -6.66
C SER A 28 -2.07 7.26 -7.23
N PHE A 29 -3.22 6.91 -6.64
CA PHE A 29 -3.97 5.75 -7.09
C PHE A 29 -5.43 5.85 -6.63
N ARG A 30 -6.28 5.05 -7.24
CA ARG A 30 -7.70 5.04 -6.90
C ARG A 30 -8.02 3.95 -5.88
N ALA A 31 -9.00 4.21 -5.02
CA ALA A 31 -9.39 3.25 -3.99
C ALA A 31 -9.61 1.86 -4.59
N GLY A 32 -9.26 0.84 -3.82
CA GLY A 32 -9.43 -0.52 -4.29
C GLY A 32 -8.12 -1.16 -4.70
N ASP A 33 -7.09 -0.33 -4.90
CA ASP A 33 -5.78 -0.82 -5.31
C ASP A 33 -5.05 -1.43 -4.11
N VAL A 34 -4.36 -2.53 -4.35
CA VAL A 34 -3.61 -3.22 -3.31
C VAL A 34 -2.14 -2.81 -3.33
N PHE A 35 -1.57 -2.62 -2.14
CA PHE A 35 -0.16 -2.22 -2.03
C PHE A 35 0.44 -2.77 -0.74
N HIS A 36 1.77 -2.84 -0.70
CA HIS A 36 2.48 -3.33 0.48
C HIS A 36 3.39 -2.26 1.05
N VAL A 37 3.78 -2.43 2.32
CA VAL A 37 4.65 -1.48 2.99
C VAL A 37 6.10 -1.97 3.00
N ALA A 38 7.02 -1.08 2.65
CA ALA A 38 8.44 -1.42 2.62
C ALA A 38 9.14 -0.94 3.88
N ARG A 39 8.77 0.26 4.33
CA ARG A 39 9.37 0.83 5.52
C ARG A 39 8.30 1.24 6.53
N LYS A 40 8.44 0.75 7.76
CA LYS A 40 7.48 1.06 8.82
C LYS A 40 8.07 2.06 9.81
N GLU A 41 7.56 3.29 9.77
CA GLU A 41 8.03 4.34 10.67
C GLU A 41 6.97 4.70 11.71
N GLU A 42 7.40 5.28 12.81
CA GLU A 42 6.48 5.67 13.88
C GLU A 42 5.67 6.90 13.48
N GLN A 43 6.11 7.57 12.41
CA GLN A 43 5.42 8.75 11.92
C GLN A 43 4.48 8.41 10.77
N TRP A 44 5.05 8.03 9.64
CA TRP A 44 4.27 7.66 8.46
C TRP A 44 4.71 6.30 7.91
N TRP A 45 3.82 5.67 7.17
CA TRP A 45 4.11 4.36 6.60
C TRP A 45 4.38 4.48 5.10
N TRP A 46 5.47 3.86 4.66
CA TRP A 46 5.84 3.90 3.24
C TRP A 46 5.16 2.78 2.47
N ALA A 47 4.38 3.16 1.47
CA ALA A 47 3.67 2.17 0.64
C ALA A 47 4.19 2.19 -0.79
N THR A 48 4.05 1.06 -1.48
CA THR A 48 4.50 0.94 -2.86
C THR A 48 3.42 0.32 -3.74
N LEU A 49 2.97 1.07 -4.74
CA LEU A 49 1.94 0.59 -5.65
C LEU A 49 2.54 -0.35 -6.70
N LEU A 50 2.14 -1.61 -6.66
CA LEU A 50 2.63 -2.60 -7.61
C LEU A 50 1.52 -3.03 -8.57
N ASP A 51 1.92 -3.53 -9.73
CA ASP A 51 0.96 -3.99 -10.74
C ASP A 51 0.31 -5.30 -10.31
N GLU A 52 -0.64 -5.77 -11.11
CA GLU A 52 -1.33 -7.02 -10.82
C GLU A 52 -0.35 -8.18 -10.71
N ALA A 53 0.79 -8.04 -11.37
CA ALA A 53 1.82 -9.08 -11.35
C ALA A 53 2.70 -8.95 -10.11
N GLY A 54 2.67 -7.76 -9.49
CA GLY A 54 3.48 -7.53 -8.30
C GLY A 54 4.62 -6.57 -8.56
N GLY A 55 4.86 -6.26 -9.83
CA GLY A 55 5.94 -5.36 -10.19
C GLY A 55 5.67 -3.94 -9.71
N ALA A 56 6.60 -3.40 -8.93
CA ALA A 56 6.46 -2.05 -8.40
C ALA A 56 6.16 -1.06 -9.52
N VAL A 57 5.51 0.05 -9.17
CA VAL A 57 5.16 1.08 -10.14
C VAL A 57 5.25 2.47 -9.52
N ALA A 58 4.37 2.73 -8.56
CA ALA A 58 4.35 4.03 -7.87
C ALA A 58 4.89 3.91 -6.46
N GLN A 59 5.35 5.04 -5.92
CA GLN A 59 5.89 5.06 -4.56
C GLN A 59 5.32 6.23 -3.77
N GLY A 60 5.39 6.13 -2.44
CA GLY A 60 4.88 7.19 -1.59
C GLY A 60 4.38 6.67 -0.26
N TYR A 61 4.11 7.58 0.67
CA TYR A 61 3.64 7.20 1.99
C TYR A 61 2.35 7.95 2.34
N VAL A 62 1.54 7.35 3.21
CA VAL A 62 0.29 7.96 3.63
C VAL A 62 -0.02 7.65 5.10
N PRO A 63 -0.83 8.52 5.72
CA PRO A 63 -1.21 8.37 7.13
C PRO A 63 -2.13 7.17 7.35
N HIS A 64 -1.94 6.49 8.48
CA HIS A 64 -2.76 5.32 8.81
C HIS A 64 -4.22 5.73 9.00
N ASN A 65 -4.45 7.01 9.29
CA ASN A 65 -5.80 7.51 9.50
C ASN A 65 -6.60 7.46 8.21
N TYR A 66 -5.90 7.32 7.09
CA TYR A 66 -6.55 7.26 5.78
C TYR A 66 -6.48 5.85 5.20
N LEU A 67 -5.35 5.20 5.38
CA LEU A 67 -5.15 3.84 4.87
C LEU A 67 -5.50 2.81 5.94
N ALA A 68 -6.16 1.73 5.53
CA ALA A 68 -6.54 0.67 6.46
C ALA A 68 -5.95 -0.67 6.03
N GLU A 69 -5.36 -1.37 6.99
CA GLU A 69 -4.74 -2.67 6.71
C GLU A 69 -5.81 -3.72 6.39
N ARG A 70 -5.57 -4.50 5.34
CA ARG A 70 -6.51 -5.54 4.93
C ARG A 70 -5.95 -6.92 5.20
N GLU A 71 -5.39 -7.10 6.40
CA GLU A 71 -4.81 -8.38 6.78
C GLU A 71 -5.81 -9.52 6.56
N THR A 72 -5.29 -10.66 6.11
CA THR A 72 -6.14 -11.83 5.86
C THR A 72 -6.98 -12.17 7.08
N MET A 1 13.70 -19.65 -9.09
CA MET A 1 12.92 -19.02 -10.15
C MET A 1 11.54 -18.64 -9.63
N VAL A 2 10.91 -19.54 -8.89
CA VAL A 2 9.58 -19.30 -8.35
C VAL A 2 9.66 -18.94 -6.87
N SER A 3 10.66 -19.47 -6.18
CA SER A 3 10.84 -19.20 -4.76
C SER A 3 12.05 -18.30 -4.52
N ARG A 4 12.16 -17.25 -5.32
CA ARG A 4 13.28 -16.32 -5.20
C ARG A 4 13.18 -15.52 -3.91
N ASP A 5 12.02 -14.95 -3.66
CA ASP A 5 11.79 -14.15 -2.45
C ASP A 5 10.56 -14.65 -1.69
N GLN A 6 10.28 -14.03 -0.55
CA GLN A 6 9.13 -14.41 0.26
C GLN A 6 7.86 -13.75 -0.25
N ALA A 7 7.07 -14.51 -1.01
CA ALA A 7 5.82 -14.01 -1.55
C ALA A 7 4.70 -14.10 -0.53
N HIS A 8 4.81 -15.05 0.38
CA HIS A 8 3.80 -15.25 1.42
C HIS A 8 4.09 -14.36 2.63
N LEU A 9 3.92 -13.06 2.47
CA LEU A 9 4.16 -12.11 3.55
C LEU A 9 2.85 -11.52 4.06
N GLY A 10 2.02 -12.35 4.66
CA GLY A 10 0.75 -11.89 5.18
C GLY A 10 -0.18 -11.39 4.09
N PRO A 11 -1.37 -10.95 4.49
CA PRO A 11 -2.39 -10.43 3.56
C PRO A 11 -1.98 -9.10 2.94
N LYS A 12 -2.78 -8.62 2.00
CA LYS A 12 -2.50 -7.36 1.33
C LYS A 12 -3.12 -6.19 2.10
N TYR A 13 -2.70 -4.97 1.76
CA TYR A 13 -3.21 -3.78 2.42
C TYR A 13 -3.89 -2.84 1.42
N VAL A 14 -5.03 -2.29 1.81
CA VAL A 14 -5.77 -1.38 0.95
C VAL A 14 -6.32 -0.19 1.74
N GLY A 15 -6.43 0.96 1.08
CA GLY A 15 -6.93 2.15 1.73
C GLY A 15 -6.46 3.42 1.06
N LEU A 16 -6.42 3.41 -0.27
CA LEU A 16 -5.98 4.57 -1.03
C LEU A 16 -7.13 5.13 -1.87
N TRP A 17 -8.11 5.73 -1.21
CA TRP A 17 -9.26 6.31 -1.88
C TRP A 17 -8.81 7.15 -3.08
N ASP A 18 -9.74 7.42 -3.98
CA ASP A 18 -9.46 8.21 -5.17
C ASP A 18 -8.68 9.47 -4.81
N PHE A 19 -7.36 9.43 -5.03
CA PHE A 19 -6.50 10.57 -4.72
C PHE A 19 -5.31 10.63 -5.67
N LYS A 20 -5.20 11.72 -6.41
CA LYS A 20 -4.10 11.90 -7.36
C LYS A 20 -3.28 13.13 -7.01
N SER A 21 -2.12 12.91 -6.42
CA SER A 21 -1.23 14.00 -6.03
C SER A 21 -0.14 14.22 -7.08
N ARG A 22 0.72 15.19 -6.84
CA ARG A 22 1.80 15.51 -7.76
C ARG A 22 3.16 15.44 -7.05
N THR A 23 3.23 14.62 -6.00
CA THR A 23 4.46 14.46 -5.24
C THR A 23 4.60 13.05 -4.70
N ASP A 24 5.83 12.60 -4.53
CA ASP A 24 6.09 11.27 -4.01
C ASP A 24 5.46 11.07 -2.63
N GLU A 25 5.23 12.18 -1.94
CA GLU A 25 4.63 12.14 -0.60
C GLU A 25 3.26 11.48 -0.65
N GLU A 26 2.66 11.46 -1.84
CA GLU A 26 1.34 10.85 -2.01
C GLU A 26 1.31 9.94 -3.22
N LEU A 27 0.36 9.01 -3.24
CA LEU A 27 0.23 8.06 -4.35
C LEU A 27 -0.71 8.61 -5.42
N SER A 28 -0.55 8.12 -6.64
CA SER A 28 -1.39 8.57 -7.76
C SER A 28 -2.24 7.41 -8.28
N PHE A 29 -3.20 6.97 -7.48
CA PHE A 29 -4.08 5.87 -7.85
C PHE A 29 -5.37 5.89 -7.03
N ARG A 30 -6.37 5.16 -7.50
CA ARG A 30 -7.65 5.10 -6.81
C ARG A 30 -7.70 3.90 -5.87
N ALA A 31 -8.71 3.86 -5.01
CA ALA A 31 -8.87 2.77 -4.05
C ALA A 31 -9.11 1.44 -4.78
N GLY A 32 -9.06 0.35 -4.03
CA GLY A 32 -9.26 -0.96 -4.61
C GLY A 32 -7.97 -1.62 -5.03
N ASP A 33 -6.95 -0.80 -5.30
CA ASP A 33 -5.65 -1.32 -5.71
C ASP A 33 -4.91 -1.92 -4.52
N VAL A 34 -3.99 -2.85 -4.80
CA VAL A 34 -3.21 -3.50 -3.76
C VAL A 34 -1.90 -2.75 -3.52
N PHE A 35 -1.52 -2.63 -2.24
CA PHE A 35 -0.30 -1.93 -1.88
C PHE A 35 0.52 -2.78 -0.91
N HIS A 36 1.79 -2.41 -0.73
CA HIS A 36 2.69 -3.13 0.17
C HIS A 36 3.59 -2.16 0.92
N VAL A 37 3.69 -2.35 2.22
CA VAL A 37 4.53 -1.49 3.05
C VAL A 37 5.95 -2.04 3.16
N ALA A 38 6.94 -1.16 3.04
CA ALA A 38 8.33 -1.55 3.13
C ALA A 38 8.97 -1.06 4.42
N ARG A 39 8.34 -0.06 5.04
CA ARG A 39 8.85 0.51 6.28
C ARG A 39 7.72 1.18 7.07
N LYS A 40 7.78 1.06 8.39
CA LYS A 40 6.77 1.66 9.26
C LYS A 40 7.42 2.49 10.36
N GLU A 41 7.29 3.81 10.25
CA GLU A 41 7.88 4.72 11.24
C GLU A 41 6.88 5.01 12.36
N GLU A 42 7.33 5.76 13.36
CA GLU A 42 6.48 6.11 14.49
C GLU A 42 5.44 7.15 14.09
N GLN A 43 5.64 7.76 12.92
CA GLN A 43 4.72 8.78 12.43
C GLN A 43 4.10 8.35 11.10
N TRP A 44 4.90 8.39 10.04
CA TRP A 44 4.44 8.01 8.71
C TRP A 44 4.98 6.64 8.32
N TRP A 45 4.29 5.98 7.40
CA TRP A 45 4.71 4.66 6.93
C TRP A 45 5.05 4.69 5.45
N TRP A 46 6.14 4.05 5.08
CA TRP A 46 6.58 4.00 3.68
C TRP A 46 5.81 2.93 2.91
N ALA A 47 5.03 3.35 1.92
CA ALA A 47 4.25 2.43 1.10
C ALA A 47 4.65 2.52 -0.36
N THR A 48 4.44 1.43 -1.10
CA THR A 48 4.78 1.39 -2.52
C THR A 48 3.55 1.06 -3.36
N LEU A 49 3.39 1.76 -4.48
CA LEU A 49 2.27 1.54 -5.37
C LEU A 49 2.62 0.51 -6.44
N LEU A 50 1.94 -0.62 -6.41
CA LEU A 50 2.17 -1.69 -7.37
C LEU A 50 0.98 -1.85 -8.31
N ASP A 51 1.21 -2.51 -9.44
CA ASP A 51 0.16 -2.73 -10.43
C ASP A 51 -0.73 -3.89 -10.03
N GLU A 52 -1.73 -4.18 -10.85
CA GLU A 52 -2.66 -5.28 -10.57
C GLU A 52 -1.92 -6.60 -10.45
N ALA A 53 -0.78 -6.70 -11.13
CA ALA A 53 0.02 -7.92 -11.10
C ALA A 53 0.91 -7.96 -9.86
N GLY A 54 1.10 -6.80 -9.23
CA GLY A 54 1.93 -6.72 -8.04
C GLY A 54 3.27 -6.04 -8.30
N GLY A 55 3.58 -5.84 -9.57
CA GLY A 55 4.84 -5.20 -9.93
C GLY A 55 4.88 -3.75 -9.52
N ALA A 56 5.76 -3.43 -8.56
CA ALA A 56 5.90 -2.07 -8.08
C ALA A 56 6.15 -1.09 -9.23
N VAL A 57 5.45 0.04 -9.20
CA VAL A 57 5.60 1.04 -10.25
C VAL A 57 6.02 2.39 -9.65
N ALA A 58 5.38 2.77 -8.56
CA ALA A 58 5.69 4.04 -7.89
C ALA A 58 5.84 3.84 -6.39
N GLN A 59 6.30 4.88 -5.71
CA GLN A 59 6.49 4.82 -4.26
C GLN A 59 5.93 6.06 -3.58
N GLY A 60 5.19 5.86 -2.50
CA GLY A 60 4.60 6.97 -1.78
C GLY A 60 4.06 6.56 -0.42
N TYR A 61 4.21 7.44 0.56
CA TYR A 61 3.73 7.17 1.91
C TYR A 61 2.39 7.84 2.16
N VAL A 62 1.66 7.34 3.16
CA VAL A 62 0.36 7.89 3.51
C VAL A 62 0.04 7.68 4.99
N PRO A 63 -0.84 8.53 5.53
CA PRO A 63 -1.25 8.45 6.94
C PRO A 63 -2.10 7.22 7.23
N HIS A 64 -1.94 6.66 8.42
CA HIS A 64 -2.70 5.48 8.82
C HIS A 64 -4.19 5.73 8.71
N ASN A 65 -4.58 6.99 8.81
CA ASN A 65 -5.99 7.38 8.72
C ASN A 65 -6.54 7.11 7.33
N TYR A 66 -5.64 6.99 6.35
CA TYR A 66 -6.03 6.73 4.97
C TYR A 66 -5.89 5.26 4.64
N LEU A 67 -4.68 4.73 4.82
CA LEU A 67 -4.41 3.33 4.53
C LEU A 67 -4.60 2.46 5.78
N ALA A 68 -5.17 1.29 5.59
CA ALA A 68 -5.41 0.36 6.69
C ALA A 68 -5.35 -1.09 6.23
N GLU A 69 -4.88 -1.97 7.11
CA GLU A 69 -4.77 -3.39 6.78
C GLU A 69 -6.16 -4.01 6.61
N ARG A 70 -6.21 -5.14 5.92
CA ARG A 70 -7.46 -5.84 5.68
C ARG A 70 -7.35 -7.31 6.03
N GLU A 71 -7.15 -7.59 7.33
CA GLU A 71 -7.02 -8.96 7.80
C GLU A 71 -8.32 -9.74 7.59
N THR A 72 -8.20 -10.91 6.98
CA THR A 72 -9.37 -11.75 6.72
C THR A 72 -9.72 -12.58 7.94
N MET A 1 15.42 -15.15 1.40
CA MET A 1 14.97 -16.02 0.33
C MET A 1 14.02 -17.09 0.86
N VAL A 2 14.30 -17.57 2.07
CA VAL A 2 13.47 -18.60 2.69
C VAL A 2 12.34 -17.98 3.50
N SER A 3 12.66 -16.91 4.23
CA SER A 3 11.67 -16.22 5.05
C SER A 3 11.19 -14.94 4.37
N ARG A 4 10.81 -15.07 3.10
CA ARG A 4 10.32 -13.92 2.33
C ARG A 4 8.87 -13.63 2.65
N ASP A 5 8.14 -14.66 3.07
CA ASP A 5 6.73 -14.52 3.40
C ASP A 5 6.54 -13.54 4.56
N GLN A 6 5.31 -13.08 4.74
CA GLN A 6 5.00 -12.13 5.81
C GLN A 6 4.37 -12.84 7.00
N ALA A 7 5.20 -13.52 7.79
CA ALA A 7 4.72 -14.24 8.96
C ALA A 7 4.39 -13.28 10.09
N HIS A 8 5.00 -12.10 10.07
CA HIS A 8 4.78 -11.09 11.10
C HIS A 8 4.03 -9.89 10.52
N LEU A 9 4.05 -9.76 9.21
CA LEU A 9 3.37 -8.66 8.53
C LEU A 9 2.16 -9.16 7.77
N GLY A 10 1.44 -8.22 7.13
CA GLY A 10 0.25 -8.59 6.37
C GLY A 10 0.54 -8.70 4.89
N PRO A 11 -0.40 -9.31 4.14
CA PRO A 11 -0.28 -9.50 2.70
C PRO A 11 -0.39 -8.18 1.93
N LYS A 12 -1.62 -7.80 1.61
CA LYS A 12 -1.87 -6.57 0.88
C LYS A 12 -2.65 -5.57 1.73
N TYR A 13 -2.61 -4.30 1.34
CA TYR A 13 -3.30 -3.25 2.08
C TYR A 13 -4.25 -2.48 1.16
N VAL A 14 -5.31 -1.93 1.75
CA VAL A 14 -6.29 -1.17 0.99
C VAL A 14 -6.78 0.04 1.78
N GLY A 15 -6.98 1.16 1.07
CA GLY A 15 -7.44 2.36 1.72
C GLY A 15 -6.82 3.62 1.12
N LEU A 16 -7.06 3.83 -0.17
CA LEU A 16 -6.51 4.99 -0.86
C LEU A 16 -7.53 5.57 -1.84
N TRP A 17 -8.51 6.29 -1.31
CA TRP A 17 -9.55 6.89 -2.14
C TRP A 17 -8.93 7.62 -3.33
N ASP A 18 -9.76 7.91 -4.33
CA ASP A 18 -9.30 8.60 -5.52
C ASP A 18 -8.51 9.85 -5.16
N PHE A 19 -7.19 9.77 -5.25
CA PHE A 19 -6.33 10.89 -4.92
C PHE A 19 -5.06 10.88 -5.77
N LYS A 20 -4.86 11.93 -6.55
CA LYS A 20 -3.68 12.02 -7.41
C LYS A 20 -2.85 13.26 -7.06
N SER A 21 -1.77 13.05 -6.32
CA SER A 21 -0.90 14.14 -5.92
C SER A 21 0.32 14.23 -6.83
N ARG A 22 0.68 13.10 -7.45
CA ARG A 22 1.82 13.06 -8.34
C ARG A 22 3.09 13.51 -7.64
N THR A 23 3.10 13.38 -6.31
CA THR A 23 4.25 13.79 -5.51
C THR A 23 4.85 12.59 -4.79
N ASP A 24 6.04 12.79 -4.21
CA ASP A 24 6.72 11.73 -3.48
C ASP A 24 6.03 11.46 -2.14
N GLU A 25 5.24 12.41 -1.68
CA GLU A 25 4.52 12.27 -0.42
C GLU A 25 3.29 11.38 -0.58
N GLU A 26 2.40 11.78 -1.48
CA GLU A 26 1.18 11.01 -1.74
C GLU A 26 1.30 10.20 -3.03
N LEU A 27 0.51 9.15 -3.14
CA LEU A 27 0.53 8.30 -4.31
C LEU A 27 -0.58 8.68 -5.28
N SER A 28 -0.38 8.41 -6.56
CA SER A 28 -1.37 8.74 -7.59
C SER A 28 -2.11 7.48 -8.03
N PHE A 29 -3.16 7.13 -7.29
CA PHE A 29 -3.95 5.95 -7.60
C PHE A 29 -5.33 6.04 -6.94
N ARG A 30 -6.26 5.21 -7.42
CA ARG A 30 -7.61 5.20 -6.87
C ARG A 30 -7.76 4.12 -5.81
N ALA A 31 -8.86 4.16 -5.08
CA ALA A 31 -9.13 3.18 -4.03
C ALA A 31 -9.36 1.79 -4.61
N GLY A 32 -9.36 0.78 -3.76
CA GLY A 32 -9.58 -0.58 -4.21
C GLY A 32 -8.30 -1.23 -4.71
N ASP A 33 -7.23 -0.45 -4.76
CA ASP A 33 -5.93 -0.97 -5.23
C ASP A 33 -5.20 -1.69 -4.10
N VAL A 34 -4.33 -2.62 -4.48
CA VAL A 34 -3.55 -3.37 -3.50
C VAL A 34 -2.12 -2.88 -3.43
N PHE A 35 -1.59 -2.80 -2.21
CA PHE A 35 -0.21 -2.33 -2.01
C PHE A 35 0.40 -2.99 -0.78
N HIS A 36 1.72 -2.89 -0.66
CA HIS A 36 2.44 -3.47 0.47
C HIS A 36 3.22 -2.40 1.23
N VAL A 37 3.50 -2.66 2.50
CA VAL A 37 4.24 -1.72 3.34
C VAL A 37 5.74 -2.00 3.27
N ALA A 38 6.52 -0.97 2.96
CA ALA A 38 7.96 -1.10 2.87
C ALA A 38 8.62 -0.78 4.20
N ARG A 39 8.03 0.14 4.96
CA ARG A 39 8.56 0.54 6.26
C ARG A 39 7.50 1.28 7.07
N LYS A 40 7.45 0.98 8.37
CA LYS A 40 6.50 1.62 9.26
C LYS A 40 7.20 2.41 10.36
N GLU A 41 7.11 3.73 10.29
CA GLU A 41 7.75 4.59 11.28
C GLU A 41 6.70 5.26 12.17
N GLU A 42 7.15 5.80 13.30
CA GLU A 42 6.27 6.47 14.24
C GLU A 42 5.62 7.69 13.60
N GLN A 43 6.35 8.34 12.71
CA GLN A 43 5.85 9.53 12.02
C GLN A 43 4.88 9.14 10.91
N TRP A 44 5.42 8.63 9.81
CA TRP A 44 4.61 8.23 8.67
C TRP A 44 4.97 6.82 8.21
N TRP A 45 4.03 6.16 7.54
CA TRP A 45 4.26 4.80 7.05
C TRP A 45 4.48 4.81 5.54
N TRP A 46 5.50 4.10 5.10
CA TRP A 46 5.82 4.01 3.68
C TRP A 46 4.98 2.93 2.99
N ALA A 47 4.38 3.29 1.87
CA ALA A 47 3.54 2.35 1.11
C ALA A 47 3.83 2.44 -0.38
N THR A 48 3.88 1.29 -1.03
CA THR A 48 4.15 1.24 -2.47
C THR A 48 3.01 0.55 -3.22
N LEU A 49 2.54 1.18 -4.28
CA LEU A 49 1.46 0.62 -5.09
C LEU A 49 2.01 -0.16 -6.28
N LEU A 50 1.75 -1.46 -6.28
CA LEU A 50 2.22 -2.33 -7.37
C LEU A 50 1.04 -2.84 -8.20
N ASP A 51 1.35 -3.32 -9.40
CA ASP A 51 0.31 -3.83 -10.30
C ASP A 51 -0.13 -5.23 -9.86
N GLU A 52 -1.06 -5.80 -10.61
CA GLU A 52 -1.58 -7.13 -10.31
C GLU A 52 -0.45 -8.17 -10.32
N ALA A 53 0.52 -7.96 -11.21
CA ALA A 53 1.64 -8.87 -11.33
C ALA A 53 2.68 -8.61 -10.24
N GLY A 54 2.60 -7.43 -9.63
CA GLY A 54 3.53 -7.07 -8.57
C GLY A 54 4.46 -5.95 -8.97
N GLY A 55 4.41 -5.57 -10.25
CA GLY A 55 5.26 -4.49 -10.73
C GLY A 55 4.94 -3.16 -10.10
N ALA A 56 5.90 -2.63 -9.34
CA ALA A 56 5.71 -1.35 -8.67
C ALA A 56 5.24 -0.28 -9.65
N VAL A 57 4.55 0.74 -9.13
CA VAL A 57 4.05 1.83 -9.95
C VAL A 57 4.22 3.17 -9.26
N ALA A 58 3.51 3.35 -8.15
CA ALA A 58 3.58 4.59 -7.40
C ALA A 58 4.31 4.39 -6.07
N GLN A 59 5.06 5.40 -5.65
CA GLN A 59 5.81 5.33 -4.41
C GLN A 59 5.58 6.58 -3.56
N GLY A 60 5.23 6.37 -2.29
CA GLY A 60 4.99 7.48 -1.40
C GLY A 60 4.73 7.04 0.03
N TYR A 61 4.67 8.01 0.95
CA TYR A 61 4.44 7.71 2.35
C TYR A 61 3.12 8.33 2.82
N VAL A 62 2.36 7.55 3.58
CA VAL A 62 1.07 8.03 4.10
C VAL A 62 0.83 7.52 5.52
N PRO A 63 -0.02 8.24 6.27
CA PRO A 63 -0.36 7.87 7.65
C PRO A 63 -1.20 6.61 7.72
N HIS A 64 -1.09 5.89 8.84
CA HIS A 64 -1.85 4.66 9.03
C HIS A 64 -3.35 4.92 8.90
N ASN A 65 -3.76 6.16 9.16
CA ASN A 65 -5.16 6.53 9.08
C ASN A 65 -5.63 6.55 7.62
N TYR A 66 -4.67 6.65 6.70
CA TYR A 66 -4.98 6.67 5.28
C TYR A 66 -5.40 5.29 4.77
N LEU A 67 -4.47 4.35 4.81
CA LEU A 67 -4.74 2.99 4.37
C LEU A 67 -5.11 2.10 5.55
N ALA A 68 -5.95 1.10 5.29
CA ALA A 68 -6.38 0.17 6.33
C ALA A 68 -6.13 -1.28 5.91
N GLU A 69 -5.32 -1.97 6.69
CA GLU A 69 -4.99 -3.37 6.40
C GLU A 69 -6.27 -4.19 6.19
N ARG A 70 -6.39 -4.77 5.01
CA ARG A 70 -7.56 -5.58 4.68
C ARG A 70 -7.15 -6.90 4.02
N GLU A 71 -7.30 -7.99 4.75
CA GLU A 71 -6.94 -9.32 4.24
C GLU A 71 -8.17 -10.04 3.70
N THR A 72 -7.97 -11.30 3.29
CA THR A 72 -9.06 -12.10 2.76
C THR A 72 -9.48 -13.20 3.74
N MET A 1 -5.43 -30.81 6.10
CA MET A 1 -4.45 -29.90 5.52
C MET A 1 -4.86 -28.45 5.74
N VAL A 2 -4.35 -27.83 6.80
CA VAL A 2 -4.67 -26.45 7.11
C VAL A 2 -3.78 -25.92 8.23
N SER A 3 -3.44 -24.64 8.15
CA SER A 3 -2.59 -24.01 9.16
C SER A 3 -3.09 -22.61 9.49
N ARG A 4 -3.08 -22.26 10.77
CA ARG A 4 -3.53 -20.95 11.22
C ARG A 4 -2.57 -19.86 10.75
N ASP A 5 -1.30 -20.23 10.56
CA ASP A 5 -0.29 -19.29 10.12
C ASP A 5 -0.41 -19.02 8.62
N GLN A 6 -0.93 -20.00 7.89
CA GLN A 6 -1.11 -19.87 6.45
C GLN A 6 -2.16 -18.81 6.12
N ALA A 7 -3.20 -18.74 6.94
CA ALA A 7 -4.26 -17.77 6.74
C ALA A 7 -3.75 -16.34 6.88
N HIS A 8 -2.78 -16.15 7.78
CA HIS A 8 -2.20 -14.84 8.01
C HIS A 8 -0.69 -14.86 7.79
N LEU A 9 -0.27 -14.57 6.56
CA LEU A 9 1.14 -14.57 6.22
C LEU A 9 1.58 -13.19 5.74
N GLY A 10 0.85 -12.16 6.16
CA GLY A 10 1.18 -10.80 5.78
C GLY A 10 0.38 -10.34 4.57
N PRO A 11 -0.89 -10.01 4.78
CA PRO A 11 -1.79 -9.55 3.71
C PRO A 11 -1.42 -8.15 3.21
N LYS A 12 -2.03 -7.75 2.11
CA LYS A 12 -1.76 -6.44 1.53
C LYS A 12 -2.51 -5.35 2.29
N TYR A 13 -2.17 -4.10 2.01
CA TYR A 13 -2.81 -2.96 2.67
C TYR A 13 -3.63 -2.15 1.67
N VAL A 14 -4.78 -1.65 2.12
CA VAL A 14 -5.66 -0.85 1.28
C VAL A 14 -6.30 0.28 2.07
N GLY A 15 -6.57 1.38 1.39
CA GLY A 15 -7.19 2.53 2.05
C GLY A 15 -6.69 3.85 1.50
N LEU A 16 -6.83 4.04 0.19
CA LEU A 16 -6.41 5.26 -0.46
C LEU A 16 -7.49 5.80 -1.39
N TRP A 17 -8.50 6.45 -0.80
CA TRP A 17 -9.60 7.01 -1.57
C TRP A 17 -9.08 7.77 -2.78
N ASP A 18 -9.95 8.00 -3.76
CA ASP A 18 -9.58 8.72 -4.96
C ASP A 18 -8.78 9.97 -4.63
N PHE A 19 -7.46 9.90 -4.83
CA PHE A 19 -6.58 11.03 -4.55
C PHE A 19 -5.38 11.04 -5.50
N LYS A 20 -5.26 12.12 -6.26
CA LYS A 20 -4.15 12.25 -7.21
C LYS A 20 -3.29 13.46 -6.86
N SER A 21 -2.03 13.18 -6.50
CA SER A 21 -1.09 14.24 -6.15
C SER A 21 -0.06 14.44 -7.25
N ARG A 22 0.92 15.31 -6.98
CA ARG A 22 1.96 15.60 -7.94
C ARG A 22 3.34 15.50 -7.29
N THR A 23 3.43 14.72 -6.22
CA THR A 23 4.69 14.54 -5.50
C THR A 23 4.80 13.14 -4.92
N ASP A 24 6.03 12.67 -4.75
CA ASP A 24 6.27 11.34 -4.20
C ASP A 24 5.62 11.19 -2.82
N GLU A 25 5.40 12.33 -2.15
CA GLU A 25 4.80 12.31 -0.83
C GLU A 25 3.41 11.68 -0.87
N GLU A 26 2.82 11.64 -2.06
CA GLU A 26 1.48 11.07 -2.23
C GLU A 26 1.42 10.23 -3.51
N LEU A 27 0.47 9.31 -3.56
CA LEU A 27 0.30 8.44 -4.71
C LEU A 27 -0.81 8.96 -5.63
N SER A 28 -0.77 8.58 -6.89
CA SER A 28 -1.76 9.00 -7.86
C SER A 28 -2.60 7.82 -8.34
N PHE A 29 -3.55 7.40 -7.52
CA PHE A 29 -4.42 6.28 -7.85
C PHE A 29 -5.68 6.30 -7.01
N ARG A 30 -6.69 5.56 -7.45
CA ARG A 30 -7.96 5.49 -6.73
C ARG A 30 -7.99 4.30 -5.77
N ALA A 31 -8.73 4.43 -4.69
CA ALA A 31 -8.84 3.37 -3.69
C ALA A 31 -9.17 2.04 -4.34
N GLY A 32 -9.03 0.97 -3.58
CA GLY A 32 -9.32 -0.36 -4.10
C GLY A 32 -8.06 -1.10 -4.52
N ASP A 33 -7.02 -0.34 -4.87
CA ASP A 33 -5.75 -0.93 -5.29
C ASP A 33 -5.06 -1.63 -4.13
N VAL A 34 -4.22 -2.62 -4.45
CA VAL A 34 -3.51 -3.37 -3.43
C VAL A 34 -2.03 -2.99 -3.39
N PHE A 35 -1.48 -2.86 -2.19
CA PHE A 35 -0.08 -2.50 -2.02
C PHE A 35 0.49 -3.11 -0.75
N HIS A 36 1.82 -3.10 -0.64
CA HIS A 36 2.49 -3.65 0.53
C HIS A 36 3.29 -2.59 1.25
N VAL A 37 3.62 -2.84 2.51
CA VAL A 37 4.39 -1.89 3.31
C VAL A 37 5.87 -2.24 3.30
N ALA A 38 6.70 -1.26 2.95
CA ALA A 38 8.15 -1.47 2.90
C ALA A 38 8.81 -1.00 4.19
N ARG A 39 8.22 0.02 4.82
CA ARG A 39 8.76 0.56 6.05
C ARG A 39 7.64 1.00 6.99
N LYS A 40 7.67 0.50 8.23
CA LYS A 40 6.65 0.84 9.21
C LYS A 40 7.20 1.83 10.23
N GLU A 41 6.71 3.07 10.16
CA GLU A 41 7.15 4.12 11.07
C GLU A 41 6.03 4.50 12.03
N GLU A 42 6.40 5.16 13.12
CA GLU A 42 5.43 5.60 14.12
C GLU A 42 4.60 6.76 13.61
N GLN A 43 5.15 7.49 12.64
CA GLN A 43 4.46 8.64 12.06
C GLN A 43 3.59 8.22 10.88
N TRP A 44 4.23 7.92 9.76
CA TRP A 44 3.51 7.51 8.56
C TRP A 44 4.03 6.16 8.05
N TRP A 45 3.20 5.47 7.29
CA TRP A 45 3.57 4.17 6.75
C TRP A 45 3.91 4.27 5.26
N TRP A 46 4.97 3.60 4.84
CA TRP A 46 5.39 3.63 3.45
C TRP A 46 4.63 2.59 2.64
N ALA A 47 3.90 3.06 1.63
CA ALA A 47 3.12 2.17 0.77
C ALA A 47 3.63 2.21 -0.67
N THR A 48 3.62 1.06 -1.32
CA THR A 48 4.08 0.96 -2.70
C THR A 48 3.06 0.25 -3.58
N LEU A 49 2.62 0.93 -4.64
CA LEU A 49 1.64 0.36 -5.55
C LEU A 49 2.33 -0.46 -6.64
N LEU A 50 1.95 -1.73 -6.75
CA LEU A 50 2.52 -2.62 -7.76
C LEU A 50 1.47 -3.05 -8.77
N ASP A 51 1.92 -3.55 -9.92
CA ASP A 51 1.01 -4.01 -10.97
C ASP A 51 0.38 -5.34 -10.59
N GLU A 52 -0.49 -5.84 -11.46
CA GLU A 52 -1.18 -7.11 -11.21
C GLU A 52 -0.17 -8.25 -11.10
N ALA A 53 1.00 -8.08 -11.72
CA ALA A 53 2.04 -9.09 -11.68
C ALA A 53 2.91 -8.93 -10.44
N GLY A 54 2.85 -7.76 -9.83
CA GLY A 54 3.64 -7.50 -8.64
C GLY A 54 4.73 -6.47 -8.87
N GLY A 55 4.96 -6.13 -10.14
CA GLY A 55 5.98 -5.15 -10.46
C GLY A 55 5.63 -3.77 -9.95
N ALA A 56 6.49 -3.23 -9.09
CA ALA A 56 6.27 -1.90 -8.52
C ALA A 56 5.99 -0.88 -9.61
N VAL A 57 5.14 0.09 -9.30
CA VAL A 57 4.78 1.14 -10.27
C VAL A 57 4.99 2.53 -9.66
N ALA A 58 4.25 2.82 -8.60
CA ALA A 58 4.35 4.11 -7.94
C ALA A 58 4.74 3.94 -6.48
N GLN A 59 5.31 4.99 -5.90
CA GLN A 59 5.74 4.95 -4.49
C GLN A 59 5.29 6.21 -3.76
N GLY A 60 4.64 6.03 -2.62
CA GLY A 60 4.17 7.16 -1.84
C GLY A 60 3.81 6.77 -0.42
N TYR A 61 4.20 7.60 0.54
CA TYR A 61 3.92 7.34 1.94
C TYR A 61 2.66 8.08 2.39
N VAL A 62 1.99 7.53 3.40
CA VAL A 62 0.77 8.14 3.93
C VAL A 62 0.57 7.79 5.39
N PRO A 63 -0.19 8.63 6.11
CA PRO A 63 -0.48 8.42 7.53
C PRO A 63 -1.40 7.24 7.77
N HIS A 64 -1.27 6.62 8.95
CA HIS A 64 -2.10 5.47 9.30
C HIS A 64 -3.57 5.85 9.34
N ASN A 65 -3.84 7.13 9.51
CA ASN A 65 -5.21 7.64 9.57
C ASN A 65 -5.85 7.63 8.19
N TYR A 66 -5.04 7.35 7.17
CA TYR A 66 -5.53 7.32 5.79
C TYR A 66 -5.80 5.88 5.35
N LEU A 67 -4.74 5.09 5.24
CA LEU A 67 -4.85 3.70 4.83
C LEU A 67 -4.97 2.77 6.03
N ALA A 68 -5.46 1.57 5.80
CA ALA A 68 -5.62 0.59 6.87
C ALA A 68 -5.25 -0.81 6.39
N GLU A 69 -4.70 -1.61 7.29
CA GLU A 69 -4.30 -2.98 6.96
C GLU A 69 -5.52 -3.87 6.77
N ARG A 70 -5.43 -4.81 5.84
CA ARG A 70 -6.52 -5.73 5.55
C ARG A 70 -6.22 -7.12 6.10
N GLU A 71 -6.71 -7.40 7.30
CA GLU A 71 -6.50 -8.69 7.94
C GLU A 71 -7.55 -9.70 7.49
N THR A 72 -7.09 -10.88 7.04
CA THR A 72 -7.98 -11.92 6.58
C THR A 72 -7.70 -13.25 7.29
N MET A 1 7.81 -26.62 22.18
CA MET A 1 7.49 -25.20 22.08
C MET A 1 7.36 -24.78 20.61
N VAL A 2 6.19 -24.23 20.27
CA VAL A 2 5.94 -23.79 18.90
C VAL A 2 5.78 -22.27 18.84
N SER A 3 6.37 -21.66 17.82
CA SER A 3 6.30 -20.22 17.65
C SER A 3 5.00 -19.82 16.96
N ARG A 4 3.90 -19.88 17.70
CA ARG A 4 2.59 -19.54 17.15
C ARG A 4 2.41 -18.02 17.12
N ASP A 5 3.05 -17.33 18.06
CA ASP A 5 2.96 -15.88 18.15
C ASP A 5 3.30 -15.24 16.80
N GLN A 6 2.69 -14.09 16.52
CA GLN A 6 2.94 -13.37 15.28
C GLN A 6 3.75 -12.11 15.52
N ALA A 7 4.62 -11.78 14.58
CA ALA A 7 5.46 -10.59 14.70
C ALA A 7 4.71 -9.35 14.26
N HIS A 8 3.99 -9.46 13.15
CA HIS A 8 3.21 -8.33 12.62
C HIS A 8 2.25 -8.80 11.53
N LEU A 9 1.03 -8.29 11.56
CA LEU A 9 0.02 -8.65 10.58
C LEU A 9 -0.38 -7.44 9.74
N GLY A 10 -0.56 -7.65 8.44
CA GLY A 10 -0.95 -6.57 7.55
C GLY A 10 -0.26 -6.65 6.21
N PRO A 11 -0.73 -7.57 5.36
CA PRO A 11 -0.16 -7.77 4.02
C PRO A 11 -0.47 -6.61 3.08
N LYS A 12 -1.63 -6.67 2.43
CA LYS A 12 -2.04 -5.62 1.50
C LYS A 12 -2.67 -4.45 2.25
N TYR A 13 -2.84 -3.33 1.56
CA TYR A 13 -3.43 -2.14 2.17
C TYR A 13 -4.37 -1.45 1.18
N VAL A 14 -5.54 -1.06 1.68
CA VAL A 14 -6.54 -0.38 0.85
C VAL A 14 -7.24 0.72 1.63
N GLY A 15 -7.46 1.85 0.96
CA GLY A 15 -8.12 2.98 1.61
C GLY A 15 -7.84 4.29 0.92
N LEU A 16 -7.93 4.29 -0.41
CA LEU A 16 -7.69 5.49 -1.20
C LEU A 16 -8.89 5.83 -2.07
N TRP A 17 -10.01 6.14 -1.43
CA TRP A 17 -11.23 6.48 -2.15
C TRP A 17 -10.98 7.61 -3.14
N ASP A 18 -10.82 7.26 -4.41
CA ASP A 18 -10.58 8.26 -5.45
C ASP A 18 -9.62 9.34 -4.96
N PHE A 19 -8.38 8.96 -4.71
CA PHE A 19 -7.37 9.90 -4.23
C PHE A 19 -6.12 9.85 -5.10
N LYS A 20 -5.79 10.98 -5.71
CA LYS A 20 -4.62 11.07 -6.57
C LYS A 20 -3.79 12.31 -6.25
N SER A 21 -2.51 12.11 -5.94
CA SER A 21 -1.62 13.21 -5.61
C SER A 21 -0.41 13.22 -6.53
N ARG A 22 0.10 14.41 -6.82
CA ARG A 22 1.26 14.56 -7.68
C ARG A 22 2.51 14.85 -6.86
N THR A 23 2.69 14.10 -5.78
CA THR A 23 3.86 14.28 -4.92
C THR A 23 4.41 12.94 -4.45
N ASP A 24 5.71 12.90 -4.19
CA ASP A 24 6.35 11.67 -3.73
C ASP A 24 5.89 11.30 -2.32
N GLU A 25 5.32 12.27 -1.61
CA GLU A 25 4.83 12.06 -0.26
C GLU A 25 3.42 11.48 -0.28
N GLU A 26 2.92 11.20 -1.48
CA GLU A 26 1.57 10.65 -1.63
C GLU A 26 1.51 9.71 -2.83
N LEU A 27 0.54 8.80 -2.81
CA LEU A 27 0.35 7.84 -3.89
C LEU A 27 -0.61 8.37 -4.94
N SER A 28 -0.49 7.86 -6.16
CA SER A 28 -1.34 8.29 -7.27
C SER A 28 -2.08 7.10 -7.87
N PHE A 29 -3.22 6.74 -7.26
CA PHE A 29 -4.02 5.62 -7.74
C PHE A 29 -5.46 5.72 -7.22
N ARG A 30 -6.36 4.97 -7.85
CA ARG A 30 -7.76 4.97 -7.46
C ARG A 30 -8.05 3.85 -6.46
N ALA A 31 -9.07 4.05 -5.64
CA ALA A 31 -9.46 3.05 -4.64
C ALA A 31 -9.63 1.68 -5.27
N GLY A 32 -9.41 0.64 -4.48
CA GLY A 32 -9.53 -0.72 -4.97
C GLY A 32 -8.19 -1.38 -5.22
N ASP A 33 -7.14 -0.56 -5.29
CA ASP A 33 -5.80 -1.06 -5.52
C ASP A 33 -5.17 -1.56 -4.22
N VAL A 34 -4.23 -2.49 -4.35
CA VAL A 34 -3.55 -3.05 -3.18
C VAL A 34 -2.17 -2.43 -3.00
N PHE A 35 -1.81 -2.16 -1.75
CA PHE A 35 -0.51 -1.56 -1.45
C PHE A 35 0.21 -2.36 -0.37
N HIS A 36 1.51 -2.10 -0.22
CA HIS A 36 2.32 -2.80 0.77
C HIS A 36 3.26 -1.84 1.48
N VAL A 37 3.67 -2.21 2.69
CA VAL A 37 4.58 -1.37 3.47
C VAL A 37 6.00 -1.92 3.43
N ALA A 38 6.94 -1.07 3.02
CA ALA A 38 8.34 -1.46 2.94
C ALA A 38 9.10 -1.07 4.19
N ARG A 39 8.67 0.02 4.84
CA ARG A 39 9.31 0.49 6.05
C ARG A 39 8.27 1.08 7.01
N LYS A 40 8.38 0.71 8.28
CA LYS A 40 7.46 1.20 9.31
C LYS A 40 8.15 2.21 10.22
N GLU A 41 7.75 3.48 10.09
CA GLU A 41 8.33 4.54 10.89
C GLU A 41 7.33 5.02 11.95
N GLU A 42 7.85 5.69 12.98
CA GLU A 42 7.00 6.20 14.05
C GLU A 42 6.20 7.41 13.58
N GLN A 43 6.71 8.08 12.56
CA GLN A 43 6.03 9.26 12.02
C GLN A 43 5.14 8.89 10.83
N TRP A 44 5.77 8.62 9.69
CA TRP A 44 5.03 8.24 8.49
C TRP A 44 5.34 6.80 8.09
N TRP A 45 4.43 6.20 7.34
CA TRP A 45 4.60 4.82 6.88
C TRP A 45 4.99 4.77 5.41
N TRP A 46 6.00 3.99 5.09
CA TRP A 46 6.48 3.85 3.72
C TRP A 46 5.61 2.87 2.95
N ALA A 47 4.95 3.37 1.90
CA ALA A 47 4.08 2.54 1.08
C ALA A 47 4.63 2.42 -0.35
N THR A 48 4.28 1.33 -1.02
CA THR A 48 4.74 1.11 -2.39
C THR A 48 3.58 0.69 -3.29
N LEU A 49 3.38 1.44 -4.36
CA LEU A 49 2.31 1.15 -5.31
C LEU A 49 2.77 0.15 -6.36
N LEU A 50 2.16 -1.03 -6.36
CA LEU A 50 2.51 -2.08 -7.32
C LEU A 50 1.36 -2.33 -8.29
N ASP A 51 1.67 -2.98 -9.40
CA ASP A 51 0.65 -3.28 -10.42
C ASP A 51 -0.18 -4.49 -10.01
N GLU A 52 -1.14 -4.84 -10.85
CA GLU A 52 -2.01 -5.99 -10.58
C GLU A 52 -1.20 -7.26 -10.41
N ALA A 53 -0.06 -7.33 -11.10
CA ALA A 53 0.81 -8.49 -11.02
C ALA A 53 1.66 -8.47 -9.76
N GLY A 54 1.76 -7.29 -9.15
CA GLY A 54 2.55 -7.15 -7.93
C GLY A 54 3.83 -6.38 -8.16
N GLY A 55 4.17 -6.15 -9.43
CA GLY A 55 5.38 -5.42 -9.75
C GLY A 55 5.31 -3.97 -9.32
N ALA A 56 6.29 -3.54 -8.52
CA ALA A 56 6.34 -2.17 -8.03
C ALA A 56 6.22 -1.17 -9.18
N VAL A 57 5.79 0.04 -8.86
CA VAL A 57 5.63 1.08 -9.87
C VAL A 57 5.98 2.45 -9.30
N ALA A 58 5.28 2.85 -8.25
CA ALA A 58 5.52 4.14 -7.61
C ALA A 58 5.90 3.97 -6.14
N GLN A 59 6.44 5.02 -5.54
CA GLN A 59 6.83 4.97 -4.14
C GLN A 59 6.35 6.22 -3.40
N GLY A 60 5.69 6.00 -2.27
CA GLY A 60 5.17 7.11 -1.48
C GLY A 60 4.90 6.72 -0.04
N TYR A 61 4.95 7.70 0.85
CA TYR A 61 4.71 7.46 2.27
C TYR A 61 3.46 8.20 2.74
N VAL A 62 2.62 7.50 3.51
CA VAL A 62 1.39 8.09 4.03
C VAL A 62 0.98 7.42 5.33
N PRO A 63 0.19 8.14 6.15
CA PRO A 63 -0.30 7.64 7.43
C PRO A 63 -1.32 6.52 7.26
N HIS A 64 -1.31 5.58 8.21
CA HIS A 64 -2.24 4.45 8.17
C HIS A 64 -3.68 4.94 8.31
N ASN A 65 -3.86 6.17 8.77
CA ASN A 65 -5.18 6.75 8.95
C ASN A 65 -5.92 6.83 7.62
N TYR A 66 -5.17 6.76 6.52
CA TYR A 66 -5.76 6.81 5.19
C TYR A 66 -6.01 5.41 4.64
N LEU A 67 -4.94 4.65 4.47
CA LEU A 67 -5.04 3.29 3.96
C LEU A 67 -5.14 2.28 5.09
N ALA A 68 -5.98 1.26 4.90
CA ALA A 68 -6.16 0.22 5.91
C ALA A 68 -6.09 -1.17 5.29
N GLU A 69 -5.45 -2.09 5.99
CA GLU A 69 -5.31 -3.46 5.51
C GLU A 69 -6.68 -4.07 5.21
N ARG A 70 -6.84 -4.58 3.99
CA ARG A 70 -8.10 -5.18 3.58
C ARG A 70 -7.88 -6.63 3.15
N GLU A 71 -7.27 -7.42 4.02
CA GLU A 71 -7.00 -8.82 3.73
C GLU A 71 -8.27 -9.53 3.28
N THR A 72 -8.10 -10.69 2.64
CA THR A 72 -9.23 -11.46 2.15
C THR A 72 -9.20 -12.89 2.71
N MET A 1 -5.00 -23.52 20.48
CA MET A 1 -3.93 -23.51 21.47
C MET A 1 -2.61 -23.10 20.83
N VAL A 2 -2.68 -22.33 19.75
CA VAL A 2 -1.49 -21.87 19.04
C VAL A 2 -1.32 -20.37 19.18
N SER A 3 -0.20 -19.96 19.78
CA SER A 3 0.09 -18.55 19.97
C SER A 3 0.41 -17.87 18.65
N ARG A 4 -0.31 -16.79 18.35
CA ARG A 4 -0.10 -16.05 17.12
C ARG A 4 1.23 -15.31 17.14
N ASP A 5 1.43 -14.49 18.16
CA ASP A 5 2.66 -13.72 18.31
C ASP A 5 2.96 -12.92 17.04
N GLN A 6 1.91 -12.34 16.46
CA GLN A 6 2.05 -11.54 15.25
C GLN A 6 1.30 -10.22 15.37
N ALA A 7 1.85 -9.18 14.75
CA ALA A 7 1.23 -7.86 14.79
C ALA A 7 0.09 -7.76 13.77
N HIS A 8 -0.14 -8.84 13.04
CA HIS A 8 -1.20 -8.87 12.03
C HIS A 8 -0.89 -7.92 10.89
N LEU A 9 -0.07 -8.38 9.94
CA LEU A 9 0.32 -7.57 8.80
C LEU A 9 -0.64 -7.80 7.63
N GLY A 10 -0.81 -9.05 7.24
CA GLY A 10 -1.69 -9.38 6.14
C GLY A 10 -0.99 -9.38 4.80
N PRO A 11 -1.69 -9.83 3.75
CA PRO A 11 -1.15 -9.88 2.40
C PRO A 11 -0.95 -8.51 1.79
N LYS A 12 -1.99 -7.98 1.16
CA LYS A 12 -1.93 -6.66 0.54
C LYS A 12 -2.71 -5.64 1.37
N TYR A 13 -2.49 -4.36 1.07
CA TYR A 13 -3.17 -3.28 1.78
C TYR A 13 -4.08 -2.49 0.84
N VAL A 14 -5.05 -1.80 1.42
CA VAL A 14 -5.99 -1.00 0.64
C VAL A 14 -6.33 0.30 1.35
N GLY A 15 -6.43 1.38 0.58
CA GLY A 15 -6.75 2.68 1.15
C GLY A 15 -6.90 3.75 0.11
N LEU A 16 -6.39 4.95 0.40
CA LEU A 16 -6.49 6.07 -0.52
C LEU A 16 -7.92 6.26 -1.01
N TRP A 17 -8.76 6.83 -0.15
CA TRP A 17 -10.15 7.07 -0.50
C TRP A 17 -10.27 8.18 -1.55
N ASP A 18 -10.13 7.79 -2.82
CA ASP A 18 -10.22 8.74 -3.92
C ASP A 18 -9.30 9.93 -3.68
N PHE A 19 -8.02 9.67 -3.56
CA PHE A 19 -7.03 10.73 -3.33
C PHE A 19 -5.79 10.51 -4.18
N LYS A 20 -5.50 11.48 -5.04
CA LYS A 20 -4.33 11.40 -5.92
C LYS A 20 -3.53 12.69 -5.87
N SER A 21 -2.21 12.55 -5.82
CA SER A 21 -1.31 13.70 -5.77
C SER A 21 -0.39 13.74 -6.99
N ARG A 22 0.53 14.69 -6.98
CA ARG A 22 1.47 14.84 -8.09
C ARG A 22 2.91 14.79 -7.60
N THR A 23 3.11 14.14 -6.47
CA THR A 23 4.44 14.02 -5.87
C THR A 23 4.63 12.68 -5.19
N ASP A 24 5.87 12.24 -5.07
CA ASP A 24 6.18 10.97 -4.43
C ASP A 24 5.66 10.95 -2.99
N GLU A 25 5.47 12.13 -2.42
CA GLU A 25 4.97 12.24 -1.05
C GLU A 25 3.64 11.52 -0.89
N GLU A 26 2.93 11.36 -2.00
CA GLU A 26 1.63 10.68 -1.98
C GLU A 26 1.45 9.82 -3.23
N LEU A 27 0.59 8.81 -3.13
CA LEU A 27 0.32 7.92 -4.25
C LEU A 27 -0.83 8.44 -5.11
N SER A 28 -0.58 8.59 -6.40
CA SER A 28 -1.59 9.09 -7.32
C SER A 28 -2.45 7.94 -7.86
N PHE A 29 -3.44 7.54 -7.07
CA PHE A 29 -4.33 6.45 -7.45
C PHE A 29 -5.64 6.51 -6.68
N ARG A 30 -6.65 5.79 -7.16
CA ARG A 30 -7.95 5.76 -6.50
C ARG A 30 -8.05 4.57 -5.54
N ALA A 31 -8.99 4.66 -4.60
CA ALA A 31 -9.19 3.60 -3.63
C ALA A 31 -9.46 2.27 -4.31
N GLY A 32 -9.42 1.18 -3.54
CA GLY A 32 -9.66 -0.13 -4.08
C GLY A 32 -8.41 -0.78 -4.63
N ASP A 33 -7.35 0.01 -4.76
CA ASP A 33 -6.08 -0.49 -5.27
C ASP A 33 -5.27 -1.17 -4.16
N VAL A 34 -4.40 -2.10 -4.55
CA VAL A 34 -3.56 -2.82 -3.59
C VAL A 34 -2.21 -2.15 -3.44
N PHE A 35 -1.72 -2.09 -2.21
CA PHE A 35 -0.43 -1.47 -1.92
C PHE A 35 0.34 -2.27 -0.87
N HIS A 36 1.66 -2.20 -0.92
CA HIS A 36 2.50 -2.91 0.03
C HIS A 36 3.39 -1.95 0.80
N VAL A 37 3.44 -2.12 2.12
CA VAL A 37 4.24 -1.27 2.97
C VAL A 37 5.64 -1.85 3.18
N ALA A 38 6.66 -1.07 2.81
CA ALA A 38 8.03 -1.50 2.95
C ALA A 38 8.66 -0.98 4.25
N ARG A 39 8.03 0.03 4.82
CA ARG A 39 8.51 0.62 6.07
C ARG A 39 7.35 1.21 6.88
N LYS A 40 7.44 1.07 8.19
CA LYS A 40 6.41 1.59 9.08
C LYS A 40 7.02 2.44 10.20
N GLU A 41 6.78 3.74 10.14
CA GLU A 41 7.32 4.65 11.15
C GLU A 41 6.21 5.11 12.11
N GLU A 42 6.62 5.71 13.22
CA GLU A 42 5.66 6.20 14.21
C GLU A 42 4.89 7.39 13.67
N GLN A 43 5.50 8.14 12.76
CA GLN A 43 4.88 9.31 12.17
C GLN A 43 4.11 8.94 10.90
N TRP A 44 4.84 8.62 9.85
CA TRP A 44 4.24 8.24 8.57
C TRP A 44 4.74 6.88 8.11
N TRP A 45 3.95 6.23 7.28
CA TRP A 45 4.32 4.91 6.75
C TRP A 45 4.68 5.00 5.27
N TRP A 46 5.56 4.10 4.83
CA TRP A 46 5.98 4.09 3.43
C TRP A 46 5.26 2.99 2.66
N ALA A 47 4.34 3.39 1.79
CA ALA A 47 3.57 2.44 1.00
C ALA A 47 4.02 2.47 -0.47
N THR A 48 3.92 1.32 -1.14
CA THR A 48 4.31 1.22 -2.53
C THR A 48 3.24 0.51 -3.36
N LEU A 49 2.94 1.06 -4.53
CA LEU A 49 1.93 0.49 -5.41
C LEU A 49 2.58 -0.41 -6.46
N LEU A 50 2.09 -1.65 -6.55
CA LEU A 50 2.62 -2.61 -7.51
C LEU A 50 1.58 -2.95 -8.57
N ASP A 51 2.04 -3.50 -9.69
CA ASP A 51 1.14 -3.88 -10.78
C ASP A 51 0.38 -5.16 -10.44
N GLU A 52 -0.47 -5.59 -11.37
CA GLU A 52 -1.25 -6.81 -11.18
C GLU A 52 -0.35 -8.01 -10.94
N ALA A 53 0.88 -7.92 -11.44
CA ALA A 53 1.85 -9.00 -11.29
C ALA A 53 2.44 -9.01 -9.88
N GLY A 54 2.30 -7.89 -9.18
CA GLY A 54 2.84 -7.80 -7.82
C GLY A 54 4.27 -7.30 -7.80
N GLY A 55 4.70 -6.67 -8.89
CA GLY A 55 6.05 -6.15 -8.97
C GLY A 55 6.21 -4.82 -8.28
N ALA A 56 6.04 -3.73 -9.03
CA ALA A 56 6.16 -2.39 -8.49
C ALA A 56 5.86 -1.34 -9.55
N VAL A 57 5.44 -0.16 -9.10
CA VAL A 57 5.13 0.93 -10.01
C VAL A 57 5.53 2.28 -9.41
N ALA A 58 4.82 2.69 -8.37
CA ALA A 58 5.10 3.96 -7.71
C ALA A 58 5.27 3.78 -6.20
N GLN A 59 6.01 4.68 -5.58
CA GLN A 59 6.25 4.61 -4.15
C GLN A 59 5.92 5.94 -3.47
N GLY A 60 5.21 5.88 -2.35
CA GLY A 60 4.84 7.08 -1.63
C GLY A 60 4.41 6.79 -0.21
N TYR A 61 4.78 7.68 0.71
CA TYR A 61 4.43 7.52 2.12
C TYR A 61 3.07 8.14 2.41
N VAL A 62 2.29 7.48 3.26
CA VAL A 62 0.97 7.96 3.64
C VAL A 62 0.63 7.58 5.07
N PRO A 63 -0.28 8.36 5.69
CA PRO A 63 -0.71 8.12 7.08
C PRO A 63 -1.56 6.86 7.21
N HIS A 64 -1.32 6.11 8.30
CA HIS A 64 -2.06 4.88 8.54
C HIS A 64 -3.55 5.16 8.68
N ASN A 65 -3.89 6.41 8.94
CA ASN A 65 -5.28 6.81 9.11
C ASN A 65 -6.03 6.78 7.77
N TYR A 66 -5.26 6.81 6.69
CA TYR A 66 -5.84 6.79 5.35
C TYR A 66 -5.75 5.39 4.74
N LEU A 67 -4.62 4.74 4.94
CA LEU A 67 -4.40 3.39 4.42
C LEU A 67 -4.77 2.34 5.46
N ALA A 68 -5.39 1.26 5.00
CA ALA A 68 -5.80 0.18 5.89
C ALA A 68 -5.37 -1.17 5.34
N GLU A 69 -5.04 -2.10 6.23
CA GLU A 69 -4.62 -3.44 5.83
C GLU A 69 -5.82 -4.33 5.53
N ARG A 70 -5.88 -4.82 4.30
CA ARG A 70 -6.98 -5.68 3.88
C ARG A 70 -6.50 -7.11 3.65
N GLU A 71 -7.04 -8.05 4.42
CA GLU A 71 -6.67 -9.45 4.30
C GLU A 71 -7.69 -10.22 3.46
N THR A 72 -7.36 -11.48 3.16
CA THR A 72 -8.25 -12.32 2.36
C THR A 72 -8.10 -13.79 2.74
N MET A 1 -11.17 -20.70 9.70
CA MET A 1 -10.77 -20.81 11.10
C MET A 1 -9.30 -20.46 11.27
N VAL A 2 -8.52 -20.70 10.22
CA VAL A 2 -7.09 -20.42 10.26
C VAL A 2 -6.79 -19.01 9.75
N SER A 3 -7.53 -18.59 8.73
CA SER A 3 -7.35 -17.26 8.16
C SER A 3 -7.60 -16.18 9.20
N ARG A 4 -8.57 -16.41 10.07
CA ARG A 4 -8.90 -15.45 11.12
C ARG A 4 -7.81 -15.41 12.18
N ASP A 5 -7.09 -16.51 12.33
CA ASP A 5 -6.02 -16.59 13.31
C ASP A 5 -4.92 -15.57 13.01
N GLN A 6 -4.66 -15.36 11.74
CA GLN A 6 -3.63 -14.40 11.31
C GLN A 6 -4.16 -12.97 11.40
N ALA A 7 -4.29 -12.47 12.62
CA ALA A 7 -4.79 -11.11 12.84
C ALA A 7 -3.66 -10.09 12.68
N HIS A 8 -2.43 -10.54 12.88
CA HIS A 8 -1.27 -9.67 12.76
C HIS A 8 -0.64 -9.77 11.37
N LEU A 9 -1.45 -10.14 10.40
CA LEU A 9 -0.98 -10.29 9.02
C LEU A 9 -1.63 -9.26 8.10
N GLY A 10 -1.15 -9.18 6.86
CA GLY A 10 -1.71 -8.25 5.91
C GLY A 10 -0.73 -7.90 4.80
N PRO A 11 -0.56 -8.83 3.85
CA PRO A 11 0.35 -8.65 2.72
C PRO A 11 -0.16 -7.59 1.74
N LYS A 12 -1.43 -7.26 1.83
CA LYS A 12 -2.04 -6.27 0.95
C LYS A 12 -2.71 -5.15 1.77
N TYR A 13 -2.49 -3.92 1.35
CA TYR A 13 -3.07 -2.76 2.04
C TYR A 13 -4.06 -2.03 1.14
N VAL A 14 -5.19 -1.64 1.72
CA VAL A 14 -6.23 -0.93 0.97
C VAL A 14 -6.72 0.28 1.75
N GLY A 15 -6.91 1.39 1.04
CA GLY A 15 -7.39 2.61 1.69
C GLY A 15 -6.85 3.86 1.02
N LEU A 16 -6.90 3.90 -0.31
CA LEU A 16 -6.42 5.05 -1.07
C LEU A 16 -7.47 5.54 -2.06
N TRP A 17 -8.49 6.21 -1.55
CA TRP A 17 -9.57 6.72 -2.39
C TRP A 17 -9.00 7.44 -3.61
N ASP A 18 -9.84 7.63 -4.62
CA ASP A 18 -9.42 8.31 -5.84
C ASP A 18 -8.69 9.62 -5.53
N PHE A 19 -7.36 9.57 -5.61
CA PHE A 19 -6.55 10.74 -5.32
C PHE A 19 -5.27 10.73 -6.16
N LYS A 20 -5.10 11.76 -6.99
CA LYS A 20 -3.92 11.86 -7.84
C LYS A 20 -3.15 13.15 -7.54
N SER A 21 -2.04 13.00 -6.80
CA SER A 21 -1.21 14.14 -6.44
C SER A 21 -0.06 14.31 -7.43
N ARG A 22 0.74 15.34 -7.22
CA ARG A 22 1.89 15.62 -8.09
C ARG A 22 3.19 15.61 -7.30
N THR A 23 3.19 14.88 -6.19
CA THR A 23 4.38 14.79 -5.34
C THR A 23 4.54 13.38 -4.76
N ASP A 24 5.76 13.05 -4.34
CA ASP A 24 6.05 11.75 -3.78
C ASP A 24 5.34 11.57 -2.44
N GLU A 25 5.11 12.68 -1.75
CA GLU A 25 4.45 12.66 -0.45
C GLU A 25 3.07 12.00 -0.56
N GLU A 26 2.51 12.00 -1.76
CA GLU A 26 1.20 11.41 -1.99
C GLU A 26 1.26 10.38 -3.11
N LEU A 27 0.29 9.46 -3.12
CA LEU A 27 0.24 8.41 -4.14
C LEU A 27 -0.72 8.80 -5.25
N SER A 28 -0.44 8.33 -6.46
CA SER A 28 -1.27 8.62 -7.62
C SER A 28 -2.00 7.38 -8.09
N PHE A 29 -3.05 7.00 -7.38
CA PHE A 29 -3.84 5.82 -7.73
C PHE A 29 -5.22 5.88 -7.09
N ARG A 30 -6.13 5.05 -7.60
CA ARG A 30 -7.50 5.01 -7.08
C ARG A 30 -7.64 3.92 -6.02
N ALA A 31 -8.76 3.94 -5.30
CA ALA A 31 -9.03 2.96 -4.26
C ALA A 31 -9.25 1.57 -4.85
N GLY A 32 -9.25 0.56 -4.00
CA GLY A 32 -9.46 -0.80 -4.46
C GLY A 32 -8.17 -1.48 -4.87
N ASP A 33 -7.10 -0.69 -4.97
CA ASP A 33 -5.80 -1.22 -5.36
C ASP A 33 -5.07 -1.80 -4.16
N VAL A 34 -4.17 -2.75 -4.41
CA VAL A 34 -3.41 -3.38 -3.35
C VAL A 34 -1.95 -2.91 -3.36
N PHE A 35 -1.41 -2.67 -2.17
CA PHE A 35 -0.04 -2.21 -2.04
C PHE A 35 0.60 -2.75 -0.75
N HIS A 36 1.93 -2.67 -0.68
CA HIS A 36 2.65 -3.15 0.49
C HIS A 36 3.43 -2.01 1.15
N VAL A 37 3.81 -2.21 2.41
CA VAL A 37 4.56 -1.20 3.15
C VAL A 37 6.06 -1.44 3.04
N ALA A 38 6.78 -0.46 2.51
CA ALA A 38 8.22 -0.56 2.36
C ALA A 38 8.93 -0.36 3.69
N ARG A 39 8.32 0.42 4.58
CA ARG A 39 8.90 0.70 5.88
C ARG A 39 7.81 1.14 6.87
N LYS A 40 7.88 0.60 8.08
CA LYS A 40 6.90 0.94 9.12
C LYS A 40 7.55 1.80 10.21
N GLU A 41 7.18 3.07 10.24
CA GLU A 41 7.72 4.00 11.23
C GLU A 41 6.64 4.39 12.25
N GLU A 42 7.09 4.94 13.38
CA GLU A 42 6.16 5.36 14.43
C GLU A 42 5.39 6.60 14.01
N GLN A 43 5.98 7.38 13.10
CA GLN A 43 5.34 8.60 12.61
C GLN A 43 4.54 8.33 11.35
N TRP A 44 5.24 8.11 10.25
CA TRP A 44 4.59 7.84 8.97
C TRP A 44 5.01 6.47 8.42
N TRP A 45 4.10 5.82 7.69
CA TRP A 45 4.39 4.52 7.11
C TRP A 45 4.63 4.63 5.61
N TRP A 46 5.69 3.99 5.14
CA TRP A 46 6.03 4.01 3.72
C TRP A 46 5.22 2.99 2.94
N ALA A 47 4.47 3.46 1.95
CA ALA A 47 3.64 2.58 1.13
C ALA A 47 4.01 2.70 -0.34
N THR A 48 4.04 1.57 -1.04
CA THR A 48 4.37 1.56 -2.46
C THR A 48 3.25 0.96 -3.29
N LEU A 49 2.83 1.67 -4.32
CA LEU A 49 1.75 1.20 -5.19
C LEU A 49 2.27 0.19 -6.20
N LEU A 50 1.73 -1.01 -6.17
CA LEU A 50 2.13 -2.07 -7.08
C LEU A 50 0.97 -2.50 -7.97
N ASP A 51 1.29 -3.18 -9.07
CA ASP A 51 0.28 -3.65 -10.01
C ASP A 51 -0.50 -4.81 -9.42
N GLU A 52 -1.45 -5.34 -10.19
CA GLU A 52 -2.27 -6.46 -9.74
C GLU A 52 -1.40 -7.66 -9.39
N ALA A 53 -0.30 -7.83 -10.11
CA ALA A 53 0.61 -8.94 -9.87
C ALA A 53 1.49 -8.68 -8.65
N GLY A 54 1.35 -7.50 -8.07
CA GLY A 54 2.13 -7.15 -6.90
C GLY A 54 3.54 -6.71 -7.25
N GLY A 55 3.71 -6.15 -8.45
CA GLY A 55 5.02 -5.71 -8.88
C GLY A 55 5.40 -4.36 -8.30
N ALA A 56 5.14 -3.30 -9.06
CA ALA A 56 5.47 -1.95 -8.61
C ALA A 56 5.05 -0.92 -9.65
N VAL A 57 4.68 0.28 -9.17
CA VAL A 57 4.27 1.35 -10.06
C VAL A 57 4.71 2.70 -9.52
N ALA A 58 4.10 3.12 -8.42
CA ALA A 58 4.43 4.41 -7.80
C ALA A 58 4.85 4.22 -6.36
N GLN A 59 5.51 5.23 -5.79
CA GLN A 59 5.96 5.18 -4.42
C GLN A 59 5.61 6.46 -3.67
N GLY A 60 5.22 6.32 -2.40
CA GLY A 60 4.86 7.49 -1.61
C GLY A 60 4.74 7.15 -0.13
N TYR A 61 4.35 8.14 0.66
CA TYR A 61 4.20 7.96 2.10
C TYR A 61 2.86 8.50 2.59
N VAL A 62 2.21 7.75 3.48
CA VAL A 62 0.93 8.15 4.02
C VAL A 62 0.71 7.57 5.42
N PRO A 63 -0.15 8.23 6.20
CA PRO A 63 -0.46 7.80 7.57
C PRO A 63 -1.26 6.51 7.60
N HIS A 64 -1.12 5.75 8.68
CA HIS A 64 -1.83 4.48 8.84
C HIS A 64 -3.34 4.70 8.76
N ASN A 65 -3.78 5.89 9.15
CA ASN A 65 -5.20 6.22 9.13
C ASN A 65 -5.72 6.29 7.69
N TYR A 66 -4.80 6.47 6.75
CA TYR A 66 -5.16 6.56 5.34
C TYR A 66 -5.40 5.17 4.74
N LEU A 67 -4.35 4.35 4.75
CA LEU A 67 -4.44 2.99 4.22
C LEU A 67 -4.58 1.98 5.34
N ALA A 68 -5.42 0.96 5.11
CA ALA A 68 -5.64 -0.09 6.10
C ALA A 68 -5.48 -1.48 5.48
N GLU A 69 -4.81 -2.36 6.20
CA GLU A 69 -4.58 -3.73 5.72
C GLU A 69 -5.91 -4.41 5.38
N ARG A 70 -5.98 -4.98 4.18
CA ARG A 70 -7.18 -5.67 3.74
C ARG A 70 -6.86 -7.07 3.23
N GLU A 71 -6.58 -7.98 4.14
CA GLU A 71 -6.26 -9.36 3.77
C GLU A 71 -7.30 -9.94 2.84
N THR A 72 -6.96 -11.03 2.16
CA THR A 72 -7.86 -11.68 1.23
C THR A 72 -9.20 -12.01 1.89
N MET A 1 1.12 -23.75 -8.44
CA MET A 1 0.67 -24.35 -7.18
C MET A 1 1.63 -24.02 -6.04
N VAL A 2 2.13 -22.79 -6.04
CA VAL A 2 3.07 -22.35 -5.00
C VAL A 2 3.34 -20.86 -5.11
N SER A 3 3.22 -20.15 -4.00
CA SER A 3 3.46 -18.71 -3.97
C SER A 3 4.94 -18.41 -3.76
N ARG A 4 5.57 -17.82 -4.77
CA ARG A 4 6.98 -17.48 -4.69
C ARG A 4 7.19 -16.19 -3.90
N ASP A 5 6.30 -15.22 -4.11
CA ASP A 5 6.40 -13.94 -3.42
C ASP A 5 5.29 -13.82 -2.38
N GLN A 6 5.52 -12.95 -1.38
CA GLN A 6 4.55 -12.74 -0.32
C GLN A 6 4.21 -14.06 0.39
N ALA A 7 5.25 -14.84 0.68
CA ALA A 7 5.07 -16.12 1.36
C ALA A 7 4.93 -15.93 2.87
N HIS A 8 5.73 -15.03 3.42
CA HIS A 8 5.70 -14.75 4.85
C HIS A 8 5.28 -13.31 5.11
N LEU A 9 5.54 -12.43 4.15
CA LEU A 9 5.18 -11.02 4.28
C LEU A 9 3.71 -10.86 4.64
N GLY A 10 3.34 -9.67 5.09
CA GLY A 10 1.96 -9.41 5.46
C GLY A 10 1.07 -9.18 4.25
N PRO A 11 -0.24 -9.02 4.50
CA PRO A 11 -1.23 -8.80 3.44
C PRO A 11 -1.09 -7.43 2.78
N LYS A 12 -2.00 -7.11 1.88
CA LYS A 12 -1.98 -5.83 1.19
C LYS A 12 -2.74 -4.77 1.98
N TYR A 13 -2.56 -3.50 1.59
CA TYR A 13 -3.23 -2.40 2.28
C TYR A 13 -4.20 -1.69 1.32
N VAL A 14 -5.39 -1.41 1.82
CA VAL A 14 -6.42 -0.74 1.03
C VAL A 14 -7.21 0.24 1.88
N GLY A 15 -7.44 1.44 1.34
CA GLY A 15 -8.18 2.45 2.06
C GLY A 15 -7.45 3.78 2.15
N LEU A 16 -6.83 4.18 1.04
CA LEU A 16 -6.09 5.43 1.00
C LEU A 16 -6.94 6.56 0.43
N TRP A 17 -7.16 6.52 -0.89
CA TRP A 17 -7.97 7.54 -1.56
C TRP A 17 -8.05 7.26 -3.05
N ASP A 18 -8.82 8.09 -3.76
CA ASP A 18 -8.99 7.93 -5.20
C ASP A 18 -8.56 9.20 -5.93
N PHE A 19 -7.26 9.45 -5.95
CA PHE A 19 -6.72 10.63 -6.63
C PHE A 19 -5.33 10.34 -7.20
N LYS A 20 -5.07 10.86 -8.39
CA LYS A 20 -3.79 10.67 -9.06
C LYS A 20 -2.92 11.91 -8.92
N SER A 21 -1.97 11.88 -7.99
CA SER A 21 -1.08 13.00 -7.78
C SER A 21 0.20 12.84 -8.61
N ARG A 22 1.04 13.88 -8.58
CA ARG A 22 2.29 13.86 -9.33
C ARG A 22 3.49 13.92 -8.38
N THR A 23 3.24 14.36 -7.15
CA THR A 23 4.31 14.46 -6.16
C THR A 23 4.51 13.14 -5.42
N ASP A 24 5.68 12.98 -4.82
CA ASP A 24 5.99 11.76 -4.08
C ASP A 24 5.18 11.67 -2.80
N GLU A 25 4.93 12.82 -2.18
CA GLU A 25 4.17 12.87 -0.94
C GLU A 25 2.84 12.12 -1.08
N GLU A 26 2.31 12.10 -2.30
CA GLU A 26 1.05 11.41 -2.57
C GLU A 26 1.24 10.32 -3.61
N LEU A 27 0.35 9.33 -3.61
CA LEU A 27 0.41 8.22 -4.55
C LEU A 27 -0.51 8.47 -5.74
N SER A 28 -0.02 8.14 -6.94
CA SER A 28 -0.80 8.33 -8.16
C SER A 28 -1.60 7.07 -8.48
N PHE A 29 -2.70 6.88 -7.76
CA PHE A 29 -3.55 5.71 -7.96
C PHE A 29 -4.95 5.95 -7.40
N ARG A 30 -5.91 5.11 -7.81
CA ARG A 30 -7.28 5.23 -7.34
C ARG A 30 -7.54 4.31 -6.16
N ALA A 31 -8.59 4.60 -5.40
CA ALA A 31 -8.94 3.78 -4.24
C ALA A 31 -9.38 2.38 -4.67
N GLY A 32 -9.13 1.41 -3.81
CA GLY A 32 -9.50 0.04 -4.11
C GLY A 32 -8.31 -0.81 -4.51
N ASP A 33 -7.24 -0.16 -4.97
CA ASP A 33 -6.04 -0.86 -5.38
C ASP A 33 -5.27 -1.38 -4.17
N VAL A 34 -4.49 -2.44 -4.38
CA VAL A 34 -3.71 -3.03 -3.31
C VAL A 34 -2.27 -2.52 -3.32
N PHE A 35 -1.71 -2.32 -2.14
CA PHE A 35 -0.34 -1.83 -2.03
C PHE A 35 0.32 -2.36 -0.74
N HIS A 36 1.64 -2.49 -0.79
CA HIS A 36 2.39 -2.98 0.36
C HIS A 36 3.33 -1.91 0.91
N VAL A 37 3.71 -2.04 2.17
CA VAL A 37 4.60 -1.09 2.81
C VAL A 37 6.03 -1.61 2.85
N ALA A 38 6.98 -0.75 2.49
CA ALA A 38 8.39 -1.13 2.49
C ALA A 38 9.01 -0.93 3.87
N ARG A 39 8.57 0.11 4.56
CA ARG A 39 9.09 0.41 5.90
C ARG A 39 8.03 1.11 6.74
N LYS A 40 7.88 0.66 7.99
CA LYS A 40 6.91 1.25 8.90
C LYS A 40 7.61 2.00 10.03
N GLU A 41 7.39 3.31 10.09
CA GLU A 41 8.00 4.14 11.11
C GLU A 41 6.96 4.57 12.15
N GLU A 42 7.43 5.14 13.26
CA GLU A 42 6.55 5.61 14.31
C GLU A 42 5.79 6.85 13.88
N GLN A 43 6.37 7.60 12.96
CA GLN A 43 5.74 8.83 12.45
C GLN A 43 4.85 8.53 11.25
N TRP A 44 5.48 8.25 10.12
CA TRP A 44 4.74 7.96 8.89
C TRP A 44 5.13 6.58 8.34
N TRP A 45 4.23 5.99 7.56
CA TRP A 45 4.48 4.68 6.98
C TRP A 45 4.84 4.80 5.49
N TRP A 46 5.75 3.95 5.04
CA TRP A 46 6.18 3.97 3.65
C TRP A 46 5.40 2.94 2.83
N ALA A 47 4.49 3.42 2.00
CA ALA A 47 3.68 2.53 1.16
C ALA A 47 4.13 2.60 -0.29
N THR A 48 3.95 1.50 -1.01
CA THR A 48 4.34 1.43 -2.41
C THR A 48 3.22 0.85 -3.27
N LEU A 49 2.79 1.62 -4.27
CA LEU A 49 1.72 1.19 -5.17
C LEU A 49 2.25 0.22 -6.21
N LEU A 50 1.79 -1.02 -6.15
CA LEU A 50 2.21 -2.04 -7.11
C LEU A 50 1.04 -2.46 -8.00
N ASP A 51 1.37 -2.89 -9.22
CA ASP A 51 0.36 -3.31 -10.18
C ASP A 51 -0.24 -4.65 -9.76
N GLU A 52 -1.22 -5.13 -10.54
CA GLU A 52 -1.87 -6.39 -10.25
C GLU A 52 -0.86 -7.53 -10.19
N ALA A 53 0.22 -7.39 -10.93
CA ALA A 53 1.27 -8.40 -10.97
C ALA A 53 2.14 -8.32 -9.72
N GLY A 54 2.09 -7.19 -9.03
CA GLY A 54 2.89 -7.01 -7.83
C GLY A 54 4.06 -6.09 -8.05
N GLY A 55 4.36 -5.79 -9.30
CA GLY A 55 5.47 -4.91 -9.62
C GLY A 55 5.25 -3.49 -9.14
N ALA A 56 6.23 -2.96 -8.43
CA ALA A 56 6.13 -1.60 -7.91
C ALA A 56 5.84 -0.59 -9.02
N VAL A 57 5.24 0.53 -8.66
CA VAL A 57 4.92 1.57 -9.63
C VAL A 57 5.05 2.96 -9.02
N ALA A 58 4.14 3.28 -8.11
CA ALA A 58 4.15 4.58 -7.44
C ALA A 58 4.65 4.46 -6.00
N GLN A 59 5.19 5.55 -5.48
CA GLN A 59 5.72 5.56 -4.12
C GLN A 59 5.24 6.80 -3.37
N GLY A 60 5.04 6.65 -2.06
CA GLY A 60 4.59 7.77 -1.25
C GLY A 60 4.48 7.41 0.23
N TYR A 61 4.11 8.39 1.04
CA TYR A 61 3.98 8.18 2.48
C TYR A 61 2.58 8.54 2.95
N VAL A 62 1.95 7.63 3.69
CA VAL A 62 0.61 7.87 4.22
C VAL A 62 0.43 7.22 5.59
N PRO A 63 -0.46 7.79 6.41
CA PRO A 63 -0.74 7.28 7.75
C PRO A 63 -1.48 5.96 7.73
N HIS A 64 -1.29 5.15 8.77
CA HIS A 64 -1.94 3.85 8.87
C HIS A 64 -3.34 3.98 9.47
N ASN A 65 -3.57 5.08 10.19
CA ASN A 65 -4.86 5.32 10.80
C ASN A 65 -5.94 5.56 9.75
N TYR A 66 -5.50 5.91 8.54
CA TYR A 66 -6.43 6.17 7.44
C TYR A 66 -6.48 4.98 6.49
N LEU A 67 -5.44 4.16 6.52
CA LEU A 67 -5.36 2.99 5.65
C LEU A 67 -5.91 1.76 6.36
N ALA A 68 -6.64 0.93 5.61
CA ALA A 68 -7.23 -0.29 6.18
C ALA A 68 -6.53 -1.53 5.62
N GLU A 69 -6.44 -2.57 6.45
CA GLU A 69 -5.81 -3.82 6.04
C GLU A 69 -6.82 -4.77 5.42
N ARG A 70 -6.54 -5.22 4.20
CA ARG A 70 -7.42 -6.13 3.49
C ARG A 70 -6.88 -7.56 3.54
N GLU A 71 -6.94 -8.17 4.72
CA GLU A 71 -6.46 -9.53 4.91
C GLU A 71 -7.17 -10.49 3.96
N THR A 72 -6.42 -11.46 3.44
CA THR A 72 -6.98 -12.44 2.52
C THR A 72 -7.76 -13.50 3.26
N MET A 1 5.66 -16.85 -14.53
CA MET A 1 5.28 -15.94 -13.46
C MET A 1 4.98 -16.71 -12.17
N VAL A 2 5.90 -17.57 -11.77
CA VAL A 2 5.74 -18.37 -10.56
C VAL A 2 7.02 -18.37 -9.73
N SER A 3 6.94 -17.80 -8.53
CA SER A 3 8.09 -17.74 -7.63
C SER A 3 8.12 -18.94 -6.70
N ARG A 4 9.26 -19.61 -6.65
CA ARG A 4 9.42 -20.78 -5.79
C ARG A 4 9.46 -20.37 -4.32
N ASP A 5 10.12 -19.26 -4.04
CA ASP A 5 10.24 -18.77 -2.67
C ASP A 5 8.87 -18.32 -2.13
N GLN A 6 8.78 -18.18 -0.81
CA GLN A 6 7.54 -17.77 -0.19
C GLN A 6 6.99 -16.49 -0.83
N ALA A 7 5.96 -16.65 -1.66
CA ALA A 7 5.35 -15.51 -2.34
C ALA A 7 4.34 -14.81 -1.44
N HIS A 8 3.76 -15.56 -0.51
CA HIS A 8 2.78 -15.00 0.42
C HIS A 8 3.41 -14.73 1.78
N LEU A 9 3.70 -13.46 2.05
CA LEU A 9 4.31 -13.07 3.31
C LEU A 9 3.29 -12.43 4.24
N GLY A 10 2.28 -11.79 3.65
CA GLY A 10 1.25 -11.14 4.44
C GLY A 10 0.11 -10.61 3.59
N PRO A 11 -0.97 -10.16 4.24
CA PRO A 11 -2.13 -9.61 3.55
C PRO A 11 -1.85 -8.25 2.92
N LYS A 12 -2.65 -7.89 1.92
CA LYS A 12 -2.48 -6.61 1.24
C LYS A 12 -3.09 -5.48 2.06
N TYR A 13 -2.75 -4.25 1.69
CA TYR A 13 -3.27 -3.07 2.38
C TYR A 13 -3.93 -2.10 1.40
N VAL A 14 -5.10 -1.60 1.79
CA VAL A 14 -5.84 -0.66 0.95
C VAL A 14 -6.49 0.43 1.79
N GLY A 15 -6.76 1.57 1.16
CA GLY A 15 -7.39 2.68 1.87
C GLY A 15 -7.13 4.02 1.19
N LEU A 16 -7.22 4.04 -0.13
CA LEU A 16 -6.98 5.26 -0.89
C LEU A 16 -8.25 5.68 -1.63
N TRP A 17 -9.28 6.02 -0.87
CA TRP A 17 -10.55 6.46 -1.45
C TRP A 17 -10.35 7.67 -2.36
N ASP A 18 -10.17 7.41 -3.66
CA ASP A 18 -9.97 8.48 -4.63
C ASP A 18 -8.92 9.47 -4.14
N PHE A 19 -7.65 9.17 -4.41
CA PHE A 19 -6.55 10.03 -4.00
C PHE A 19 -5.55 10.22 -5.13
N LYS A 20 -5.37 11.46 -5.56
CA LYS A 20 -4.44 11.77 -6.64
C LYS A 20 -3.57 12.98 -6.28
N SER A 21 -2.34 12.72 -5.86
CA SER A 21 -1.43 13.78 -5.48
C SER A 21 -0.35 13.98 -6.55
N ARG A 22 0.42 15.05 -6.42
CA ARG A 22 1.48 15.35 -7.38
C ARG A 22 2.83 15.46 -6.66
N THR A 23 3.00 14.69 -5.60
CA THR A 23 4.24 14.71 -4.84
C THR A 23 4.66 13.30 -4.45
N ASP A 24 5.96 13.10 -4.30
CA ASP A 24 6.51 11.80 -3.94
C ASP A 24 6.08 11.41 -2.52
N GLU A 25 5.67 12.40 -1.74
CA GLU A 25 5.24 12.16 -0.37
C GLU A 25 3.81 11.63 -0.34
N GLU A 26 3.20 11.50 -1.50
CA GLU A 26 1.83 11.00 -1.61
C GLU A 26 1.68 10.08 -2.82
N LEU A 27 0.67 9.23 -2.78
CA LEU A 27 0.41 8.29 -3.87
C LEU A 27 -0.59 8.88 -4.86
N SER A 28 -0.55 8.40 -6.10
CA SER A 28 -1.45 8.87 -7.14
C SER A 28 -2.20 7.72 -7.79
N PHE A 29 -3.26 7.26 -7.13
CA PHE A 29 -4.06 6.15 -7.64
C PHE A 29 -5.45 6.14 -7.00
N ARG A 30 -6.37 5.39 -7.60
CA ARG A 30 -7.73 5.31 -7.09
C ARG A 30 -7.88 4.11 -6.16
N ALA A 31 -8.77 4.24 -5.18
CA ALA A 31 -9.01 3.17 -4.23
C ALA A 31 -9.29 1.84 -4.93
N GLY A 32 -9.18 0.75 -4.18
CA GLY A 32 -9.42 -0.57 -4.76
C GLY A 32 -8.14 -1.28 -5.12
N ASP A 33 -7.09 -0.51 -5.38
CA ASP A 33 -5.80 -1.07 -5.73
C ASP A 33 -5.05 -1.59 -4.50
N VAL A 34 -4.20 -2.58 -4.69
CA VAL A 34 -3.43 -3.15 -3.60
C VAL A 34 -2.09 -2.46 -3.44
N PHE A 35 -1.69 -2.22 -2.20
CA PHE A 35 -0.43 -1.54 -1.90
C PHE A 35 0.35 -2.30 -0.83
N HIS A 36 1.67 -2.24 -0.92
CA HIS A 36 2.53 -2.92 0.04
C HIS A 36 3.41 -1.93 0.79
N VAL A 37 3.54 -2.10 2.10
CA VAL A 37 4.35 -1.21 2.91
C VAL A 37 5.80 -1.69 2.97
N ALA A 38 6.73 -0.77 2.74
CA ALA A 38 8.15 -1.10 2.77
C ALA A 38 8.79 -0.67 4.09
N ARG A 39 8.28 0.42 4.65
CA ARG A 39 8.80 0.94 5.91
C ARG A 39 7.72 1.67 6.69
N LYS A 40 7.48 1.24 7.92
CA LYS A 40 6.46 1.86 8.76
C LYS A 40 7.11 2.69 9.86
N GLU A 41 6.91 4.01 9.79
CA GLU A 41 7.48 4.92 10.78
C GLU A 41 6.51 5.12 11.95
N GLU A 42 6.98 5.84 12.97
CA GLU A 42 6.15 6.11 14.14
C GLU A 42 5.06 7.13 13.83
N GLN A 43 5.20 7.80 12.69
CA GLN A 43 4.23 8.80 12.27
C GLN A 43 3.58 8.42 10.94
N TRP A 44 4.33 8.54 9.86
CA TRP A 44 3.82 8.21 8.53
C TRP A 44 4.36 6.85 8.08
N TRP A 45 3.65 6.23 7.15
CA TRP A 45 4.05 4.92 6.62
C TRP A 45 4.46 5.03 5.16
N TRP A 46 5.34 4.13 4.73
CA TRP A 46 5.82 4.12 3.35
C TRP A 46 5.04 3.12 2.52
N ALA A 47 4.33 3.61 1.51
CA ALA A 47 3.54 2.75 0.64
C ALA A 47 4.18 2.64 -0.75
N THR A 48 3.98 1.50 -1.39
CA THR A 48 4.54 1.26 -2.72
C THR A 48 3.47 0.82 -3.70
N LEU A 49 3.37 1.53 -4.83
CA LEU A 49 2.38 1.20 -5.84
C LEU A 49 2.85 0.03 -6.71
N LEU A 50 2.12 -1.07 -6.66
CA LEU A 50 2.45 -2.25 -7.44
C LEU A 50 1.39 -2.52 -8.50
N ASP A 51 1.78 -3.26 -9.54
CA ASP A 51 0.86 -3.59 -10.61
C ASP A 51 -0.13 -4.67 -10.17
N GLU A 52 -1.04 -5.04 -11.08
CA GLU A 52 -2.03 -6.05 -10.78
C GLU A 52 -1.38 -7.37 -10.37
N ALA A 53 -0.21 -7.64 -10.94
CA ALA A 53 0.53 -8.86 -10.65
C ALA A 53 1.28 -8.75 -9.32
N GLY A 54 1.46 -7.51 -8.85
CA GLY A 54 2.15 -7.29 -7.60
C GLY A 54 3.51 -6.66 -7.79
N GLY A 55 3.95 -6.58 -9.04
CA GLY A 55 5.25 -5.98 -9.33
C GLY A 55 5.30 -4.51 -9.01
N ALA A 56 6.23 -4.13 -8.14
CA ALA A 56 6.38 -2.73 -7.75
C ALA A 56 6.48 -1.82 -8.97
N VAL A 57 6.04 -0.58 -8.81
CA VAL A 57 6.07 0.39 -9.91
C VAL A 57 6.37 1.79 -9.38
N ALA A 58 5.43 2.35 -8.63
CA ALA A 58 5.59 3.69 -8.08
C ALA A 58 5.87 3.63 -6.58
N GLN A 59 6.39 4.72 -6.03
CA GLN A 59 6.71 4.79 -4.60
C GLN A 59 6.20 6.09 -4.00
N GLY A 60 5.60 5.99 -2.82
CA GLY A 60 5.08 7.15 -2.14
C GLY A 60 4.93 6.96 -0.65
N TYR A 61 4.46 7.99 0.04
CA TYR A 61 4.29 7.92 1.49
C TYR A 61 2.84 8.19 1.87
N VAL A 62 2.35 7.43 2.85
CA VAL A 62 0.97 7.58 3.31
C VAL A 62 0.83 7.14 4.77
N PRO A 63 0.09 7.94 5.56
CA PRO A 63 -0.13 7.65 6.98
C PRO A 63 -1.05 6.44 7.18
N HIS A 64 -0.86 5.76 8.31
CA HIS A 64 -1.67 4.57 8.63
C HIS A 64 -3.14 4.95 8.78
N ASN A 65 -3.39 6.23 9.00
CA ASN A 65 -4.77 6.71 9.16
C ASN A 65 -5.51 6.72 7.82
N TYR A 66 -4.75 6.71 6.74
CA TYR A 66 -5.33 6.71 5.40
C TYR A 66 -5.51 5.28 4.88
N LEU A 67 -4.44 4.49 4.96
CA LEU A 67 -4.48 3.10 4.50
C LEU A 67 -4.85 2.17 5.64
N ALA A 68 -5.60 1.11 5.33
CA ALA A 68 -6.01 0.14 6.32
C ALA A 68 -5.77 -1.29 5.82
N GLU A 69 -5.39 -2.17 6.74
CA GLU A 69 -5.13 -3.55 6.40
C GLU A 69 -6.39 -4.24 5.88
N ARG A 70 -6.20 -5.27 5.07
CA ARG A 70 -7.32 -6.01 4.50
C ARG A 70 -7.20 -7.51 4.79
N GLU A 71 -6.53 -7.83 5.88
CA GLU A 71 -6.34 -9.23 6.27
C GLU A 71 -7.67 -9.97 6.33
N THR A 72 -7.60 -11.29 6.40
CA THR A 72 -8.81 -12.11 6.46
C THR A 72 -8.53 -13.46 7.12
N MET A 1 -6.22 -21.97 -4.03
CA MET A 1 -5.88 -20.61 -3.64
C MET A 1 -6.35 -20.33 -2.21
N VAL A 2 -6.21 -21.32 -1.34
CA VAL A 2 -6.61 -21.17 0.06
C VAL A 2 -5.41 -21.17 0.98
N SER A 3 -5.63 -20.81 2.24
CA SER A 3 -4.56 -20.77 3.22
C SER A 3 -4.80 -21.79 4.33
N ARG A 4 -3.82 -22.67 4.54
CA ARG A 4 -3.92 -23.70 5.56
C ARG A 4 -3.65 -23.11 6.94
N ASP A 5 -2.49 -22.47 7.09
CA ASP A 5 -2.10 -21.87 8.37
C ASP A 5 -1.63 -20.43 8.16
N GLN A 6 -1.70 -19.64 9.23
CA GLN A 6 -1.27 -18.24 9.16
C GLN A 6 -0.10 -17.98 10.10
N ALA A 7 1.07 -18.48 9.73
CA ALA A 7 2.27 -18.31 10.54
C ALA A 7 2.59 -16.83 10.73
N HIS A 8 2.57 -16.07 9.64
CA HIS A 8 2.85 -14.65 9.68
C HIS A 8 1.57 -13.82 9.50
N LEU A 9 1.59 -12.60 10.02
CA LEU A 9 0.43 -11.72 9.92
C LEU A 9 0.81 -10.40 9.24
N GLY A 10 0.77 -10.40 7.92
CA GLY A 10 1.11 -9.20 7.17
C GLY A 10 0.56 -9.22 5.76
N PRO A 11 -0.78 -9.17 5.64
CA PRO A 11 -1.45 -9.19 4.33
C PRO A 11 -1.25 -7.89 3.55
N LYS A 12 -1.97 -7.74 2.45
CA LYS A 12 -1.87 -6.55 1.63
C LYS A 12 -2.64 -5.39 2.24
N TYR A 13 -2.39 -4.18 1.73
CA TYR A 13 -3.05 -2.99 2.23
C TYR A 13 -3.94 -2.37 1.15
N VAL A 14 -5.09 -1.86 1.56
CA VAL A 14 -6.03 -1.24 0.64
C VAL A 14 -6.70 -0.02 1.26
N GLY A 15 -6.86 1.04 0.47
CA GLY A 15 -7.47 2.26 0.95
C GLY A 15 -7.15 3.46 0.08
N LEU A 16 -7.04 4.62 0.71
CA LEU A 16 -6.74 5.85 0.00
C LEU A 16 -7.75 6.09 -1.13
N TRP A 17 -8.83 6.79 -0.80
CA TRP A 17 -9.87 7.08 -1.79
C TRP A 17 -9.26 7.68 -3.05
N ASP A 18 -10.09 7.80 -4.09
CA ASP A 18 -9.63 8.37 -5.36
C ASP A 18 -8.85 9.66 -5.13
N PHE A 19 -7.53 9.57 -5.22
CA PHE A 19 -6.67 10.73 -5.02
C PHE A 19 -5.41 10.62 -5.88
N LYS A 20 -5.12 11.68 -6.64
CA LYS A 20 -3.95 11.70 -7.49
C LYS A 20 -3.05 12.88 -7.15
N SER A 21 -1.97 12.62 -6.40
CA SER A 21 -1.04 13.66 -6.00
C SER A 21 0.16 13.71 -6.94
N ARG A 22 0.77 14.88 -7.06
CA ARG A 22 1.92 15.06 -7.92
C ARG A 22 3.20 15.16 -7.11
N THR A 23 3.30 14.35 -6.06
CA THR A 23 4.48 14.34 -5.19
C THR A 23 4.74 12.95 -4.65
N ASP A 24 6.01 12.66 -4.37
CA ASP A 24 6.41 11.36 -3.84
C ASP A 24 5.87 11.16 -2.44
N GLU A 25 5.51 12.25 -1.79
CA GLU A 25 4.97 12.19 -0.43
C GLU A 25 3.54 11.63 -0.43
N GLU A 26 2.98 11.47 -1.62
CA GLU A 26 1.63 10.94 -1.76
C GLU A 26 1.54 9.99 -2.95
N LEU A 27 0.55 9.11 -2.92
CA LEU A 27 0.34 8.15 -4.00
C LEU A 27 -0.75 8.62 -4.95
N SER A 28 -0.70 8.10 -6.18
CA SER A 28 -1.69 8.48 -7.20
C SER A 28 -2.44 7.25 -7.70
N PHE A 29 -3.50 6.88 -6.99
CA PHE A 29 -4.30 5.72 -7.36
C PHE A 29 -5.67 5.77 -6.71
N ARG A 30 -6.60 4.97 -7.23
CA ARG A 30 -7.96 4.94 -6.69
C ARG A 30 -8.11 3.83 -5.64
N ALA A 31 -8.98 4.05 -4.67
CA ALA A 31 -9.20 3.08 -3.61
C ALA A 31 -9.42 1.69 -4.18
N GLY A 32 -9.29 0.68 -3.33
CA GLY A 32 -9.47 -0.70 -3.77
C GLY A 32 -8.17 -1.35 -4.20
N ASP A 33 -7.18 -0.52 -4.55
CA ASP A 33 -5.89 -1.02 -4.99
C ASP A 33 -5.13 -1.66 -3.82
N VAL A 34 -4.34 -2.68 -4.12
CA VAL A 34 -3.57 -3.37 -3.10
C VAL A 34 -2.10 -2.94 -3.13
N PHE A 35 -1.53 -2.77 -1.96
CA PHE A 35 -0.13 -2.35 -1.83
C PHE A 35 0.52 -2.95 -0.59
N HIS A 36 1.84 -2.90 -0.54
CA HIS A 36 2.58 -3.43 0.60
C HIS A 36 3.33 -2.33 1.33
N VAL A 37 3.64 -2.56 2.60
CA VAL A 37 4.35 -1.58 3.41
C VAL A 37 5.86 -1.77 3.30
N ALA A 38 6.55 -0.73 2.87
CA ALA A 38 8.00 -0.78 2.73
C ALA A 38 8.70 -0.52 4.06
N ARG A 39 8.22 0.49 4.79
CA ARG A 39 8.81 0.83 6.08
C ARG A 39 7.73 1.39 7.02
N LYS A 40 7.76 0.94 8.26
CA LYS A 40 6.80 1.40 9.27
C LYS A 40 7.47 2.28 10.30
N GLU A 41 7.17 3.57 10.27
CA GLU A 41 7.75 4.53 11.20
C GLU A 41 6.69 5.04 12.18
N GLU A 42 7.14 5.65 13.26
CA GLU A 42 6.23 6.18 14.28
C GLU A 42 5.52 7.43 13.76
N GLN A 43 6.15 8.12 12.81
CA GLN A 43 5.59 9.33 12.24
C GLN A 43 4.69 9.00 11.06
N TRP A 44 5.31 8.49 9.99
CA TRP A 44 4.57 8.14 8.78
C TRP A 44 4.98 6.76 8.27
N TRP A 45 4.10 6.12 7.53
CA TRP A 45 4.38 4.80 6.97
C TRP A 45 4.63 4.87 5.48
N TRP A 46 5.45 3.95 4.97
CA TRP A 46 5.77 3.92 3.55
C TRP A 46 4.91 2.89 2.82
N ALA A 47 4.32 3.31 1.70
CA ALA A 47 3.48 2.42 0.91
C ALA A 47 3.87 2.46 -0.57
N THR A 48 3.77 1.32 -1.23
CA THR A 48 4.12 1.22 -2.64
C THR A 48 3.03 0.49 -3.42
N LEU A 49 2.59 1.09 -4.52
CA LEU A 49 1.57 0.49 -5.36
C LEU A 49 2.18 -0.29 -6.52
N LEU A 50 1.77 -1.55 -6.68
CA LEU A 50 2.28 -2.39 -7.75
C LEU A 50 1.19 -2.68 -8.78
N ASP A 51 1.61 -3.11 -9.96
CA ASP A 51 0.68 -3.42 -11.03
C ASP A 51 0.00 -4.77 -10.80
N GLU A 52 -0.88 -5.15 -11.71
CA GLU A 52 -1.60 -6.42 -11.60
C GLU A 52 -0.62 -7.59 -11.53
N ALA A 53 0.57 -7.38 -12.09
CA ALA A 53 1.60 -8.41 -12.10
C ALA A 53 2.27 -8.55 -10.73
N GLY A 54 2.12 -7.51 -9.90
CA GLY A 54 2.72 -7.52 -8.58
C GLY A 54 4.12 -6.96 -8.57
N GLY A 55 4.46 -6.21 -9.62
CA GLY A 55 5.79 -5.63 -9.71
C GLY A 55 5.92 -4.35 -8.90
N ALA A 56 5.67 -3.23 -9.54
CA ALA A 56 5.76 -1.93 -8.87
C ALA A 56 5.38 -0.80 -9.82
N VAL A 57 4.91 0.31 -9.25
CA VAL A 57 4.51 1.46 -10.05
C VAL A 57 5.03 2.76 -9.43
N ALA A 58 4.46 3.13 -8.28
CA ALA A 58 4.87 4.35 -7.59
C ALA A 58 5.09 4.09 -6.11
N GLN A 59 5.87 4.95 -5.46
CA GLN A 59 6.16 4.81 -4.04
C GLN A 59 5.83 6.10 -3.29
N GLY A 60 5.13 5.97 -2.17
CA GLY A 60 4.77 7.13 -1.38
C GLY A 60 4.43 6.77 0.05
N TYR A 61 4.63 7.72 0.96
CA TYR A 61 4.35 7.50 2.37
C TYR A 61 3.10 8.24 2.81
N VAL A 62 2.27 7.58 3.61
CA VAL A 62 1.03 8.19 4.09
C VAL A 62 0.64 7.62 5.46
N PRO A 63 -0.15 8.40 6.21
CA PRO A 63 -0.60 8.00 7.55
C PRO A 63 -1.62 6.85 7.49
N HIS A 64 -1.65 6.05 8.56
CA HIS A 64 -2.57 4.92 8.63
C HIS A 64 -4.01 5.38 8.44
N ASN A 65 -4.28 6.65 8.76
CA ASN A 65 -5.62 7.21 8.62
C ASN A 65 -6.06 7.21 7.16
N TYR A 66 -5.09 7.11 6.26
CA TYR A 66 -5.39 7.09 4.83
C TYR A 66 -5.81 5.70 4.37
N LEU A 67 -5.04 4.70 4.77
CA LEU A 67 -5.34 3.31 4.41
C LEU A 67 -4.95 2.36 5.52
N ALA A 68 -5.51 1.15 5.50
CA ALA A 68 -5.23 0.14 6.50
C ALA A 68 -5.33 -1.26 5.93
N GLU A 69 -4.50 -2.18 6.45
CA GLU A 69 -4.51 -3.55 5.98
C GLU A 69 -5.90 -4.17 6.10
N ARG A 70 -6.38 -4.78 5.01
CA ARG A 70 -7.68 -5.41 5.00
C ARG A 70 -7.57 -6.92 4.91
N GLU A 71 -7.45 -7.57 6.06
CA GLU A 71 -7.32 -9.03 6.11
C GLU A 71 -8.49 -9.70 5.39
N THR A 72 -8.29 -10.95 4.98
CA THR A 72 -9.33 -11.70 4.29
C THR A 72 -10.01 -12.70 5.22
N MET A 1 10.54 -18.54 -9.63
CA MET A 1 9.50 -17.53 -9.52
C MET A 1 8.37 -17.99 -8.61
N VAL A 2 8.73 -18.66 -7.52
CA VAL A 2 7.75 -19.15 -6.56
C VAL A 2 7.35 -18.07 -5.57
N SER A 3 8.25 -17.12 -5.32
CA SER A 3 7.99 -16.03 -4.40
C SER A 3 7.80 -14.72 -5.14
N ARG A 4 6.62 -14.13 -5.01
CA ARG A 4 6.30 -12.87 -5.67
C ARG A 4 7.07 -11.72 -5.03
N ASP A 5 7.15 -11.74 -3.71
CA ASP A 5 7.85 -10.69 -2.98
C ASP A 5 8.26 -11.18 -1.59
N GLN A 6 9.56 -11.41 -1.41
CA GLN A 6 10.08 -11.88 -0.13
C GLN A 6 10.47 -10.72 0.77
N ALA A 7 10.79 -9.58 0.15
CA ALA A 7 11.18 -8.39 0.89
C ALA A 7 10.04 -7.88 1.75
N HIS A 8 8.81 -8.15 1.31
CA HIS A 8 7.63 -7.71 2.05
C HIS A 8 6.66 -8.87 2.27
N LEU A 9 6.42 -9.21 3.53
CA LEU A 9 5.53 -10.31 3.88
C LEU A 9 4.22 -9.77 4.44
N GLY A 10 3.14 -9.91 3.66
CA GLY A 10 1.84 -9.44 4.09
C GLY A 10 0.88 -9.23 2.94
N PRO A 11 -0.42 -9.10 3.26
CA PRO A 11 -1.46 -8.90 2.25
C PRO A 11 -1.38 -7.51 1.61
N LYS A 12 -2.39 -7.17 0.82
CA LYS A 12 -2.44 -5.88 0.16
C LYS A 12 -2.92 -4.79 1.11
N TYR A 13 -2.74 -3.54 0.70
CA TYR A 13 -3.15 -2.40 1.53
C TYR A 13 -4.03 -1.45 0.73
N VAL A 14 -5.12 -0.99 1.36
CA VAL A 14 -6.04 -0.08 0.72
C VAL A 14 -6.56 0.97 1.71
N GLY A 15 -7.06 2.08 1.18
CA GLY A 15 -7.57 3.14 2.03
C GLY A 15 -7.49 4.50 1.37
N LEU A 16 -6.90 4.55 0.19
CA LEU A 16 -6.76 5.81 -0.55
C LEU A 16 -8.03 6.14 -1.33
N TRP A 17 -9.17 6.06 -0.65
CA TRP A 17 -10.45 6.34 -1.28
C TRP A 17 -10.44 7.71 -1.95
N ASP A 18 -10.43 7.71 -3.28
CA ASP A 18 -10.42 8.96 -4.04
C ASP A 18 -9.32 9.90 -3.53
N PHE A 19 -8.08 9.60 -3.92
CA PHE A 19 -6.94 10.42 -3.50
C PHE A 19 -5.91 10.51 -4.61
N LYS A 20 -5.65 11.74 -5.06
CA LYS A 20 -4.68 11.97 -6.13
C LYS A 20 -3.75 13.12 -5.77
N SER A 21 -2.52 12.77 -5.38
CA SER A 21 -1.53 13.78 -5.00
C SER A 21 -0.70 14.21 -6.22
N ARG A 22 0.27 15.08 -5.97
CA ARG A 22 1.13 15.57 -7.05
C ARG A 22 2.60 15.50 -6.64
N THR A 23 2.89 14.67 -5.65
CA THR A 23 4.25 14.50 -5.17
C THR A 23 4.51 13.07 -4.70
N ASP A 24 5.77 12.68 -4.68
CA ASP A 24 6.15 11.34 -4.24
C ASP A 24 5.71 11.09 -2.80
N GLU A 25 5.47 12.18 -2.07
CA GLU A 25 5.05 12.07 -0.67
C GLU A 25 3.71 11.34 -0.56
N GLU A 26 2.99 11.25 -1.67
CA GLU A 26 1.70 10.59 -1.70
C GLU A 26 1.47 9.90 -3.03
N LEU A 27 0.58 8.91 -3.04
CA LEU A 27 0.27 8.16 -4.25
C LEU A 27 -0.90 8.80 -4.99
N SER A 28 -0.98 8.54 -6.29
CA SER A 28 -2.06 9.10 -7.11
C SER A 28 -2.90 7.97 -7.72
N PHE A 29 -3.89 7.51 -6.97
CA PHE A 29 -4.77 6.45 -7.44
C PHE A 29 -6.13 6.51 -6.74
N ARG A 30 -7.11 5.82 -7.32
CA ARG A 30 -8.45 5.81 -6.76
C ARG A 30 -8.65 4.61 -5.84
N ALA A 31 -9.75 4.61 -5.09
CA ALA A 31 -10.05 3.53 -4.17
C ALA A 31 -9.94 2.18 -4.86
N GLY A 32 -9.71 1.13 -4.07
CA GLY A 32 -9.60 -0.21 -4.63
C GLY A 32 -8.16 -0.57 -4.94
N ASP A 33 -7.33 0.43 -5.18
CA ASP A 33 -5.92 0.20 -5.50
C ASP A 33 -5.19 -0.41 -4.31
N VAL A 34 -4.40 -1.44 -4.57
CA VAL A 34 -3.64 -2.11 -3.52
C VAL A 34 -2.18 -1.68 -3.54
N PHE A 35 -1.53 -1.78 -2.38
CA PHE A 35 -0.13 -1.39 -2.26
C PHE A 35 0.59 -2.28 -1.25
N HIS A 36 1.92 -2.24 -1.27
CA HIS A 36 2.73 -3.04 -0.36
C HIS A 36 3.60 -2.14 0.52
N VAL A 37 3.60 -2.42 1.82
CA VAL A 37 4.40 -1.65 2.77
C VAL A 37 5.84 -2.11 2.78
N ALA A 38 6.76 -1.18 2.55
CA ALA A 38 8.18 -1.49 2.54
C ALA A 38 8.85 -1.05 3.83
N ARG A 39 8.27 -0.03 4.48
CA ARG A 39 8.82 0.48 5.73
C ARG A 39 7.70 1.05 6.61
N LYS A 40 7.59 0.54 7.82
CA LYS A 40 6.57 0.99 8.76
C LYS A 40 7.19 1.82 9.87
N GLU A 41 6.80 3.09 9.96
CA GLU A 41 7.32 3.99 10.98
C GLU A 41 6.24 4.34 12.01
N GLU A 42 6.64 5.03 13.05
CA GLU A 42 5.71 5.43 14.10
C GLU A 42 4.78 6.55 13.63
N GLN A 43 5.14 7.16 12.50
CA GLN A 43 4.35 8.24 11.93
C GLN A 43 3.63 7.79 10.67
N TRP A 44 4.38 7.66 9.58
CA TRP A 44 3.82 7.23 8.31
C TRP A 44 4.63 6.08 7.71
N TRP A 45 3.99 5.33 6.82
CA TRP A 45 4.65 4.19 6.19
C TRP A 45 4.79 4.41 4.68
N TRP A 46 5.82 3.80 4.09
CA TRP A 46 6.06 3.93 2.66
C TRP A 46 5.31 2.86 1.87
N ALA A 47 4.29 3.29 1.12
CA ALA A 47 3.49 2.37 0.32
C ALA A 47 3.95 2.37 -1.14
N THR A 48 3.97 1.18 -1.74
CA THR A 48 4.40 1.04 -3.13
C THR A 48 3.40 0.20 -3.92
N LEU A 49 2.83 0.80 -4.97
CA LEU A 49 1.86 0.11 -5.81
C LEU A 49 2.56 -0.82 -6.81
N LEU A 50 2.35 -2.12 -6.65
CA LEU A 50 2.96 -3.11 -7.53
C LEU A 50 1.93 -3.68 -8.51
N ASP A 51 2.42 -4.16 -9.65
CA ASP A 51 1.55 -4.73 -10.67
C ASP A 51 1.05 -6.12 -10.24
N GLU A 52 0.24 -6.74 -11.10
CA GLU A 52 -0.29 -8.06 -10.81
C GLU A 52 0.82 -9.07 -10.58
N ALA A 53 2.00 -8.77 -11.12
CA ALA A 53 3.16 -9.64 -10.98
C ALA A 53 3.77 -9.51 -9.59
N GLY A 54 3.46 -8.42 -8.90
CA GLY A 54 3.99 -8.19 -7.57
C GLY A 54 5.32 -7.48 -7.59
N GLY A 55 5.64 -6.86 -8.72
CA GLY A 55 6.90 -6.14 -8.86
C GLY A 55 6.87 -4.78 -8.18
N ALA A 56 6.62 -3.74 -8.97
CA ALA A 56 6.56 -2.38 -8.46
C ALA A 56 6.22 -1.39 -9.56
N VAL A 57 5.58 -0.29 -9.17
CA VAL A 57 5.20 0.74 -10.13
C VAL A 57 5.47 2.14 -9.58
N ALA A 58 4.71 2.53 -8.57
CA ALA A 58 4.87 3.84 -7.94
C ALA A 58 5.22 3.70 -6.47
N GLN A 59 5.79 4.76 -5.90
CA GLN A 59 6.17 4.76 -4.49
C GLN A 59 5.72 6.05 -3.81
N GLY A 60 5.03 5.89 -2.67
CA GLY A 60 4.55 7.04 -1.94
C GLY A 60 4.02 6.68 -0.57
N TYR A 61 4.55 7.31 0.46
CA TYR A 61 4.12 7.05 1.83
C TYR A 61 2.73 7.61 2.09
N VAL A 62 2.03 7.01 3.04
CA VAL A 62 0.68 7.46 3.39
C VAL A 62 0.48 7.48 4.90
N PRO A 63 -0.35 8.42 5.38
CA PRO A 63 -0.64 8.57 6.80
C PRO A 63 -1.48 7.41 7.35
N HIS A 64 -1.34 7.15 8.64
CA HIS A 64 -2.10 6.08 9.28
C HIS A 64 -3.56 6.45 9.44
N ASN A 65 -3.87 7.71 9.16
CA ASN A 65 -5.24 8.20 9.28
C ASN A 65 -6.00 8.03 7.96
N TYR A 66 -5.34 7.41 7.00
CA TYR A 66 -5.94 7.18 5.69
C TYR A 66 -5.76 5.73 5.24
N LEU A 67 -4.58 5.17 5.53
CA LEU A 67 -4.28 3.80 5.17
C LEU A 67 -4.64 2.84 6.31
N ALA A 68 -5.17 1.68 5.94
CA ALA A 68 -5.55 0.67 6.93
C ALA A 68 -5.41 -0.73 6.37
N GLU A 69 -4.77 -1.62 7.13
CA GLU A 69 -4.57 -2.99 6.71
C GLU A 69 -5.91 -3.68 6.43
N ARG A 70 -5.97 -4.42 5.33
CA ARG A 70 -7.19 -5.13 4.95
C ARG A 70 -7.08 -6.61 5.29
N GLU A 71 -6.47 -6.92 6.43
CA GLU A 71 -6.29 -8.29 6.87
C GLU A 71 -7.64 -9.03 6.84
N THR A 72 -7.57 -10.35 6.67
CA THR A 72 -8.77 -11.18 6.63
C THR A 72 -9.54 -11.08 7.94
N MET A 1 -7.17 -26.97 -0.10
CA MET A 1 -6.88 -27.64 -1.37
C MET A 1 -6.41 -26.63 -2.42
N VAL A 2 -5.52 -27.07 -3.30
CA VAL A 2 -4.99 -26.20 -4.35
C VAL A 2 -4.74 -24.80 -3.83
N SER A 3 -4.25 -24.71 -2.59
CA SER A 3 -3.97 -23.41 -1.97
C SER A 3 -2.98 -22.61 -2.81
N ARG A 4 -3.50 -21.67 -3.59
CA ARG A 4 -2.67 -20.84 -4.45
C ARG A 4 -2.01 -19.73 -3.65
N ASP A 5 -2.65 -19.34 -2.55
CA ASP A 5 -2.13 -18.28 -1.68
C ASP A 5 -0.67 -18.57 -1.30
N GLN A 6 0.10 -17.51 -1.15
CA GLN A 6 1.52 -17.64 -0.78
C GLN A 6 1.68 -18.51 0.46
N ALA A 7 2.89 -19.01 0.68
CA ALA A 7 3.17 -19.85 1.83
C ALA A 7 3.43 -19.01 3.08
N HIS A 8 4.30 -18.02 2.95
CA HIS A 8 4.62 -17.14 4.07
C HIS A 8 4.66 -15.67 3.62
N LEU A 9 3.78 -14.87 4.19
CA LEU A 9 3.71 -13.45 3.84
C LEU A 9 2.71 -12.73 4.74
N GLY A 10 2.83 -11.41 4.80
CA GLY A 10 1.93 -10.61 5.62
C GLY A 10 0.79 -10.02 4.82
N PRO A 11 -0.25 -9.56 5.53
CA PRO A 11 -1.43 -8.96 4.88
C PRO A 11 -1.13 -7.59 4.27
N LYS A 12 -1.79 -7.29 3.17
CA LYS A 12 -1.60 -6.02 2.47
C LYS A 12 -2.55 -4.95 3.02
N TYR A 13 -2.30 -3.71 2.66
CA TYR A 13 -3.13 -2.59 3.10
C TYR A 13 -3.84 -1.93 1.92
N VAL A 14 -5.10 -1.58 2.13
CA VAL A 14 -5.90 -0.94 1.09
C VAL A 14 -6.52 0.36 1.58
N GLY A 15 -6.72 1.30 0.66
CA GLY A 15 -7.31 2.58 1.03
C GLY A 15 -7.30 3.57 -0.12
N LEU A 16 -6.75 4.75 0.13
CA LEU A 16 -6.68 5.79 -0.89
C LEU A 16 -8.05 6.02 -1.53
N TRP A 17 -8.94 6.68 -0.78
CA TRP A 17 -10.28 6.97 -1.28
C TRP A 17 -10.24 8.00 -2.40
N ASP A 18 -9.98 7.53 -3.62
CA ASP A 18 -9.92 8.40 -4.78
C ASP A 18 -9.00 9.59 -4.52
N PHE A 19 -7.70 9.37 -4.68
CA PHE A 19 -6.71 10.42 -4.46
C PHE A 19 -5.57 10.32 -5.47
N LYS A 20 -5.33 11.42 -6.18
CA LYS A 20 -4.27 11.46 -7.18
C LYS A 20 -3.35 12.65 -6.95
N SER A 21 -2.19 12.39 -6.36
CA SER A 21 -1.22 13.44 -6.08
C SER A 21 -0.24 13.59 -7.23
N ARG A 22 0.72 14.51 -7.07
CA ARG A 22 1.71 14.76 -8.10
C ARG A 22 3.12 14.71 -7.51
N THR A 23 3.26 14.05 -6.37
CA THR A 23 4.55 13.93 -5.71
C THR A 23 4.69 12.58 -5.01
N ASP A 24 5.93 12.16 -4.79
CA ASP A 24 6.21 10.89 -4.14
C ASP A 24 5.57 10.84 -2.76
N GLU A 25 5.30 12.01 -2.19
CA GLU A 25 4.70 12.10 -0.86
C GLU A 25 3.37 11.36 -0.82
N GLU A 26 2.76 11.19 -1.99
CA GLU A 26 1.48 10.50 -2.08
C GLU A 26 1.41 9.66 -3.35
N LEU A 27 0.53 8.66 -3.34
CA LEU A 27 0.36 7.78 -4.50
C LEU A 27 -0.71 8.31 -5.43
N SER A 28 -0.53 8.07 -6.72
CA SER A 28 -1.48 8.53 -7.73
C SER A 28 -2.34 7.37 -8.24
N PHE A 29 -3.35 7.00 -7.46
CA PHE A 29 -4.23 5.90 -7.82
C PHE A 29 -5.55 5.99 -7.06
N ARG A 30 -6.56 5.27 -7.54
CA ARG A 30 -7.87 5.27 -6.89
C ARG A 30 -7.99 4.11 -5.91
N ALA A 31 -8.94 4.21 -4.99
CA ALA A 31 -9.16 3.18 -3.99
C ALA A 31 -9.43 1.83 -4.64
N GLY A 32 -9.45 0.78 -3.83
CA GLY A 32 -9.69 -0.55 -4.34
C GLY A 32 -8.41 -1.29 -4.67
N ASP A 33 -7.35 -0.54 -4.93
CA ASP A 33 -6.06 -1.13 -5.25
C ASP A 33 -5.35 -1.61 -3.99
N VAL A 34 -4.64 -2.73 -4.10
CA VAL A 34 -3.91 -3.29 -2.96
C VAL A 34 -2.49 -2.76 -2.92
N PHE A 35 -2.02 -2.47 -1.70
CA PHE A 35 -0.67 -1.95 -1.51
C PHE A 35 0.01 -2.62 -0.33
N HIS A 36 1.34 -2.50 -0.26
CA HIS A 36 2.10 -3.11 0.82
C HIS A 36 3.17 -2.13 1.33
N VAL A 37 3.30 -2.05 2.66
CA VAL A 37 4.28 -1.17 3.27
C VAL A 37 5.64 -1.83 3.37
N ALA A 38 6.66 -1.14 2.86
CA ALA A 38 8.02 -1.66 2.89
C ALA A 38 8.74 -1.26 4.18
N ARG A 39 8.48 -0.05 4.64
CA ARG A 39 9.10 0.45 5.86
C ARG A 39 8.12 1.30 6.67
N LYS A 40 7.89 0.91 7.92
CA LYS A 40 6.98 1.64 8.79
C LYS A 40 7.75 2.50 9.79
N GLU A 41 7.44 3.78 9.81
CA GLU A 41 8.10 4.71 10.72
C GLU A 41 7.23 5.00 11.94
N GLU A 42 7.83 5.56 12.98
CA GLU A 42 7.11 5.89 14.20
C GLU A 42 5.97 6.86 13.92
N GLN A 43 6.09 7.61 12.83
CA GLN A 43 5.07 8.58 12.45
C GLN A 43 4.20 8.03 11.33
N TRP A 44 4.75 8.01 10.12
CA TRP A 44 4.02 7.50 8.96
C TRP A 44 4.72 6.30 8.34
N TRP A 45 3.95 5.49 7.62
CA TRP A 45 4.51 4.29 6.99
C TRP A 45 4.68 4.50 5.49
N TRP A 46 5.73 3.92 4.94
CA TRP A 46 6.01 4.04 3.50
C TRP A 46 5.31 2.95 2.71
N ALA A 47 4.34 3.36 1.89
CA ALA A 47 3.58 2.41 1.08
C ALA A 47 4.09 2.40 -0.37
N THR A 48 3.89 1.28 -1.04
CA THR A 48 4.32 1.14 -2.43
C THR A 48 3.20 0.60 -3.31
N LEU A 49 2.94 1.29 -4.42
CA LEU A 49 1.89 0.89 -5.35
C LEU A 49 2.46 -0.03 -6.44
N LEU A 50 1.90 -1.23 -6.53
CA LEU A 50 2.33 -2.19 -7.53
C LEU A 50 1.28 -2.37 -8.61
N ASP A 51 1.73 -2.60 -9.85
CA ASP A 51 0.83 -2.79 -10.97
C ASP A 51 0.14 -4.15 -10.89
N GLU A 52 -0.72 -4.44 -11.85
CA GLU A 52 -1.45 -5.70 -11.89
C GLU A 52 -0.49 -6.88 -11.90
N ALA A 53 0.72 -6.64 -12.39
CA ALA A 53 1.74 -7.68 -12.45
C ALA A 53 2.49 -7.81 -11.14
N GLY A 54 2.40 -6.77 -10.31
CA GLY A 54 3.07 -6.78 -9.03
C GLY A 54 4.55 -6.50 -9.15
N GLY A 55 4.92 -5.75 -10.19
CA GLY A 55 6.32 -5.42 -10.39
C GLY A 55 6.71 -4.09 -9.77
N ALA A 56 5.83 -3.55 -8.94
CA ALA A 56 6.07 -2.28 -8.28
C ALA A 56 6.12 -1.14 -9.28
N VAL A 57 5.32 -0.10 -9.04
CA VAL A 57 5.26 1.06 -9.92
C VAL A 57 5.93 2.26 -9.28
N ALA A 58 5.32 2.79 -8.22
CA ALA A 58 5.86 3.94 -7.52
C ALA A 58 5.88 3.71 -6.01
N GLN A 59 6.43 4.67 -5.28
CA GLN A 59 6.52 4.56 -3.82
C GLN A 59 6.05 5.85 -3.15
N GLY A 60 5.15 5.73 -2.19
CA GLY A 60 4.64 6.89 -1.48
C GLY A 60 4.14 6.55 -0.10
N TYR A 61 4.41 7.44 0.85
CA TYR A 61 3.99 7.22 2.23
C TYR A 61 2.56 7.73 2.45
N VAL A 62 1.86 7.12 3.40
CA VAL A 62 0.49 7.49 3.71
C VAL A 62 0.15 7.18 5.15
N PRO A 63 -0.53 8.12 5.82
CA PRO A 63 -0.95 7.97 7.22
C PRO A 63 -2.04 6.92 7.39
N HIS A 64 -2.07 6.29 8.56
CA HIS A 64 -3.07 5.27 8.86
C HIS A 64 -4.48 5.86 8.80
N ASN A 65 -4.57 7.18 8.89
CA ASN A 65 -5.85 7.86 8.85
C ASN A 65 -6.53 7.67 7.48
N TYR A 66 -5.74 7.27 6.50
CA TYR A 66 -6.26 7.05 5.16
C TYR A 66 -6.19 5.57 4.78
N LEU A 67 -5.06 4.95 5.06
CA LEU A 67 -4.86 3.54 4.75
C LEU A 67 -5.24 2.66 5.94
N ALA A 68 -5.62 1.42 5.65
CA ALA A 68 -6.00 0.48 6.71
C ALA A 68 -5.60 -0.95 6.34
N GLU A 69 -5.23 -1.73 7.35
CA GLU A 69 -4.82 -3.12 7.13
C GLU A 69 -5.98 -3.94 6.56
N ARG A 70 -5.64 -4.94 5.76
CA ARG A 70 -6.65 -5.80 5.15
C ARG A 70 -6.32 -7.27 5.40
N GLU A 71 -6.42 -7.69 6.66
CA GLU A 71 -6.14 -9.08 7.02
C GLU A 71 -7.02 -10.04 6.25
N THR A 72 -6.47 -11.20 5.89
CA THR A 72 -7.21 -12.20 5.15
C THR A 72 -7.55 -13.41 6.03
#